data_7V0H
#
_entry.id   7V0H
#
_cell.length_a   84.720
_cell.length_b   116.660
_cell.length_c   180.620
_cell.angle_alpha   90.000
_cell.angle_beta   90.000
_cell.angle_gamma   90.000
#
_symmetry.space_group_name_H-M   'P 21 21 21'
#
loop_
_entity.id
_entity.type
_entity.pdbx_description
1 polymer 'Putative glucose 1-dehydrogenase'
2 non-polymer 'NADP NICOTINAMIDE-ADENINE-DINUCLEOTIDE PHOSPHATE'
3 non-polymer GLYCEROL
4 non-polymer 'CALCIUM ION'
5 non-polymer '(2R)-2-(hydroxymethyl)pentanedioic acid'
6 non-polymer 'SODIUM ION'
7 water water
#
_entity_poly.entity_id   1
_entity_poly.type   'polypeptide(L)'
_entity_poly.pdbx_seq_one_letter_code
;MAHHHHHHMSKLAGKVAIVTGASKGIGAAIAKALADEGAAVVVNYASSKAGADAVVSAITEAGGRAVAVGGDVSKAADAQ
RIVDTAIETYGRLDVLVNNSGVYEFAPIEAITEEHYRRQFDTNVFGVLLTTQAAVKHLGEGASIINISSVVTSITPPASA
VYSGTKGAVDAITGVLALELGPRKIRVNAINPGMIVTEGTHSAGIIGSDLEAQVLGQTPLGRLGEPNDIASVAVFLASDD
ARWMTGEHLVVSGGLN
;
_entity_poly.pdbx_strand_id   A,B,C,D,E,F,G,H
#
# COMPACT_ATOMS: atom_id res chain seq x y z
N SER A 10 -36.24 2.69 -22.96
CA SER A 10 -35.97 1.26 -22.91
C SER A 10 -34.51 1.00 -22.58
N LYS A 11 -34.27 0.07 -21.66
CA LYS A 11 -32.93 -0.11 -21.12
C LYS A 11 -31.96 -0.65 -22.15
N LEU A 12 -32.44 -1.29 -23.22
CA LEU A 12 -31.56 -1.90 -24.20
C LEU A 12 -31.84 -1.39 -25.61
N ALA A 13 -32.39 -0.18 -25.71
CA ALA A 13 -32.70 0.42 -27.01
C ALA A 13 -31.48 0.41 -27.90
N GLY A 14 -31.66 -0.06 -29.13
CA GLY A 14 -30.59 -0.07 -30.12
C GLY A 14 -29.58 -1.18 -29.96
N LYS A 15 -29.69 -2.02 -28.93
CA LYS A 15 -28.71 -3.07 -28.69
CA LYS A 15 -28.72 -3.07 -28.67
C LYS A 15 -29.14 -4.37 -29.35
N VAL A 16 -28.18 -5.27 -29.51
CA VAL A 16 -28.39 -6.59 -30.11
C VAL A 16 -27.92 -7.67 -29.16
N ALA A 17 -28.76 -8.67 -28.93
CA ALA A 17 -28.42 -9.77 -28.02
C ALA A 17 -28.52 -11.10 -28.74
N ILE A 18 -27.66 -12.03 -28.34
CA ILE A 18 -27.79 -13.44 -28.68
C ILE A 18 -28.18 -14.18 -27.42
N VAL A 19 -29.21 -15.01 -27.50
CA VAL A 19 -29.53 -15.95 -26.42
C VAL A 19 -29.39 -17.36 -26.98
N THR A 20 -28.44 -18.11 -26.47
CA THR A 20 -28.32 -19.48 -26.93
C THR A 20 -29.39 -20.33 -26.23
N GLY A 21 -29.97 -21.28 -26.97
CA GLY A 21 -30.98 -22.13 -26.37
C GLY A 21 -32.21 -21.36 -25.91
N ALA A 22 -32.78 -20.59 -26.83
CA ALA A 22 -33.91 -19.72 -26.53
C ALA A 22 -35.22 -20.28 -27.08
N SER A 23 -35.25 -21.55 -27.47
CA SER A 23 -36.49 -22.17 -27.95
C SER A 23 -37.35 -22.74 -26.81
N LYS A 24 -36.81 -22.78 -25.59
CA LYS A 24 -37.49 -23.35 -24.43
C LYS A 24 -37.08 -22.58 -23.18
N GLY A 25 -37.91 -22.70 -22.15
CA GLY A 25 -37.46 -22.53 -20.76
C GLY A 25 -36.89 -21.17 -20.47
N ILE A 26 -35.78 -21.17 -19.73
CA ILE A 26 -35.16 -19.92 -19.26
C ILE A 26 -34.73 -19.07 -20.44
N GLY A 27 -34.12 -19.69 -21.45
CA GLY A 27 -33.63 -18.94 -22.59
C GLY A 27 -34.74 -18.23 -23.33
N ALA A 28 -35.87 -18.91 -23.52
CA ALA A 28 -36.99 -18.26 -24.19
C ALA A 28 -37.48 -17.05 -23.40
N ALA A 29 -37.57 -17.19 -22.08
CA ALA A 29 -38.00 -16.06 -21.27
C ALA A 29 -37.00 -14.92 -21.33
N ILE A 30 -35.71 -15.24 -21.32
CA ILE A 30 -34.70 -14.20 -21.39
C ILE A 30 -34.79 -13.45 -22.71
N ALA A 31 -34.94 -14.18 -23.81
CA ALA A 31 -35.06 -13.53 -25.12
C ALA A 31 -36.22 -12.55 -25.15
N LYS A 32 -37.40 -12.98 -24.67
CA LYS A 32 -38.56 -12.11 -24.71
C LYS A 32 -38.35 -10.89 -23.82
N ALA A 33 -37.68 -11.08 -22.68
CA ALA A 33 -37.49 -9.97 -21.74
C ALA A 33 -36.50 -8.94 -22.29
N LEU A 34 -35.41 -9.41 -22.90
CA LEU A 34 -34.48 -8.47 -23.52
C LEU A 34 -35.15 -7.69 -24.63
N ALA A 35 -35.95 -8.37 -25.47
CA ALA A 35 -36.66 -7.68 -26.53
C ALA A 35 -37.65 -6.67 -25.97
N ASP A 36 -38.25 -6.97 -24.82
CA ASP A 36 -39.18 -6.02 -24.22
C ASP A 36 -38.49 -4.74 -23.84
N GLU A 37 -37.19 -4.79 -23.57
CA GLU A 37 -36.41 -3.60 -23.25
C GLU A 37 -35.71 -3.02 -24.46
N GLY A 38 -36.04 -3.49 -25.67
CA GLY A 38 -35.60 -2.83 -26.88
C GLY A 38 -34.52 -3.55 -27.65
N ALA A 39 -34.00 -4.66 -27.13
CA ALA A 39 -32.94 -5.36 -27.82
C ALA A 39 -33.49 -6.16 -29.00
N ALA A 40 -32.75 -6.16 -30.10
CA ALA A 40 -33.01 -7.14 -31.15
C ALA A 40 -32.34 -8.44 -30.75
N VAL A 41 -33.03 -9.57 -30.93
CA VAL A 41 -32.58 -10.80 -30.30
C VAL A 41 -32.39 -11.90 -31.33
N VAL A 42 -31.21 -12.51 -31.31
CA VAL A 42 -30.96 -13.73 -32.06
C VAL A 42 -31.36 -14.89 -31.16
N VAL A 43 -32.36 -15.65 -31.61
CA VAL A 43 -33.01 -16.70 -30.84
C VAL A 43 -32.48 -18.03 -31.37
N ASN A 44 -31.54 -18.64 -30.66
CA ASN A 44 -30.91 -19.89 -31.10
C ASN A 44 -31.70 -21.09 -30.62
N TYR A 45 -31.81 -22.10 -31.47
CA TYR A 45 -32.37 -23.39 -31.11
C TYR A 45 -31.42 -24.46 -31.62
N ALA A 46 -31.52 -25.65 -31.03
CA ALA A 46 -30.78 -26.81 -31.51
C ALA A 46 -31.73 -27.76 -32.26
N SER A 47 -32.70 -28.35 -31.57
CA SER A 47 -33.64 -29.26 -32.19
C SER A 47 -35.02 -28.66 -32.45
N SER A 48 -35.41 -27.58 -31.76
CA SER A 48 -36.80 -27.12 -31.83
C SER A 48 -36.90 -25.80 -32.59
N LYS A 49 -36.95 -25.89 -33.92
CA LYS A 49 -37.28 -24.70 -34.70
C LYS A 49 -38.64 -24.14 -34.31
N ALA A 50 -39.60 -25.02 -34.03
CA ALA A 50 -40.94 -24.54 -33.70
C ALA A 50 -40.91 -23.67 -32.45
N GLY A 51 -40.14 -24.07 -31.44
CA GLY A 51 -40.06 -23.27 -30.23
C GLY A 51 -39.42 -21.91 -30.48
N ALA A 52 -38.32 -21.89 -31.25
CA ALA A 52 -37.66 -20.62 -31.56
C ALA A 52 -38.58 -19.72 -32.39
N ASP A 53 -39.28 -20.29 -33.37
CA ASP A 53 -40.19 -19.48 -34.17
C ASP A 53 -41.31 -18.92 -33.31
N ALA A 54 -41.76 -19.68 -32.32
CA ALA A 54 -42.81 -19.16 -31.45
C ALA A 54 -42.29 -17.98 -30.64
N VAL A 55 -41.04 -18.07 -30.19
CA VAL A 55 -40.44 -16.97 -29.44
C VAL A 55 -40.23 -15.75 -30.34
N VAL A 56 -39.74 -15.96 -31.56
CA VAL A 56 -39.57 -14.84 -32.48
C VAL A 56 -40.91 -14.16 -32.77
N SER A 57 -41.97 -14.96 -32.98
CA SER A 57 -43.28 -14.39 -33.27
C SER A 57 -43.83 -13.60 -32.08
N ALA A 58 -43.60 -14.10 -30.86
CA ALA A 58 -44.03 -13.35 -29.69
C ALA A 58 -43.32 -12.01 -29.63
N ILE A 59 -42.02 -12.00 -29.90
CA ILE A 59 -41.24 -10.77 -29.86
C ILE A 59 -41.73 -9.80 -30.92
N THR A 60 -41.92 -10.29 -32.16
CA THR A 60 -42.25 -9.36 -33.24
C THR A 60 -43.69 -8.88 -33.12
N GLU A 61 -44.61 -9.76 -32.70
CA GLU A 61 -45.98 -9.28 -32.52
C GLU A 61 -46.10 -8.25 -31.40
N ALA A 62 -45.15 -8.24 -30.47
CA ALA A 62 -45.11 -7.22 -29.42
C ALA A 62 -44.33 -5.98 -29.85
N GLY A 63 -43.91 -5.91 -31.11
CA GLY A 63 -43.24 -4.72 -31.64
C GLY A 63 -41.73 -4.80 -31.70
N GLY A 64 -41.14 -5.93 -31.35
CA GLY A 64 -39.70 -6.07 -31.31
C GLY A 64 -39.14 -6.72 -32.57
N ARG A 65 -37.82 -6.90 -32.56
CA ARG A 65 -37.09 -7.55 -33.63
C ARG A 65 -36.41 -8.81 -33.12
N ALA A 66 -36.51 -9.92 -33.86
CA ALA A 66 -35.82 -11.15 -33.49
C ALA A 66 -35.67 -12.00 -34.74
N VAL A 67 -34.71 -12.92 -34.67
CA VAL A 67 -34.47 -13.86 -35.77
C VAL A 67 -34.03 -15.18 -35.16
N ALA A 68 -34.53 -16.28 -35.73
CA ALA A 68 -34.19 -17.62 -35.28
C ALA A 68 -32.95 -18.12 -36.01
N VAL A 69 -32.11 -18.87 -35.31
CA VAL A 69 -30.96 -19.53 -35.94
C VAL A 69 -30.75 -20.90 -35.29
N GLY A 70 -30.66 -21.94 -36.12
CA GLY A 70 -30.42 -23.28 -35.62
C GLY A 70 -28.92 -23.52 -35.55
N GLY A 71 -28.48 -24.06 -34.42
CA GLY A 71 -27.08 -24.38 -34.27
C GLY A 71 -26.76 -25.02 -32.93
N ASP A 72 -25.81 -25.93 -32.96
CA ASP A 72 -25.33 -26.65 -31.78
C ASP A 72 -24.12 -25.89 -31.26
N VAL A 73 -24.23 -25.32 -30.06
CA VAL A 73 -23.13 -24.49 -29.54
C VAL A 73 -21.84 -25.26 -29.34
N SER A 74 -21.90 -26.58 -29.27
CA SER A 74 -20.69 -27.38 -29.09
C SER A 74 -19.96 -27.63 -30.41
N LYS A 75 -20.54 -27.20 -31.52
CA LYS A 75 -19.91 -27.33 -32.83
C LYS A 75 -19.36 -25.98 -33.26
N ALA A 76 -18.04 -25.92 -33.50
CA ALA A 76 -17.36 -24.65 -33.75
C ALA A 76 -18.03 -23.84 -34.88
N ALA A 77 -18.35 -24.50 -36.00
CA ALA A 77 -18.96 -23.77 -37.11
C ALA A 77 -20.32 -23.22 -36.74
N ASP A 78 -21.07 -23.93 -35.90
CA ASP A 78 -22.40 -23.46 -35.52
C ASP A 78 -22.28 -22.27 -34.59
N ALA A 79 -21.38 -22.34 -33.61
CA ALA A 79 -21.18 -21.21 -32.71
C ALA A 79 -20.82 -19.97 -33.50
N GLN A 80 -19.94 -20.12 -34.49
CA GLN A 80 -19.58 -18.99 -35.33
C GLN A 80 -20.79 -18.47 -36.10
N ARG A 81 -21.62 -19.38 -36.62
CA ARG A 81 -22.76 -18.98 -37.44
C ARG A 81 -23.82 -18.26 -36.60
N ILE A 82 -24.01 -18.71 -35.35
CA ILE A 82 -24.90 -18.01 -34.43
C ILE A 82 -24.47 -16.55 -34.27
N VAL A 83 -23.18 -16.33 -34.05
CA VAL A 83 -22.66 -14.97 -33.88
C VAL A 83 -22.78 -14.19 -35.19
N ASP A 84 -22.40 -14.81 -36.31
CA ASP A 84 -22.49 -14.12 -37.60
C ASP A 84 -23.92 -13.71 -37.91
N THR A 85 -24.90 -14.47 -37.42
CA THR A 85 -26.31 -14.11 -37.63
C THR A 85 -26.64 -12.77 -37.01
N ALA A 86 -26.09 -12.50 -35.82
CA ALA A 86 -26.30 -11.19 -35.20
C ALA A 86 -25.71 -10.08 -36.07
N ILE A 87 -24.48 -10.26 -36.52
CA ILE A 87 -23.81 -9.20 -37.27
C ILE A 87 -24.47 -9.00 -38.63
N GLU A 88 -24.76 -10.10 -39.33
CA GLU A 88 -25.38 -9.99 -40.65
C GLU A 88 -26.78 -9.38 -40.56
N THR A 89 -27.54 -9.75 -39.53
CA THR A 89 -28.93 -9.31 -39.49
C THR A 89 -29.05 -7.89 -38.93
N TYR A 90 -28.28 -7.57 -37.90
CA TYR A 90 -28.46 -6.33 -37.16
C TYR A 90 -27.24 -5.44 -37.12
N GLY A 91 -26.08 -5.93 -37.57
CA GLY A 91 -24.91 -5.09 -37.74
C GLY A 91 -24.03 -4.88 -36.53
N ARG A 92 -24.37 -5.48 -35.38
CA ARG A 92 -23.64 -5.26 -34.15
CA ARG A 92 -23.63 -5.26 -34.15
C ARG A 92 -24.01 -6.36 -33.18
N LEU A 93 -23.24 -6.43 -32.08
CA LEU A 93 -23.52 -7.35 -30.98
C LEU A 93 -23.17 -6.66 -29.68
N ASP A 94 -24.10 -6.67 -28.71
CA ASP A 94 -23.89 -6.03 -27.42
C ASP A 94 -23.95 -6.97 -26.24
N VAL A 95 -24.78 -8.01 -26.32
CA VAL A 95 -25.12 -8.86 -25.18
C VAL A 95 -25.07 -10.30 -25.66
N LEU A 96 -24.37 -11.16 -24.94
CA LEU A 96 -24.38 -12.59 -25.22
C LEU A 96 -24.87 -13.30 -23.98
N VAL A 97 -25.95 -14.06 -24.09
CA VAL A 97 -26.42 -14.88 -22.98
C VAL A 97 -26.13 -16.34 -23.32
N ASN A 98 -25.14 -16.93 -22.64
CA ASN A 98 -24.82 -18.36 -22.81
C ASN A 98 -25.75 -19.16 -21.92
N ASN A 99 -26.94 -19.47 -22.46
CA ASN A 99 -27.98 -20.18 -21.74
C ASN A 99 -28.06 -21.67 -22.10
N SER A 100 -27.75 -22.05 -23.34
CA SER A 100 -27.89 -23.44 -23.75
CA SER A 100 -27.91 -23.44 -23.75
C SER A 100 -27.26 -24.39 -22.74
N GLY A 101 -27.98 -25.42 -22.37
CA GLY A 101 -27.40 -26.33 -21.40
C GLY A 101 -28.26 -27.55 -21.23
N VAL A 102 -27.64 -28.66 -20.81
CA VAL A 102 -28.37 -29.89 -20.60
C VAL A 102 -28.00 -30.40 -19.21
N TYR A 103 -28.88 -31.24 -18.65
CA TYR A 103 -28.62 -31.80 -17.34
C TYR A 103 -29.12 -33.23 -17.29
N GLU A 104 -28.30 -34.08 -16.68
CA GLU A 104 -28.68 -35.46 -16.40
C GLU A 104 -27.95 -35.88 -15.14
N PHE A 105 -28.68 -36.43 -14.19
CA PHE A 105 -28.06 -36.93 -12.98
C PHE A 105 -27.64 -38.39 -13.15
N ALA A 106 -26.58 -38.76 -12.44
CA ALA A 106 -26.17 -40.16 -12.31
C ALA A 106 -25.24 -40.26 -11.11
N PRO A 107 -25.44 -41.23 -10.22
CA PRO A 107 -24.44 -41.46 -9.17
C PRO A 107 -23.11 -41.88 -9.77
N ILE A 108 -22.06 -41.76 -8.96
CA ILE A 108 -20.69 -41.95 -9.48
C ILE A 108 -20.54 -43.32 -10.16
N GLU A 109 -21.16 -44.36 -9.60
CA GLU A 109 -21.03 -45.71 -10.16
CA GLU A 109 -20.99 -45.70 -10.18
C GLU A 109 -21.64 -45.83 -11.54
N ALA A 110 -22.56 -44.93 -11.89
CA ALA A 110 -23.35 -45.05 -13.11
C ALA A 110 -22.88 -44.12 -14.21
N ILE A 111 -21.91 -43.25 -13.92
CA ILE A 111 -21.42 -42.31 -14.93
C ILE A 111 -20.82 -43.05 -16.12
N THR A 112 -21.27 -42.70 -17.33
CA THR A 112 -20.71 -43.22 -18.57
C THR A 112 -19.96 -42.11 -19.30
N GLU A 113 -19.11 -42.52 -20.24
CA GLU A 113 -18.37 -41.54 -21.04
C GLU A 113 -19.31 -40.61 -21.79
N GLU A 114 -20.40 -41.14 -22.35
CA GLU A 114 -21.32 -40.28 -23.09
C GLU A 114 -22.04 -39.31 -22.16
N HIS A 115 -22.43 -39.78 -20.98
CA HIS A 115 -23.08 -38.91 -19.98
C HIS A 115 -22.16 -37.75 -19.59
N TYR A 116 -20.86 -38.02 -19.47
CA TYR A 116 -19.89 -36.98 -19.18
C TYR A 116 -19.68 -36.04 -20.37
N ARG A 117 -19.37 -36.61 -21.56
CA ARG A 117 -19.02 -35.75 -22.68
C ARG A 117 -20.20 -34.90 -23.15
N ARG A 118 -21.40 -35.46 -23.20
CA ARG A 118 -22.53 -34.69 -23.73
CA ARG A 118 -22.51 -34.68 -23.74
C ARG A 118 -22.74 -33.42 -22.92
N GLN A 119 -22.65 -33.53 -21.59
CA GLN A 119 -22.90 -32.38 -20.75
C GLN A 119 -21.74 -31.41 -20.77
N PHE A 120 -20.50 -31.90 -20.73
CA PHE A 120 -19.37 -30.97 -20.75
C PHE A 120 -19.24 -30.30 -22.12
N ASP A 121 -19.49 -31.04 -23.20
CA ASP A 121 -19.36 -30.44 -24.53
C ASP A 121 -20.36 -29.29 -24.71
N THR A 122 -21.61 -29.49 -24.27
CA THR A 122 -22.60 -28.42 -24.44
C THR A 122 -22.40 -27.31 -23.41
N ASN A 123 -22.31 -27.69 -22.15
CA ASN A 123 -22.40 -26.72 -21.05
C ASN A 123 -21.11 -25.96 -20.84
N VAL A 124 -19.96 -26.51 -21.25
CA VAL A 124 -18.68 -25.83 -21.07
C VAL A 124 -18.07 -25.46 -22.41
N PHE A 125 -17.83 -26.44 -23.28
CA PHE A 125 -17.19 -26.09 -24.54
C PHE A 125 -18.09 -25.17 -25.36
N GLY A 126 -19.41 -25.37 -25.29
CA GLY A 126 -20.30 -24.48 -26.02
C GLY A 126 -20.24 -23.04 -25.52
N VAL A 127 -20.06 -22.85 -24.21
CA VAL A 127 -19.86 -21.50 -23.67
C VAL A 127 -18.58 -20.89 -24.23
N LEU A 128 -17.50 -21.67 -24.21
CA LEU A 128 -16.23 -21.15 -24.71
C LEU A 128 -16.30 -20.85 -26.21
N LEU A 129 -16.88 -21.75 -27.01
CA LEU A 129 -16.90 -21.51 -28.46
C LEU A 129 -17.75 -20.30 -28.82
N THR A 130 -18.92 -20.17 -28.19
CA THR A 130 -19.79 -19.06 -28.56
C THR A 130 -19.19 -17.74 -28.09
N THR A 131 -18.61 -17.73 -26.88
CA THR A 131 -17.95 -16.52 -26.40
C THR A 131 -16.76 -16.15 -27.27
N GLN A 132 -15.96 -17.16 -27.65
CA GLN A 132 -14.81 -16.91 -28.51
C GLN A 132 -15.21 -16.26 -29.82
N ALA A 133 -16.31 -16.73 -30.42
CA ALA A 133 -16.78 -16.12 -31.65
C ALA A 133 -17.33 -14.72 -31.43
N ALA A 134 -17.98 -14.49 -30.29
CA ALA A 134 -18.64 -13.23 -30.04
C ALA A 134 -17.65 -12.12 -29.71
N VAL A 135 -16.52 -12.43 -29.06
CA VAL A 135 -15.74 -11.36 -28.44
CA VAL A 135 -15.72 -11.38 -28.44
C VAL A 135 -15.12 -10.44 -29.47
N LYS A 136 -14.88 -10.92 -30.70
CA LYS A 136 -14.39 -10.05 -31.76
C LYS A 136 -15.30 -8.85 -31.98
N HIS A 137 -16.59 -9.01 -31.75
CA HIS A 137 -17.58 -7.97 -32.02
C HIS A 137 -17.99 -7.18 -30.79
N LEU A 138 -17.42 -7.45 -29.62
CA LEU A 138 -17.86 -6.84 -28.37
C LEU A 138 -16.94 -5.68 -28.03
N GLY A 139 -17.55 -4.56 -27.68
CA GLY A 139 -16.81 -3.36 -27.34
C GLY A 139 -17.14 -2.92 -25.93
N GLU A 140 -16.70 -1.71 -25.57
CA GLU A 140 -16.93 -1.22 -24.22
C GLU A 140 -18.42 -1.20 -23.90
N GLY A 141 -18.78 -1.74 -22.74
CA GLY A 141 -20.16 -1.77 -22.30
C GLY A 141 -20.89 -3.02 -22.69
N ALA A 142 -20.30 -3.88 -23.51
CA ALA A 142 -20.92 -5.16 -23.81
C ALA A 142 -21.04 -6.00 -22.53
N SER A 143 -21.98 -6.94 -22.55
CA SER A 143 -22.30 -7.74 -21.36
C SER A 143 -22.46 -9.20 -21.77
N ILE A 144 -21.66 -10.07 -21.15
CA ILE A 144 -21.74 -11.52 -21.35
C ILE A 144 -22.36 -12.08 -20.09
N ILE A 145 -23.43 -12.86 -20.24
CA ILE A 145 -24.16 -13.44 -19.12
C ILE A 145 -24.17 -14.95 -19.28
N ASN A 146 -23.54 -15.66 -18.35
CA ASN A 146 -23.48 -17.12 -18.40
C ASN A 146 -24.53 -17.69 -17.46
N ILE A 147 -25.35 -18.62 -17.94
CA ILE A 147 -26.33 -19.24 -17.07
C ILE A 147 -25.67 -20.47 -16.47
N SER A 148 -25.33 -20.37 -15.19
CA SER A 148 -24.71 -21.44 -14.43
C SER A 148 -25.81 -22.16 -13.66
N SER A 149 -25.69 -22.41 -12.35
CA SER A 149 -26.72 -23.10 -11.59
C SER A 149 -26.38 -23.00 -10.12
N VAL A 150 -27.42 -22.95 -9.27
CA VAL A 150 -27.23 -23.03 -7.83
C VAL A 150 -26.57 -24.34 -7.41
N VAL A 151 -26.53 -25.35 -8.27
CA VAL A 151 -25.83 -26.57 -7.86
C VAL A 151 -24.36 -26.29 -7.55
N THR A 152 -23.78 -25.18 -8.03
CA THR A 152 -22.40 -24.97 -7.61
C THR A 152 -22.29 -24.60 -6.14
N SER A 153 -23.41 -24.19 -5.51
CA SER A 153 -23.48 -23.96 -4.07
C SER A 153 -23.97 -25.17 -3.31
N ILE A 154 -25.02 -25.84 -3.81
CA ILE A 154 -25.65 -26.90 -3.03
C ILE A 154 -25.27 -28.31 -3.47
N THR A 155 -24.53 -28.46 -4.58
CA THR A 155 -23.89 -29.69 -5.08
C THR A 155 -24.65 -30.98 -4.71
N PRO A 156 -25.80 -31.24 -5.34
CA PRO A 156 -26.64 -32.36 -4.89
C PRO A 156 -26.02 -33.71 -5.19
N PRO A 157 -26.31 -34.71 -4.39
CA PRO A 157 -25.88 -36.08 -4.73
C PRO A 157 -26.34 -36.46 -6.13
N ALA A 158 -25.53 -37.27 -6.79
CA ALA A 158 -25.79 -37.83 -8.10
C ALA A 158 -25.75 -36.79 -9.21
N SER A 159 -25.10 -35.63 -8.96
CA SER A 159 -24.95 -34.62 -10.00
C SER A 159 -23.49 -34.31 -10.29
N ALA A 160 -22.59 -35.26 -10.11
CA ALA A 160 -21.17 -34.90 -10.25
C ALA A 160 -20.86 -34.29 -11.62
N VAL A 161 -21.33 -34.92 -12.71
CA VAL A 161 -21.03 -34.35 -14.03
C VAL A 161 -21.69 -32.99 -14.21
N TYR A 162 -23.00 -32.89 -13.96
CA TYR A 162 -23.69 -31.63 -14.23
C TYR A 162 -23.14 -30.52 -13.35
N SER A 163 -23.04 -30.77 -12.05
CA SER A 163 -22.48 -29.74 -11.16
C SER A 163 -21.05 -29.40 -11.57
N GLY A 164 -20.31 -30.42 -12.01
CA GLY A 164 -18.99 -30.14 -12.54
C GLY A 164 -19.03 -29.14 -13.69
N THR A 165 -19.98 -29.30 -14.62
CA THR A 165 -20.03 -28.37 -15.74
C THR A 165 -20.29 -26.96 -15.24
N LYS A 166 -21.17 -26.83 -14.24
CA LYS A 166 -21.50 -25.49 -13.81
C LYS A 166 -20.39 -24.89 -12.92
N GLY A 167 -19.63 -25.73 -12.20
CA GLY A 167 -18.43 -25.22 -11.54
C GLY A 167 -17.45 -24.65 -12.54
N ALA A 168 -17.32 -25.33 -13.69
CA ALA A 168 -16.47 -24.80 -14.75
C ALA A 168 -16.98 -23.47 -15.26
N VAL A 169 -18.28 -23.35 -15.46
CA VAL A 169 -18.85 -22.09 -15.94
C VAL A 169 -18.61 -20.97 -14.93
N ASP A 170 -18.76 -21.26 -13.64
CA ASP A 170 -18.48 -20.24 -12.62
C ASP A 170 -17.05 -19.74 -12.75
N ALA A 171 -16.10 -20.66 -12.88
CA ALA A 171 -14.70 -20.24 -12.95
C ALA A 171 -14.41 -19.49 -14.24
N ILE A 172 -14.94 -19.98 -15.37
CA ILE A 172 -14.77 -19.29 -16.65
C ILE A 172 -15.31 -17.88 -16.58
N THR A 173 -16.46 -17.70 -15.90
CA THR A 173 -17.03 -16.37 -15.71
C THR A 173 -16.03 -15.46 -15.01
N GLY A 174 -15.39 -15.96 -13.95
CA GLY A 174 -14.42 -15.14 -13.24
C GLY A 174 -13.18 -14.83 -14.07
N VAL A 175 -12.68 -15.83 -14.79
CA VAL A 175 -11.51 -15.61 -15.65
C VAL A 175 -11.80 -14.52 -16.66
N LEU A 176 -12.92 -14.66 -17.38
CA LEU A 176 -13.17 -13.73 -18.48
C LEU A 176 -13.52 -12.33 -17.99
N ALA A 177 -14.13 -12.21 -16.80
CA ALA A 177 -14.30 -10.89 -16.21
C ALA A 177 -12.96 -10.18 -16.05
N LEU A 178 -11.93 -10.90 -15.60
CA LEU A 178 -10.62 -10.26 -15.48
C LEU A 178 -9.97 -10.09 -16.84
N GLU A 179 -10.07 -11.10 -17.70
CA GLU A 179 -9.37 -11.07 -18.98
C GLU A 179 -9.90 -9.95 -19.87
N LEU A 180 -11.21 -9.74 -19.84
CA LEU A 180 -11.88 -8.76 -20.70
C LEU A 180 -12.13 -7.43 -20.01
N GLY A 181 -11.78 -7.30 -18.74
CA GLY A 181 -11.87 -6.03 -18.04
C GLY A 181 -11.24 -4.84 -18.74
N PRO A 182 -10.03 -4.98 -19.27
CA PRO A 182 -9.41 -3.82 -19.96
C PRO A 182 -10.22 -3.33 -21.15
N ARG A 183 -10.99 -4.21 -21.79
CA ARG A 183 -11.87 -3.85 -22.89
CA ARG A 183 -11.85 -3.81 -22.90
C ARG A 183 -13.23 -3.35 -22.41
N LYS A 184 -13.44 -3.33 -21.10
CA LYS A 184 -14.69 -2.91 -20.45
C LYS A 184 -15.88 -3.73 -20.90
N ILE A 185 -15.63 -5.02 -21.18
CA ILE A 185 -16.69 -6.01 -21.41
C ILE A 185 -16.97 -6.68 -20.08
N ARG A 186 -18.23 -6.65 -19.65
CA ARG A 186 -18.56 -7.28 -18.37
C ARG A 186 -18.94 -8.74 -18.59
N VAL A 187 -18.60 -9.58 -17.62
CA VAL A 187 -18.90 -11.01 -17.66
C VAL A 187 -19.45 -11.42 -16.30
N ASN A 188 -20.68 -11.93 -16.27
CA ASN A 188 -21.32 -12.29 -15.02
C ASN A 188 -22.11 -13.57 -15.21
N ALA A 189 -22.39 -14.25 -14.10
CA ALA A 189 -23.19 -15.47 -14.15
C ALA A 189 -24.48 -15.28 -13.37
N ILE A 190 -25.52 -15.99 -13.81
CA ILE A 190 -26.72 -16.20 -13.01
C ILE A 190 -26.73 -17.65 -12.63
N ASN A 191 -27.03 -17.95 -11.36
CA ASN A 191 -27.05 -19.32 -10.86
C ASN A 191 -28.48 -19.61 -10.42
N PRO A 192 -29.34 -20.08 -11.33
CA PRO A 192 -30.74 -20.30 -10.94
C PRO A 192 -30.89 -21.43 -9.96
N GLY A 193 -31.90 -21.31 -9.10
CA GLY A 193 -32.44 -22.47 -8.41
C GLY A 193 -33.30 -23.30 -9.35
N MET A 194 -34.05 -24.23 -8.78
CA MET A 194 -34.92 -25.04 -9.65
C MET A 194 -35.99 -24.16 -10.28
N ILE A 195 -36.09 -24.26 -11.61
CA ILE A 195 -37.02 -23.50 -12.44
C ILE A 195 -37.90 -24.48 -13.19
N VAL A 196 -39.21 -24.27 -13.16
CA VAL A 196 -40.14 -25.08 -13.96
C VAL A 196 -39.93 -24.72 -15.42
N THR A 197 -39.44 -25.69 -16.21
CA THR A 197 -39.20 -25.49 -17.64
C THR A 197 -39.55 -26.77 -18.38
N GLU A 198 -39.58 -26.66 -19.72
CA GLU A 198 -39.67 -27.85 -20.55
C GLU A 198 -38.66 -28.89 -20.12
N GLY A 199 -37.43 -28.44 -19.88
CA GLY A 199 -36.36 -29.37 -19.52
C GLY A 199 -36.54 -30.03 -18.17
N THR A 200 -37.01 -29.30 -17.17
CA THR A 200 -37.13 -29.98 -15.88
C THR A 200 -38.33 -30.90 -15.83
N HIS A 201 -39.35 -30.65 -16.65
CA HIS A 201 -40.37 -31.66 -16.84
C HIS A 201 -39.82 -32.87 -17.61
N SER A 202 -39.11 -32.63 -18.71
CA SER A 202 -38.64 -33.75 -19.53
C SER A 202 -37.69 -34.64 -18.76
N ALA A 203 -36.88 -34.06 -17.87
CA ALA A 203 -35.92 -34.81 -17.09
C ALA A 203 -36.54 -35.53 -15.91
N GLY A 204 -37.85 -35.34 -15.67
CA GLY A 204 -38.48 -35.94 -14.52
C GLY A 204 -38.09 -35.29 -13.21
N ILE A 205 -37.49 -34.11 -13.28
CA ILE A 205 -37.10 -33.43 -12.04
C ILE A 205 -38.31 -32.83 -11.36
N ILE A 206 -39.22 -32.22 -12.13
CA ILE A 206 -40.47 -31.78 -11.56
C ILE A 206 -41.25 -33.03 -11.16
N GLY A 207 -41.69 -33.07 -9.90
CA GLY A 207 -42.33 -34.26 -9.37
C GLY A 207 -41.40 -35.20 -8.62
N SER A 208 -40.10 -34.93 -8.61
CA SER A 208 -39.16 -35.85 -8.00
C SER A 208 -38.98 -35.55 -6.52
N ASP A 209 -38.31 -36.48 -5.82
CA ASP A 209 -37.93 -36.22 -4.43
C ASP A 209 -37.00 -35.01 -4.33
N LEU A 210 -36.12 -34.82 -5.32
CA LEU A 210 -35.25 -33.64 -5.32
C LEU A 210 -36.06 -32.35 -5.31
N GLU A 211 -37.09 -32.28 -6.16
CA GLU A 211 -37.95 -31.10 -6.18
CA GLU A 211 -37.96 -31.10 -6.18
C GLU A 211 -38.58 -30.85 -4.82
N ALA A 212 -39.13 -31.90 -4.21
CA ALA A 212 -39.76 -31.74 -2.89
C ALA A 212 -38.75 -31.22 -1.87
N GLN A 213 -37.54 -31.79 -1.86
CA GLN A 213 -36.51 -31.33 -0.95
C GLN A 213 -36.18 -29.87 -1.19
N VAL A 214 -35.91 -29.52 -2.45
CA VAL A 214 -35.52 -28.15 -2.79
C VAL A 214 -36.63 -27.16 -2.42
N LEU A 215 -37.87 -27.50 -2.76
CA LEU A 215 -38.98 -26.61 -2.44
C LEU A 215 -39.07 -26.34 -0.95
N GLY A 216 -38.96 -27.40 -0.14
CA GLY A 216 -39.00 -27.23 1.30
C GLY A 216 -37.89 -26.36 1.82
N GLN A 217 -36.75 -26.33 1.13
CA GLN A 217 -35.64 -25.52 1.60
CA GLN A 217 -35.58 -25.55 1.50
C GLN A 217 -35.57 -24.16 0.90
N THR A 218 -36.60 -23.78 0.14
CA THR A 218 -36.61 -22.48 -0.53
C THR A 218 -37.24 -21.43 0.37
N PRO A 219 -36.49 -20.43 0.85
CA PRO A 219 -37.08 -19.47 1.80
C PRO A 219 -38.33 -18.77 1.28
N LEU A 220 -38.38 -18.44 -0.01
CA LEU A 220 -39.53 -17.69 -0.53
C LEU A 220 -40.66 -18.60 -1.01
N GLY A 221 -40.57 -19.91 -0.77
CA GLY A 221 -41.78 -20.70 -0.66
C GLY A 221 -42.42 -21.19 -1.94
N ARG A 222 -41.70 -21.24 -3.05
CA ARG A 222 -42.22 -21.79 -4.29
C ARG A 222 -41.05 -22.21 -5.17
N LEU A 223 -41.38 -22.92 -6.26
CA LEU A 223 -40.40 -23.14 -7.31
C LEU A 223 -40.25 -21.88 -8.15
N GLY A 224 -39.10 -21.76 -8.78
CA GLY A 224 -38.88 -20.66 -9.68
C GLY A 224 -39.55 -20.85 -11.02
N GLU A 225 -39.72 -19.73 -11.72
CA GLU A 225 -40.32 -19.65 -13.05
CA GLU A 225 -40.31 -19.65 -13.05
C GLU A 225 -39.32 -18.98 -13.98
N PRO A 226 -39.43 -19.22 -15.28
CA PRO A 226 -38.44 -18.61 -16.20
C PRO A 226 -38.32 -17.10 -16.08
N ASN A 227 -39.42 -16.40 -15.82
CA ASN A 227 -39.32 -14.94 -15.74
C ASN A 227 -38.57 -14.48 -14.49
N ASP A 228 -38.48 -15.30 -13.44
CA ASP A 228 -37.64 -14.97 -12.30
C ASP A 228 -36.18 -14.81 -12.70
N ILE A 229 -35.74 -15.59 -13.69
CA ILE A 229 -34.38 -15.46 -14.19
C ILE A 229 -34.30 -14.36 -15.23
N ALA A 230 -35.32 -14.23 -16.06
CA ALA A 230 -35.28 -13.26 -17.16
C ALA A 230 -35.09 -11.83 -16.66
N SER A 231 -35.77 -11.44 -15.58
CA SER A 231 -35.61 -10.07 -15.12
CA SER A 231 -35.62 -10.09 -15.04
C SER A 231 -34.19 -9.81 -14.58
N VAL A 232 -33.52 -10.83 -14.05
CA VAL A 232 -32.14 -10.62 -13.60
C VAL A 232 -31.21 -10.53 -14.80
N ALA A 233 -31.47 -11.32 -15.85
CA ALA A 233 -30.68 -11.19 -17.07
C ALA A 233 -30.80 -9.79 -17.67
N VAL A 234 -31.99 -9.19 -17.67
CA VAL A 234 -32.16 -7.83 -18.17
C VAL A 234 -31.31 -6.87 -17.36
N PHE A 235 -31.36 -6.99 -16.03
CA PHE A 235 -30.52 -6.17 -15.18
C PHE A 235 -29.03 -6.28 -15.57
N LEU A 236 -28.51 -7.51 -15.67
CA LEU A 236 -27.09 -7.69 -15.98
C LEU A 236 -26.75 -7.23 -17.38
N ALA A 237 -27.69 -7.34 -18.32
CA ALA A 237 -27.47 -6.86 -19.68
C ALA A 237 -27.41 -5.34 -19.75
N SER A 238 -28.05 -4.66 -18.81
CA SER A 238 -28.25 -3.22 -18.87
C SER A 238 -27.13 -2.44 -18.20
N ASP A 239 -27.15 -1.12 -18.40
CA ASP A 239 -26.19 -0.24 -17.77
C ASP A 239 -26.39 -0.16 -16.26
N ASP A 240 -27.53 -0.63 -15.74
CA ASP A 240 -27.70 -0.60 -14.29
C ASP A 240 -26.69 -1.48 -13.57
N ALA A 241 -26.14 -2.49 -14.27
CA ALA A 241 -25.10 -3.36 -13.74
C ALA A 241 -23.71 -2.96 -14.23
N ARG A 242 -23.51 -1.68 -14.60
CA ARG A 242 -22.26 -1.27 -15.22
C ARG A 242 -21.05 -1.47 -14.30
N TRP A 243 -21.26 -1.55 -12.98
CA TRP A 243 -20.16 -1.66 -12.04
C TRP A 243 -20.06 -3.07 -11.44
N MET A 244 -20.70 -4.04 -12.08
CA MET A 244 -20.65 -5.45 -11.66
CA MET A 244 -20.68 -5.44 -11.66
C MET A 244 -20.03 -6.28 -12.76
N THR A 245 -18.95 -6.97 -12.43
CA THR A 245 -18.37 -7.97 -13.33
C THR A 245 -17.67 -9.03 -12.49
N GLY A 246 -17.75 -10.27 -12.96
CA GLY A 246 -17.23 -11.40 -12.23
C GLY A 246 -18.14 -11.88 -11.12
N GLU A 247 -19.39 -11.45 -11.10
CA GLU A 247 -20.35 -11.87 -10.08
C GLU A 247 -21.09 -13.12 -10.51
N HIS A 248 -21.64 -13.81 -9.50
CA HIS A 248 -22.44 -15.02 -9.70
C HIS A 248 -23.70 -14.78 -8.88
N LEU A 249 -24.79 -14.48 -9.54
CA LEU A 249 -26.02 -14.06 -8.86
C LEU A 249 -26.88 -15.30 -8.66
N VAL A 250 -27.08 -15.69 -7.40
CA VAL A 250 -27.92 -16.84 -7.10
C VAL A 250 -29.37 -16.39 -7.12
N VAL A 251 -30.16 -16.99 -8.01
CA VAL A 251 -31.55 -16.57 -8.19
C VAL A 251 -32.40 -17.82 -7.99
N SER A 252 -32.66 -18.13 -6.72
CA SER A 252 -33.20 -19.41 -6.29
C SER A 252 -34.25 -19.23 -5.22
N GLY A 253 -34.73 -17.99 -5.02
CA GLY A 253 -35.68 -17.78 -3.92
C GLY A 253 -35.05 -17.93 -2.55
N GLY A 254 -33.72 -17.85 -2.47
CA GLY A 254 -33.01 -17.87 -1.18
C GLY A 254 -32.27 -19.14 -0.86
N LEU A 255 -32.30 -20.15 -1.74
CA LEU A 255 -31.62 -21.41 -1.47
C LEU A 255 -30.16 -21.31 -1.91
N ASN A 256 -29.24 -21.61 -0.99
CA ASN A 256 -27.83 -21.62 -1.37
C ASN A 256 -27.03 -22.48 -0.40
N SER B 10 1.58 -43.93 14.20
CA SER B 10 1.60 -43.23 12.92
C SER B 10 0.17 -43.06 12.37
N LYS B 11 -0.07 -41.90 11.76
CA LYS B 11 -1.43 -41.47 11.43
CA LYS B 11 -1.43 -41.48 11.44
C LYS B 11 -2.12 -42.42 10.46
N LEU B 12 -1.37 -43.08 9.58
CA LEU B 12 -1.99 -43.88 8.53
C LEU B 12 -1.55 -45.33 8.57
N ALA B 13 -1.16 -45.81 9.75
CA ALA B 13 -0.78 -47.21 9.93
C ALA B 13 -1.88 -48.13 9.45
N GLY B 14 -1.51 -49.13 8.66
CA GLY B 14 -2.46 -50.11 8.17
C GLY B 14 -3.30 -49.68 6.97
N LYS B 15 -3.17 -48.43 6.53
CA LYS B 15 -3.99 -47.91 5.43
C LYS B 15 -3.25 -48.04 4.11
N VAL B 16 -4.03 -48.01 3.03
CA VAL B 16 -3.52 -48.07 1.67
C VAL B 16 -4.00 -46.84 0.91
N ALA B 17 -3.08 -46.18 0.21
CA ALA B 17 -3.40 -44.99 -0.58
C ALA B 17 -2.99 -45.16 -2.03
N ILE B 18 -3.76 -44.54 -2.92
CA ILE B 18 -3.39 -44.31 -4.32
C ILE B 18 -3.13 -42.84 -4.48
N VAL B 19 -2.01 -42.47 -5.09
CA VAL B 19 -1.78 -41.10 -5.54
C VAL B 19 -1.63 -41.14 -7.04
N THR B 20 -2.57 -40.55 -7.78
CA THR B 20 -2.38 -40.45 -9.23
C THR B 20 -1.36 -39.37 -9.55
N GLY B 21 -0.54 -39.60 -10.58
CA GLY B 21 0.48 -38.62 -10.93
C GLY B 21 1.49 -38.35 -9.84
N ALA B 22 2.10 -39.44 -9.34
CA ALA B 22 3.06 -39.34 -8.24
C ALA B 22 4.50 -39.51 -8.70
N SER B 23 4.74 -39.46 -10.01
CA SER B 23 6.12 -39.51 -10.51
C SER B 23 6.82 -38.16 -10.49
N LYS B 24 6.08 -37.08 -10.21
CA LYS B 24 6.61 -35.72 -10.20
C LYS B 24 5.86 -34.90 -9.16
N GLY B 25 6.50 -33.80 -8.75
CA GLY B 25 5.79 -32.63 -8.22
C GLY B 25 5.01 -32.88 -6.95
N ILE B 26 3.80 -32.32 -6.91
CA ILE B 26 2.94 -32.41 -5.73
C ILE B 26 2.59 -33.86 -5.42
N GLY B 27 2.32 -34.66 -6.47
CA GLY B 27 1.93 -36.04 -6.26
C GLY B 27 3.04 -36.85 -5.65
N ALA B 28 4.27 -36.64 -6.13
CA ALA B 28 5.40 -37.34 -5.55
C ALA B 28 5.58 -36.99 -4.07
N ALA B 29 5.42 -35.72 -3.72
CA ALA B 29 5.60 -35.33 -2.32
C ALA B 29 4.48 -35.90 -1.45
N ILE B 30 3.23 -35.89 -1.96
CA ILE B 30 2.12 -36.48 -1.22
C ILE B 30 2.36 -37.96 -0.98
N ALA B 31 2.78 -38.69 -2.03
CA ALA B 31 3.04 -40.13 -1.86
C ALA B 31 4.06 -40.37 -0.77
N LYS B 32 5.17 -39.63 -0.78
CA LYS B 32 6.19 -39.86 0.23
CA LYS B 32 6.20 -39.83 0.23
C LYS B 32 5.69 -39.48 1.62
N ALA B 33 4.91 -38.41 1.74
CA ALA B 33 4.41 -38.01 3.05
C ALA B 33 3.39 -38.99 3.60
N LEU B 34 2.50 -39.52 2.75
CA LEU B 34 1.58 -40.54 3.23
C LEU B 34 2.32 -41.78 3.72
N ALA B 35 3.35 -42.20 2.97
CA ALA B 35 4.11 -43.39 3.39
C ALA B 35 4.86 -43.14 4.68
N ASP B 36 5.31 -41.89 4.90
CA ASP B 36 6.00 -41.54 6.13
CA ASP B 36 6.01 -41.59 6.14
C ASP B 36 5.11 -41.73 7.35
N GLU B 37 3.79 -41.63 7.15
CA GLU B 37 2.84 -41.82 8.23
C GLU B 37 2.26 -43.23 8.24
N GLY B 38 2.86 -44.15 7.48
CA GLY B 38 2.53 -45.56 7.59
C GLY B 38 1.68 -46.12 6.47
N ALA B 39 1.25 -45.32 5.51
CA ALA B 39 0.41 -45.83 4.45
C ALA B 39 1.25 -46.57 3.42
N ALA B 40 0.71 -47.67 2.91
CA ALA B 40 1.26 -48.30 1.71
C ALA B 40 0.73 -47.53 0.51
N VAL B 41 1.59 -47.17 -0.43
CA VAL B 41 1.21 -46.20 -1.45
C VAL B 41 1.37 -46.79 -2.85
N VAL B 42 0.31 -46.69 -3.64
CA VAL B 42 0.34 -46.99 -5.07
C VAL B 42 0.73 -45.69 -5.77
N VAL B 43 1.87 -45.71 -6.47
CA VAL B 43 2.51 -44.54 -7.04
C VAL B 43 2.26 -44.60 -8.55
N ASN B 44 1.29 -43.82 -9.05
CA ASN B 44 0.90 -43.87 -10.44
C ASN B 44 1.76 -42.92 -11.28
N TYR B 45 2.08 -43.35 -12.49
CA TYR B 45 2.76 -42.49 -13.45
C TYR B 45 2.07 -42.65 -14.79
N ALA B 46 2.32 -41.69 -15.68
CA ALA B 46 1.85 -41.80 -17.06
C ALA B 46 3.05 -42.00 -17.98
N SER B 47 3.82 -40.94 -18.22
CA SER B 47 4.94 -41.02 -19.13
C SER B 47 6.26 -41.39 -18.46
N SER B 48 6.37 -41.32 -17.13
CA SER B 48 7.68 -41.45 -16.49
C SER B 48 7.69 -42.59 -15.47
N LYS B 49 7.96 -43.80 -15.96
CA LYS B 49 8.19 -44.92 -15.06
C LYS B 49 9.38 -44.65 -14.13
N ALA B 50 10.45 -44.04 -14.67
CA ALA B 50 11.63 -43.80 -13.85
C ALA B 50 11.32 -42.87 -12.69
N GLY B 51 10.47 -41.86 -12.93
CA GLY B 51 10.09 -40.98 -11.83
C GLY B 51 9.34 -41.72 -10.76
N ALA B 52 8.39 -42.57 -11.16
CA ALA B 52 7.65 -43.34 -10.17
C ALA B 52 8.56 -44.31 -9.44
N ASP B 53 9.49 -44.95 -10.16
CA ASP B 53 10.41 -45.86 -9.48
C ASP B 53 11.27 -45.11 -8.48
N ALA B 54 11.62 -43.85 -8.79
CA ALA B 54 12.43 -43.09 -7.84
C ALA B 54 11.64 -42.81 -6.57
N VAL B 55 10.35 -42.50 -6.71
CA VAL B 55 9.52 -42.23 -5.54
C VAL B 55 9.30 -43.51 -4.74
N VAL B 56 9.01 -44.63 -5.42
CA VAL B 56 8.88 -45.90 -4.71
C VAL B 56 10.17 -46.23 -3.95
N SER B 57 11.32 -45.99 -4.58
CA SER B 57 12.60 -46.27 -3.92
C SER B 57 12.78 -45.36 -2.70
N ALA B 58 12.41 -44.09 -2.83
CA ALA B 58 12.50 -43.20 -1.68
C ALA B 58 11.65 -43.74 -0.53
N ILE B 59 10.44 -44.19 -0.84
CA ILE B 59 9.54 -44.69 0.20
C ILE B 59 10.12 -45.95 0.85
N THR B 60 10.56 -46.91 0.03
CA THR B 60 11.01 -48.17 0.60
C THR B 60 12.35 -48.02 1.32
N GLU B 61 13.23 -47.13 0.85
CA GLU B 61 14.48 -46.89 1.57
C GLU B 61 14.24 -46.27 2.94
N ALA B 62 13.14 -45.53 3.07
CA ALA B 62 12.78 -44.96 4.36
C ALA B 62 11.98 -45.93 5.22
N GLY B 63 11.82 -47.17 4.78
CA GLY B 63 11.15 -48.19 5.56
C GLY B 63 9.68 -48.34 5.30
N GLY B 64 9.16 -47.74 4.23
CA GLY B 64 7.76 -47.83 3.88
C GLY B 64 7.48 -48.89 2.81
N ARG B 65 6.22 -48.93 2.40
CA ARG B 65 5.73 -49.82 1.34
C ARG B 65 5.15 -49.00 0.20
N ALA B 66 5.56 -49.31 -1.03
CA ALA B 66 4.98 -48.65 -2.18
C ALA B 66 5.19 -49.51 -3.43
N VAL B 67 4.37 -49.24 -4.44
CA VAL B 67 4.43 -49.96 -5.73
C VAL B 67 4.06 -48.98 -6.83
N ALA B 68 4.75 -49.08 -7.97
CA ALA B 68 4.46 -48.21 -9.10
C ALA B 68 3.44 -48.84 -10.03
N VAL B 69 2.65 -48.00 -10.70
CA VAL B 69 1.76 -48.49 -11.75
C VAL B 69 1.60 -47.42 -12.81
N GLY B 70 1.78 -47.81 -14.07
CA GLY B 70 1.58 -46.89 -15.18
C GLY B 70 0.13 -46.88 -15.61
N GLY B 71 -0.40 -45.68 -15.86
CA GLY B 71 -1.76 -45.60 -16.31
C GLY B 71 -2.18 -44.17 -16.57
N ASP B 72 -2.97 -43.98 -17.63
CA ASP B 72 -3.51 -42.70 -18.03
C ASP B 72 -4.90 -42.58 -17.39
N VAL B 73 -5.05 -41.67 -16.41
CA VAL B 73 -6.33 -41.61 -15.67
C VAL B 73 -7.50 -41.28 -16.57
N SER B 74 -7.28 -40.69 -17.75
CA SER B 74 -8.39 -40.36 -18.64
C SER B 74 -8.87 -41.55 -19.45
N LYS B 75 -8.24 -42.71 -19.29
CA LYS B 75 -8.62 -43.94 -19.97
C LYS B 75 -9.24 -44.90 -18.95
N ALA B 76 -10.50 -45.28 -19.17
CA ALA B 76 -11.22 -46.05 -18.17
C ALA B 76 -10.47 -47.31 -17.76
N ALA B 77 -9.88 -48.02 -18.73
CA ALA B 77 -9.20 -49.26 -18.39
C ALA B 77 -7.98 -49.01 -17.53
N ASP B 78 -7.31 -47.86 -17.73
CA ASP B 78 -6.13 -47.58 -16.92
C ASP B 78 -6.54 -47.14 -15.52
N ALA B 79 -7.61 -46.34 -15.41
CA ALA B 79 -8.12 -45.99 -14.08
C ALA B 79 -8.44 -47.23 -13.28
N GLN B 80 -9.07 -48.22 -13.92
CA GLN B 80 -9.35 -49.48 -13.26
C GLN B 80 -8.08 -50.19 -12.85
N ARG B 81 -7.07 -50.22 -13.73
CA ARG B 81 -5.83 -50.92 -13.40
C ARG B 81 -5.10 -50.27 -12.22
N ILE B 82 -5.17 -48.93 -12.13
CA ILE B 82 -4.56 -48.23 -10.99
C ILE B 82 -5.19 -48.69 -9.68
N VAL B 83 -6.53 -48.74 -9.64
CA VAL B 83 -7.25 -49.18 -8.45
C VAL B 83 -6.99 -50.66 -8.17
N ASP B 84 -7.06 -51.50 -9.20
CA ASP B 84 -6.80 -52.93 -8.99
C ASP B 84 -5.40 -53.17 -8.44
N THR B 85 -4.44 -52.30 -8.77
CA THR B 85 -3.09 -52.43 -8.21
C THR B 85 -3.11 -52.33 -6.70
N ALA B 86 -3.90 -51.41 -6.15
CA ALA B 86 -4.03 -51.32 -4.69
C ALA B 86 -4.58 -52.61 -4.11
N ILE B 87 -5.67 -53.12 -4.70
CA ILE B 87 -6.34 -54.29 -4.13
C ILE B 87 -5.49 -55.54 -4.29
N GLU B 88 -4.86 -55.71 -5.47
CA GLU B 88 -4.03 -56.90 -5.68
C GLU B 88 -2.79 -56.88 -4.80
N THR B 89 -2.16 -55.71 -4.64
CA THR B 89 -0.90 -55.65 -3.90
C THR B 89 -1.13 -55.67 -2.40
N TYR B 90 -2.12 -54.92 -1.91
CA TYR B 90 -2.29 -54.73 -0.49
C TYR B 90 -3.63 -55.20 0.06
N GLY B 91 -4.60 -55.51 -0.80
CA GLY B 91 -5.86 -56.09 -0.35
C GLY B 91 -6.92 -55.12 0.15
N ARG B 92 -6.66 -53.82 0.11
CA ARG B 92 -7.61 -52.83 0.61
C ARG B 92 -7.25 -51.50 -0.01
N LEU B 93 -8.18 -50.55 0.13
CA LEU B 93 -7.95 -49.19 -0.31
C LEU B 93 -8.65 -48.26 0.65
N ASP B 94 -7.92 -47.27 1.18
CA ASP B 94 -8.46 -46.32 2.15
C ASP B 94 -8.43 -44.87 1.69
N VAL B 95 -7.43 -44.49 0.89
CA VAL B 95 -7.21 -43.08 0.56
C VAL B 95 -6.98 -43.00 -0.94
N LEU B 96 -7.70 -42.10 -1.61
CA LEU B 96 -7.46 -41.81 -3.02
C LEU B 96 -7.10 -40.34 -3.14
N VAL B 97 -5.92 -40.05 -3.68
CA VAL B 97 -5.53 -38.68 -3.98
C VAL B 97 -5.59 -38.51 -5.48
N ASN B 98 -6.55 -37.72 -5.97
CA ASN B 98 -6.65 -37.42 -7.40
C ASN B 98 -5.79 -36.19 -7.65
N ASN B 99 -4.52 -36.44 -7.95
CA ASN B 99 -3.54 -35.39 -8.16
C ASN B 99 -3.18 -35.18 -9.63
N SER B 100 -3.21 -36.22 -10.47
CA SER B 100 -2.87 -36.05 -11.88
C SER B 100 -3.59 -34.85 -12.48
N GLY B 101 -2.83 -34.01 -13.19
CA GLY B 101 -3.42 -32.86 -13.83
C GLY B 101 -2.38 -32.19 -14.70
N VAL B 102 -2.89 -31.46 -15.70
CA VAL B 102 -2.06 -30.69 -16.62
C VAL B 102 -2.63 -29.28 -16.68
N TYR B 103 -1.77 -28.34 -17.09
CA TYR B 103 -2.17 -26.95 -17.18
C TYR B 103 -1.51 -26.28 -18.39
N GLU B 104 -2.30 -25.45 -19.07
CA GLU B 104 -1.82 -24.59 -20.13
C GLU B 104 -2.73 -23.39 -20.17
N PHE B 105 -2.16 -22.19 -20.23
CA PHE B 105 -2.98 -20.99 -20.34
C PHE B 105 -3.16 -20.63 -21.80
N ALA B 106 -4.26 -19.94 -22.11
CA ALA B 106 -4.50 -19.35 -23.42
C ALA B 106 -5.62 -18.35 -23.30
N PRO B 107 -5.48 -17.14 -23.84
CA PRO B 107 -6.61 -16.20 -23.87
C PRO B 107 -7.73 -16.73 -24.75
N ILE B 108 -8.93 -16.17 -24.55
CA ILE B 108 -10.14 -16.73 -25.17
C ILE B 108 -9.97 -16.85 -26.69
N GLU B 109 -9.31 -15.87 -27.32
CA GLU B 109 -9.16 -15.91 -28.78
CA GLU B 109 -9.19 -15.92 -28.77
C GLU B 109 -8.29 -17.05 -29.25
N ALA B 110 -7.41 -17.55 -28.40
CA ALA B 110 -6.42 -18.54 -28.79
C ALA B 110 -6.78 -19.95 -28.37
N ILE B 111 -7.88 -20.15 -27.64
CA ILE B 111 -8.25 -21.48 -27.15
C ILE B 111 -8.54 -22.39 -28.34
N THR B 112 -7.87 -23.55 -28.35
CA THR B 112 -8.12 -24.54 -29.38
C THR B 112 -8.87 -25.72 -28.78
N GLU B 113 -9.48 -26.52 -29.65
CA GLU B 113 -10.19 -27.69 -29.17
C GLU B 113 -9.25 -28.66 -28.47
N GLU B 114 -8.05 -28.83 -29.02
CA GLU B 114 -7.09 -29.76 -28.40
C GLU B 114 -6.67 -29.29 -27.01
N HIS B 115 -6.46 -27.98 -26.87
CA HIS B 115 -6.12 -27.37 -25.59
C HIS B 115 -7.22 -27.59 -24.57
N TYR B 116 -8.46 -27.46 -25.01
CA TYR B 116 -9.61 -27.69 -24.14
C TYR B 116 -9.73 -29.17 -23.75
N ARG B 117 -9.73 -30.06 -24.75
CA ARG B 117 -9.98 -31.46 -24.46
C ARG B 117 -8.88 -32.09 -23.62
N ARG B 118 -7.61 -31.79 -23.89
CA ARG B 118 -6.53 -32.41 -23.12
CA ARG B 118 -6.55 -32.44 -23.12
C ARG B 118 -6.68 -32.12 -21.64
N GLN B 119 -7.00 -30.87 -21.31
CA GLN B 119 -7.07 -30.51 -19.90
C GLN B 119 -8.34 -31.04 -19.24
N PHE B 120 -9.49 -30.98 -19.92
CA PHE B 120 -10.70 -31.53 -19.30
C PHE B 120 -10.64 -33.05 -19.20
N ASP B 121 -10.06 -33.73 -20.20
CA ASP B 121 -9.97 -35.18 -20.14
C ASP B 121 -9.13 -35.63 -18.95
N THR B 122 -7.99 -34.98 -18.72
CA THR B 122 -7.16 -35.42 -17.62
C THR B 122 -7.70 -34.91 -16.31
N ASN B 123 -7.97 -33.60 -16.23
CA ASN B 123 -8.22 -32.96 -14.96
C ASN B 123 -9.64 -33.21 -14.44
N VAL B 124 -10.58 -33.54 -15.33
CA VAL B 124 -11.95 -33.76 -14.86
C VAL B 124 -12.35 -35.21 -15.10
N PHE B 125 -12.35 -35.66 -16.35
CA PHE B 125 -12.75 -37.04 -16.60
C PHE B 125 -11.86 -38.01 -15.83
N GLY B 126 -10.57 -37.72 -15.72
CA GLY B 126 -9.69 -38.63 -15.01
C GLY B 126 -10.00 -38.71 -13.53
N VAL B 127 -10.43 -37.60 -12.93
CA VAL B 127 -10.90 -37.63 -11.55
C VAL B 127 -12.14 -38.50 -11.43
N LEU B 128 -13.09 -38.33 -12.36
CA LEU B 128 -14.30 -39.12 -12.28
C LEU B 128 -14.03 -40.60 -12.49
N LEU B 129 -13.18 -40.96 -13.47
CA LEU B 129 -12.94 -42.37 -13.76
C LEU B 129 -12.21 -43.04 -12.60
N THR B 130 -11.20 -42.37 -12.06
CA THR B 130 -10.43 -43.01 -10.99
C THR B 130 -11.28 -43.12 -9.72
N THR B 131 -12.06 -42.09 -9.41
CA THR B 131 -12.96 -42.18 -8.26
C THR B 131 -14.01 -43.26 -8.46
N GLN B 132 -14.59 -43.36 -9.67
CA GLN B 132 -15.58 -44.38 -9.95
C GLN B 132 -15.02 -45.79 -9.73
N ALA B 133 -13.77 -46.02 -10.16
CA ALA B 133 -13.18 -47.34 -9.96
C ALA B 133 -12.88 -47.60 -8.49
N ALA B 134 -12.48 -46.56 -7.77
CA ALA B 134 -12.06 -46.73 -6.38
C ALA B 134 -13.24 -46.97 -5.43
N VAL B 135 -14.42 -46.39 -5.73
CA VAL B 135 -15.45 -46.29 -4.70
CA VAL B 135 -15.45 -46.30 -4.69
C VAL B 135 -15.98 -47.66 -4.29
N LYS B 136 -15.95 -48.64 -5.20
CA LYS B 136 -16.38 -49.99 -4.84
C LYS B 136 -15.61 -50.52 -3.64
N HIS B 137 -14.38 -50.04 -3.45
CA HIS B 137 -13.50 -50.58 -2.41
C HIS B 137 -13.43 -49.70 -1.18
N LEU B 138 -14.10 -48.56 -1.17
CA LEU B 138 -13.97 -47.61 -0.07
C LEU B 138 -15.06 -47.86 0.96
N GLY B 139 -14.66 -47.89 2.22
CA GLY B 139 -15.61 -48.08 3.30
C GLY B 139 -15.60 -46.92 4.28
N GLU B 140 -16.25 -47.10 5.41
CA GLU B 140 -16.32 -46.03 6.39
CA GLU B 140 -16.33 -46.05 6.41
C GLU B 140 -14.92 -45.60 6.82
N GLY B 141 -14.70 -44.28 6.83
CA GLY B 141 -13.40 -43.74 7.17
C GLY B 141 -12.51 -43.45 5.99
N ALA B 142 -12.87 -43.92 4.79
CA ALA B 142 -12.08 -43.61 3.61
C ALA B 142 -12.04 -42.11 3.37
N SER B 143 -11.00 -41.68 2.65
CA SER B 143 -10.76 -40.27 2.40
C SER B 143 -10.31 -40.08 0.96
N ILE B 144 -11.10 -39.32 0.19
CA ILE B 144 -10.78 -38.93 -1.19
C ILE B 144 -10.34 -37.48 -1.17
N ILE B 145 -9.17 -37.21 -1.74
CA ILE B 145 -8.57 -35.88 -1.74
C ILE B 145 -8.34 -35.49 -3.20
N ASN B 146 -9.01 -34.44 -3.64
CA ASN B 146 -8.88 -33.95 -5.02
C ASN B 146 -7.95 -32.75 -5.00
N ILE B 147 -6.91 -32.77 -5.85
CA ILE B 147 -6.02 -31.62 -5.97
C ILE B 147 -6.63 -30.69 -7.01
N SER B 148 -7.22 -29.60 -6.52
CA SER B 148 -7.81 -28.56 -7.36
C SER B 148 -6.76 -27.47 -7.57
N SER B 149 -7.13 -26.20 -7.39
CA SER B 149 -6.20 -25.08 -7.56
C SER B 149 -6.81 -23.81 -7.00
N VAL B 150 -5.93 -22.94 -6.47
CA VAL B 150 -6.34 -21.58 -6.11
C VAL B 150 -6.89 -20.79 -7.29
N VAL B 151 -6.69 -21.23 -8.53
CA VAL B 151 -7.32 -20.50 -9.62
C VAL B 151 -8.84 -20.48 -9.51
N THR B 152 -9.45 -21.38 -8.74
CA THR B 152 -10.90 -21.25 -8.63
C THR B 152 -11.29 -20.05 -7.77
N SER B 153 -10.36 -19.52 -6.97
CA SER B 153 -10.56 -18.29 -6.20
C SER B 153 -10.11 -17.04 -6.97
N ILE B 154 -8.95 -17.11 -7.63
CA ILE B 154 -8.35 -15.90 -8.19
C ILE B 154 -8.49 -15.81 -9.70
N THR B 155 -8.97 -16.86 -10.36
CA THR B 155 -9.38 -16.94 -11.77
C THR B 155 -8.55 -16.04 -12.70
N PRO B 156 -7.26 -16.37 -12.92
CA PRO B 156 -6.37 -15.44 -13.63
C PRO B 156 -6.79 -15.27 -15.08
N PRO B 157 -6.57 -14.08 -15.66
CA PRO B 157 -6.72 -13.94 -17.12
C PRO B 157 -5.95 -15.01 -17.86
N ALA B 158 -6.52 -15.41 -19.00
CA ALA B 158 -5.96 -16.40 -19.92
C ALA B 158 -5.92 -17.81 -19.33
N SER B 159 -6.73 -18.09 -18.31
CA SER B 159 -6.82 -19.45 -17.77
C SER B 159 -8.23 -20.03 -17.87
N ALA B 160 -9.03 -19.63 -18.88
CA ALA B 160 -10.42 -20.09 -18.91
C ALA B 160 -10.53 -21.62 -18.88
N VAL B 161 -9.73 -22.32 -19.68
CA VAL B 161 -9.85 -23.77 -19.71
C VAL B 161 -9.36 -24.38 -18.40
N TYR B 162 -8.14 -24.02 -17.98
CA TYR B 162 -7.58 -24.66 -16.79
C TYR B 162 -8.41 -24.34 -15.56
N SER B 163 -8.76 -23.07 -15.38
CA SER B 163 -9.61 -22.72 -14.23
C SER B 163 -10.96 -23.40 -14.33
N GLY B 164 -11.47 -23.54 -15.56
CA GLY B 164 -12.70 -24.30 -15.75
C GLY B 164 -12.58 -25.72 -15.23
N THR B 165 -11.46 -26.40 -15.55
CA THR B 165 -11.33 -27.77 -15.03
C THR B 165 -11.33 -27.79 -13.52
N LYS B 166 -10.69 -26.78 -12.90
CA LYS B 166 -10.57 -26.85 -11.45
C LYS B 166 -11.87 -26.40 -10.78
N GLY B 167 -12.64 -25.51 -11.43
CA GLY B 167 -13.98 -25.24 -10.94
C GLY B 167 -14.83 -26.49 -10.97
N ALA B 168 -14.70 -27.29 -12.02
CA ALA B 168 -15.41 -28.56 -12.07
C ALA B 168 -14.97 -29.47 -10.94
N VAL B 169 -13.67 -29.59 -10.70
CA VAL B 169 -13.20 -30.43 -9.60
C VAL B 169 -13.77 -29.95 -8.27
N ASP B 170 -13.81 -28.63 -8.06
CA ASP B 170 -14.37 -28.13 -6.80
C ASP B 170 -15.81 -28.59 -6.63
N ALA B 171 -16.60 -28.51 -7.71
CA ALA B 171 -18.00 -28.87 -7.61
C ALA B 171 -18.17 -30.37 -7.43
N ILE B 172 -17.39 -31.17 -8.16
CA ILE B 172 -17.42 -32.63 -8.00
C ILE B 172 -17.08 -33.02 -6.57
N THR B 173 -16.10 -32.33 -5.95
CA THR B 173 -15.76 -32.57 -4.54
C THR B 173 -16.99 -32.38 -3.64
N GLY B 174 -17.72 -31.29 -3.84
CA GLY B 174 -18.90 -31.07 -3.02
C GLY B 174 -19.99 -32.08 -3.25
N VAL B 175 -20.24 -32.43 -4.54
CA VAL B 175 -21.24 -33.46 -4.86
C VAL B 175 -20.90 -34.76 -4.16
N LEU B 176 -19.67 -35.25 -4.35
CA LEU B 176 -19.33 -36.55 -3.81
C LEU B 176 -19.28 -36.55 -2.29
N ALA B 177 -18.94 -35.42 -1.65
CA ALA B 177 -19.05 -35.36 -0.18
C ALA B 177 -20.48 -35.62 0.27
N LEU B 178 -21.46 -35.03 -0.41
CA LEU B 178 -22.85 -35.34 -0.06
C LEU B 178 -23.25 -36.75 -0.47
N GLU B 179 -22.87 -37.16 -1.69
CA GLU B 179 -23.30 -38.45 -2.22
C GLU B 179 -22.75 -39.61 -1.42
N LEU B 180 -21.51 -39.50 -0.96
CA LEU B 180 -20.82 -40.60 -0.28
C LEU B 180 -20.86 -40.44 1.23
N GLY B 181 -21.42 -39.34 1.74
CA GLY B 181 -21.60 -39.14 3.16
C GLY B 181 -22.23 -40.31 3.88
N PRO B 182 -23.34 -40.86 3.37
CA PRO B 182 -24.00 -41.97 4.09
C PRO B 182 -23.11 -43.19 4.24
N ARG B 183 -22.12 -43.35 3.37
CA ARG B 183 -21.14 -44.42 3.51
CA ARG B 183 -21.13 -44.41 3.49
C ARG B 183 -19.96 -44.01 4.37
N LYS B 184 -19.98 -42.78 4.91
CA LYS B 184 -18.94 -42.26 5.78
C LYS B 184 -17.60 -42.18 5.06
N ILE B 185 -17.66 -41.95 3.74
CA ILE B 185 -16.47 -41.64 2.93
C ILE B 185 -16.34 -40.13 2.85
N ARG B 186 -15.18 -39.59 3.20
CA ARG B 186 -14.95 -38.15 3.13
C ARG B 186 -14.36 -37.77 1.79
N VAL B 187 -14.75 -36.59 1.28
CA VAL B 187 -14.27 -36.10 0.01
C VAL B 187 -13.92 -34.62 0.19
N ASN B 188 -12.65 -34.27 -0.04
CA ASN B 188 -12.21 -32.89 0.18
C ASN B 188 -11.25 -32.52 -0.94
N ALA B 189 -11.07 -31.20 -1.13
CA ALA B 189 -10.11 -30.70 -2.09
C ALA B 189 -9.03 -29.89 -1.40
N ILE B 190 -7.83 -29.93 -1.98
CA ILE B 190 -6.77 -28.96 -1.70
C ILE B 190 -6.66 -28.06 -2.91
N ASN B 191 -6.57 -26.75 -2.68
CA ASN B 191 -6.47 -25.76 -3.76
C ASN B 191 -5.11 -25.09 -3.61
N PRO B 192 -4.04 -25.66 -4.18
CA PRO B 192 -2.71 -25.05 -4.03
C PRO B 192 -2.58 -23.73 -4.76
N GLY B 193 -1.75 -22.84 -4.19
CA GLY B 193 -1.23 -21.73 -4.95
C GLY B 193 -0.09 -22.21 -5.82
N MET B 194 0.70 -21.27 -6.32
CA MET B 194 1.79 -21.66 -7.21
C MET B 194 2.85 -22.44 -6.43
N ILE B 195 3.16 -23.65 -6.93
CA ILE B 195 4.12 -24.57 -6.33
C ILE B 195 5.22 -24.79 -7.35
N VAL B 196 6.47 -24.69 -6.90
CA VAL B 196 7.61 -25.02 -7.76
C VAL B 196 7.62 -26.53 -7.97
N THR B 197 7.40 -26.97 -9.21
CA THR B 197 7.35 -28.39 -9.54
C THR B 197 8.00 -28.61 -10.88
N GLU B 198 8.18 -29.89 -11.22
CA GLU B 198 8.66 -30.24 -12.54
C GLU B 198 7.78 -29.59 -13.59
N GLY B 199 6.47 -29.63 -13.35
CA GLY B 199 5.51 -29.12 -14.32
C GLY B 199 5.53 -27.61 -14.46
N THR B 200 5.71 -26.88 -13.34
CA THR B 200 5.73 -25.43 -13.54
C THR B 200 7.05 -24.98 -14.16
N HIS B 201 8.13 -25.73 -13.98
CA HIS B 201 9.35 -25.44 -14.75
CA HIS B 201 9.33 -25.42 -14.75
C HIS B 201 9.12 -25.72 -16.23
N SER B 202 8.59 -26.91 -16.55
CA SER B 202 8.46 -27.34 -17.95
C SER B 202 7.44 -26.48 -18.70
N ALA B 203 6.42 -26.00 -18.00
CA ALA B 203 5.41 -25.15 -18.62
C ALA B 203 5.86 -23.72 -18.82
N GLY B 204 7.06 -23.36 -18.37
CA GLY B 204 7.51 -21.98 -18.44
C GLY B 204 6.86 -21.06 -17.44
N ILE B 205 6.22 -21.62 -16.42
CA ILE B 205 5.49 -20.78 -15.47
C ILE B 205 6.43 -20.19 -14.43
N ILE B 206 7.40 -20.98 -13.97
CA ILE B 206 8.49 -20.40 -13.19
C ILE B 206 9.23 -19.43 -14.10
N GLY B 207 9.40 -18.18 -13.62
CA GLY B 207 10.03 -17.14 -14.41
C GLY B 207 9.06 -16.26 -15.19
N SER B 208 7.77 -16.59 -15.20
CA SER B 208 6.78 -15.92 -16.01
C SER B 208 6.25 -14.68 -15.30
N ASP B 209 5.50 -13.87 -16.06
CA ASP B 209 4.78 -12.76 -15.45
C ASP B 209 3.83 -13.24 -14.36
N LEU B 210 3.17 -14.38 -14.60
CA LEU B 210 2.24 -14.90 -13.61
C LEU B 210 2.94 -15.19 -12.29
N GLU B 211 4.13 -15.79 -12.36
CA GLU B 211 4.91 -16.04 -11.15
C GLU B 211 5.17 -14.74 -10.40
N ALA B 212 5.61 -13.71 -11.13
CA ALA B 212 5.85 -12.42 -10.52
C ALA B 212 4.61 -11.90 -9.82
N GLN B 213 3.46 -11.97 -10.51
CA GLN B 213 2.22 -11.45 -9.95
C GLN B 213 1.82 -12.22 -8.71
N VAL B 214 1.93 -13.54 -8.74
CA VAL B 214 1.53 -14.35 -7.60
C VAL B 214 2.44 -14.06 -6.41
N LEU B 215 3.75 -14.04 -6.64
CA LEU B 215 4.66 -13.76 -5.54
C LEU B 215 4.35 -12.41 -4.91
N GLY B 216 4.10 -11.38 -5.73
CA GLY B 216 3.84 -10.04 -5.24
C GLY B 216 2.55 -9.90 -4.46
N GLN B 217 1.69 -10.92 -4.50
CA GLN B 217 0.42 -10.92 -3.78
C GLN B 217 0.33 -12.06 -2.76
N THR B 218 1.43 -12.74 -2.45
CA THR B 218 1.38 -13.84 -1.51
C THR B 218 1.74 -13.35 -0.11
N PRO B 219 0.81 -13.39 0.84
CA PRO B 219 1.09 -12.83 2.18
C PRO B 219 2.32 -13.43 2.86
N LEU B 220 2.56 -14.73 2.71
CA LEU B 220 3.67 -15.35 3.42
C LEU B 220 4.97 -15.34 2.62
N GLY B 221 5.00 -14.63 1.49
CA GLY B 221 6.26 -14.10 1.01
C GLY B 221 7.20 -15.04 0.28
N ARG B 222 6.67 -16.08 -0.37
CA ARG B 222 7.48 -17.00 -1.16
C ARG B 222 6.55 -17.83 -2.03
N LEU B 223 7.12 -18.55 -2.99
CA LEU B 223 6.35 -19.56 -3.71
C LEU B 223 6.20 -20.80 -2.84
N GLY B 224 5.16 -21.57 -3.11
CA GLY B 224 4.99 -22.85 -2.41
C GLY B 224 5.93 -23.92 -2.93
N GLU B 225 6.12 -24.94 -2.12
CA GLU B 225 6.89 -26.12 -2.43
CA GLU B 225 6.89 -26.12 -2.43
C GLU B 225 6.02 -27.36 -2.26
N PRO B 226 6.37 -28.47 -2.91
CA PRO B 226 5.46 -29.63 -2.84
C PRO B 226 5.15 -30.07 -1.43
N ASN B 227 6.12 -30.01 -0.50
CA ASN B 227 5.81 -30.45 0.86
C ASN B 227 4.80 -29.54 1.56
N ASP B 228 4.61 -28.31 1.09
CA ASP B 228 3.57 -27.46 1.65
C ASP B 228 2.19 -28.05 1.42
N ILE B 229 2.03 -28.77 0.32
CA ILE B 229 0.78 -29.45 0.00
C ILE B 229 0.73 -30.81 0.65
N ALA B 230 1.87 -31.51 0.66
CA ALA B 230 1.90 -32.88 1.14
C ALA B 230 1.44 -32.97 2.59
N SER B 231 1.82 -32.00 3.45
CA SER B 231 1.43 -32.11 4.84
CA SER B 231 1.43 -32.04 4.85
C SER B 231 -0.07 -31.87 5.03
N VAL B 232 -0.69 -31.07 4.16
CA VAL B 232 -2.13 -30.89 4.24
C VAL B 232 -2.84 -32.15 3.74
N ALA B 233 -2.29 -32.79 2.71
CA ALA B 233 -2.87 -34.05 2.24
C ALA B 233 -2.83 -35.12 3.34
N VAL B 234 -1.73 -35.20 4.10
CA VAL B 234 -1.68 -36.17 5.20
C VAL B 234 -2.77 -35.88 6.22
N PHE B 235 -2.93 -34.60 6.58
CA PHE B 235 -4.02 -34.21 7.48
C PHE B 235 -5.37 -34.71 6.96
N LEU B 236 -5.72 -34.39 5.71
CA LEU B 236 -7.03 -34.78 5.19
C LEU B 236 -7.20 -36.29 5.07
N ALA B 237 -6.10 -37.02 4.81
CA ALA B 237 -6.16 -38.47 4.73
C ALA B 237 -6.39 -39.11 6.10
N SER B 238 -6.02 -38.42 7.17
CA SER B 238 -5.98 -38.99 8.51
C SER B 238 -7.30 -38.77 9.24
N ASP B 239 -7.42 -39.47 10.38
CA ASP B 239 -8.57 -39.30 11.25
C ASP B 239 -8.60 -37.92 11.89
N ASP B 240 -7.52 -37.13 11.80
CA ASP B 240 -7.59 -35.78 12.33
C ASP B 240 -8.61 -34.94 11.59
N ALA B 241 -8.90 -35.29 10.34
CA ALA B 241 -9.88 -34.62 9.51
C ALA B 241 -11.22 -35.37 9.46
N ARG B 242 -11.51 -36.22 10.46
CA ARG B 242 -12.69 -37.07 10.40
CA ARG B 242 -12.70 -37.07 10.41
C ARG B 242 -13.99 -36.29 10.32
N TRP B 243 -14.01 -35.01 10.74
CA TRP B 243 -15.25 -34.26 10.74
C TRP B 243 -15.27 -33.20 9.64
N MET B 244 -14.39 -33.34 8.65
CA MET B 244 -14.32 -32.42 7.51
CA MET B 244 -14.31 -32.43 7.52
C MET B 244 -14.63 -33.19 6.24
N THR B 245 -15.68 -32.75 5.54
CA THR B 245 -15.96 -33.28 4.21
C THR B 245 -16.63 -32.19 3.41
N GLY B 246 -16.31 -32.17 2.12
CA GLY B 246 -16.78 -31.14 1.22
C GLY B 246 -16.02 -29.84 1.32
N GLU B 247 -14.86 -29.84 1.95
CA GLU B 247 -14.08 -28.62 2.08
C GLU B 247 -13.14 -28.44 0.91
N HIS B 248 -12.66 -27.21 0.75
CA HIS B 248 -11.67 -26.84 -0.27
C HIS B 248 -10.63 -25.99 0.44
N LEU B 249 -9.48 -26.59 0.72
CA LEU B 249 -8.47 -25.97 1.57
C LEU B 249 -7.51 -25.21 0.65
N VAL B 250 -7.51 -23.88 0.73
CA VAL B 250 -6.58 -23.10 -0.08
C VAL B 250 -5.23 -23.12 0.61
N VAL B 251 -4.22 -23.63 -0.08
CA VAL B 251 -2.89 -23.79 0.49
C VAL B 251 -1.95 -23.02 -0.42
N SER B 252 -1.90 -21.72 -0.21
CA SER B 252 -1.31 -20.80 -1.15
C SER B 252 -0.48 -19.73 -0.46
N GLY B 253 -0.20 -19.90 0.83
CA GLY B 253 0.51 -18.85 1.55
C GLY B 253 -0.33 -17.62 1.78
N GLY B 254 -1.66 -17.76 1.65
CA GLY B 254 -2.56 -16.67 1.96
C GLY B 254 -3.17 -15.97 0.77
N LEU B 255 -2.88 -16.40 -0.46
CA LEU B 255 -3.44 -15.79 -1.64
C LEU B 255 -4.80 -16.41 -1.95
N ASN B 256 -5.85 -15.58 -2.02
CA ASN B 256 -7.17 -16.08 -2.39
C ASN B 256 -8.04 -14.96 -2.98
N SER C 10 -44.09 2.98 -13.07
CA SER C 10 -42.69 2.95 -12.64
C SER C 10 -42.48 1.78 -11.68
N LYS C 11 -41.21 1.38 -11.50
CA LYS C 11 -40.92 0.13 -10.81
CA LYS C 11 -40.90 0.13 -10.81
C LYS C 11 -41.31 0.16 -9.34
N LEU C 12 -41.33 1.34 -8.72
CA LEU C 12 -41.64 1.47 -7.29
C LEU C 12 -42.83 2.38 -7.05
N ALA C 13 -43.70 2.54 -8.05
CA ALA C 13 -44.89 3.40 -7.92
C ALA C 13 -45.70 3.02 -6.68
N GLY C 14 -46.05 4.04 -5.89
CA GLY C 14 -46.84 3.82 -4.70
C GLY C 14 -46.07 3.36 -3.49
N LYS C 15 -44.82 2.95 -3.64
CA LYS C 15 -44.09 2.36 -2.53
C LYS C 15 -43.38 3.43 -1.71
N VAL C 16 -42.94 3.02 -0.51
CA VAL C 16 -42.28 3.92 0.44
C VAL C 16 -40.98 3.29 0.89
N ALA C 17 -39.90 4.07 0.87
CA ALA C 17 -38.59 3.58 1.24
C ALA C 17 -38.02 4.46 2.34
N ILE C 18 -37.23 3.84 3.21
CA ILE C 18 -36.35 4.53 4.16
C ILE C 18 -34.93 4.29 3.69
N VAL C 19 -34.13 5.36 3.57
CA VAL C 19 -32.68 5.22 3.38
C VAL C 19 -31.99 5.85 4.59
N THR C 20 -31.31 5.03 5.38
CA THR C 20 -30.56 5.60 6.49
C THR C 20 -29.28 6.23 5.95
N GLY C 21 -28.90 7.37 6.53
CA GLY C 21 -27.68 8.03 6.08
C GLY C 21 -27.75 8.49 4.64
N ALA C 22 -28.81 9.23 4.32
CA ALA C 22 -29.02 9.66 2.94
C ALA C 22 -28.66 11.13 2.74
N SER C 23 -27.97 11.76 3.69
CA SER C 23 -27.58 13.15 3.53
C SER C 23 -26.27 13.32 2.77
N LYS C 24 -25.58 12.22 2.46
CA LYS C 24 -24.28 12.21 1.80
C LYS C 24 -24.15 10.95 0.95
N GLY C 25 -23.22 10.99 -0.01
CA GLY C 25 -22.59 9.77 -0.51
C GLY C 25 -23.53 8.77 -1.17
N ILE C 26 -23.29 7.50 -0.85
CA ILE C 26 -24.06 6.40 -1.44
C ILE C 26 -25.52 6.53 -1.09
N GLY C 27 -25.82 6.82 0.18
CA GLY C 27 -27.22 6.90 0.59
C GLY C 27 -27.98 8.00 -0.14
N ALA C 28 -27.36 9.17 -0.32
CA ALA C 28 -28.03 10.24 -1.06
C ALA C 28 -28.36 9.77 -2.48
N ALA C 29 -27.41 9.10 -3.14
CA ALA C 29 -27.65 8.63 -4.49
C ALA C 29 -28.74 7.57 -4.52
N ILE C 30 -28.75 6.66 -3.54
CA ILE C 30 -29.81 5.63 -3.49
C ILE C 30 -31.18 6.29 -3.29
N ALA C 31 -31.27 7.25 -2.37
CA ALA C 31 -32.55 7.92 -2.13
C ALA C 31 -33.09 8.55 -3.41
N LYS C 32 -32.24 9.27 -4.15
CA LYS C 32 -32.70 9.93 -5.35
C LYS C 32 -33.10 8.93 -6.43
N ALA C 33 -32.37 7.82 -6.52
CA ALA C 33 -32.66 6.82 -7.55
C ALA C 33 -33.97 6.08 -7.24
N LEU C 34 -34.22 5.77 -5.97
CA LEU C 34 -35.48 5.13 -5.63
C LEU C 34 -36.65 6.04 -5.95
N ALA C 35 -36.51 7.33 -5.63
CA ALA C 35 -37.58 8.27 -5.92
C ALA C 35 -37.82 8.38 -7.42
N ASP C 36 -36.73 8.36 -8.22
CA ASP C 36 -36.88 8.39 -9.67
CA ASP C 36 -36.89 8.41 -9.66
C ASP C 36 -37.77 7.26 -10.17
N GLU C 37 -37.83 6.15 -9.45
CA GLU C 37 -38.68 5.03 -9.84
C GLU C 37 -40.01 5.07 -9.10
N GLY C 38 -40.33 6.18 -8.44
CA GLY C 38 -41.66 6.37 -7.90
C GLY C 38 -41.79 6.19 -6.40
N ALA C 39 -40.73 5.78 -5.70
CA ALA C 39 -40.84 5.59 -4.26
C ALA C 39 -40.87 6.93 -3.55
N ALA C 40 -41.70 7.03 -2.52
CA ALA C 40 -41.56 8.12 -1.55
C ALA C 40 -40.45 7.75 -0.60
N VAL C 41 -39.55 8.69 -0.28
CA VAL C 41 -38.31 8.34 0.41
C VAL C 41 -38.18 9.12 1.72
N VAL C 42 -38.00 8.38 2.82
CA VAL C 42 -37.58 8.96 4.08
C VAL C 42 -36.06 9.10 4.05
N VAL C 43 -35.57 10.32 4.11
CA VAL C 43 -34.17 10.68 3.93
C VAL C 43 -33.61 10.96 5.32
N ASN C 44 -32.91 9.99 5.90
CA ASN C 44 -32.39 10.12 7.26
C ASN C 44 -31.01 10.77 7.24
N TYR C 45 -30.79 11.63 8.22
CA TYR C 45 -29.47 12.22 8.45
C TYR C 45 -29.15 12.12 9.93
N ALA C 46 -27.86 12.26 10.25
CA ALA C 46 -27.43 12.30 11.64
C ALA C 46 -26.95 13.71 11.95
N SER C 47 -25.80 14.13 11.40
CA SER C 47 -25.26 15.45 11.68
C SER C 47 -25.62 16.51 10.64
N SER C 48 -26.10 16.14 9.45
CA SER C 48 -26.24 17.12 8.36
C SER C 48 -27.69 17.24 7.87
N LYS C 49 -28.48 18.03 8.59
CA LYS C 49 -29.80 18.39 8.10
C LYS C 49 -29.72 19.03 6.71
N ALA C 50 -28.72 19.91 6.49
CA ALA C 50 -28.64 20.58 5.19
C ALA C 50 -28.47 19.59 4.04
N GLY C 51 -27.69 18.54 4.26
CA GLY C 51 -27.51 17.52 3.23
C GLY C 51 -28.79 16.78 2.92
N ALA C 52 -29.52 16.38 3.97
CA ALA C 52 -30.80 15.72 3.77
C ALA C 52 -31.79 16.63 3.06
N ASP C 53 -31.82 17.92 3.44
CA ASP C 53 -32.75 18.85 2.82
C ASP C 53 -32.45 19.02 1.34
N ALA C 54 -31.17 19.04 0.96
CA ALA C 54 -30.83 19.14 -0.44
C ALA C 54 -31.29 17.91 -1.22
N VAL C 55 -31.15 16.73 -0.61
CA VAL C 55 -31.60 15.49 -1.25
C VAL C 55 -33.11 15.48 -1.41
N VAL C 56 -33.83 15.85 -0.34
CA VAL C 56 -35.28 15.95 -0.42
C VAL C 56 -35.68 16.91 -1.53
N SER C 57 -35.00 18.06 -1.64
CA SER C 57 -35.34 19.03 -2.68
C SER C 57 -35.05 18.48 -4.08
N ALA C 58 -33.92 17.80 -4.26
CA ALA C 58 -33.65 17.19 -5.55
C ALA C 58 -34.75 16.21 -5.91
N ILE C 59 -35.25 15.46 -4.92
CA ILE C 59 -36.31 14.51 -5.17
C ILE C 59 -37.62 15.21 -5.55
N THR C 60 -38.03 16.21 -4.76
CA THR C 60 -39.28 16.89 -5.11
C THR C 60 -39.17 17.67 -6.42
N GLU C 61 -37.99 18.25 -6.73
CA GLU C 61 -37.82 18.96 -8.00
C GLU C 61 -37.97 18.03 -9.20
N ALA C 62 -37.67 16.73 -9.03
CA ALA C 62 -37.85 15.77 -10.11
C ALA C 62 -39.25 15.16 -10.12
N GLY C 63 -40.15 15.67 -9.28
CA GLY C 63 -41.52 15.21 -9.26
C GLY C 63 -41.86 14.17 -8.19
N GLY C 64 -40.96 13.89 -7.26
CA GLY C 64 -41.15 12.84 -6.28
C GLY C 64 -41.54 13.36 -4.90
N ARG C 65 -41.67 12.42 -3.95
CA ARG C 65 -41.99 12.69 -2.55
C ARG C 65 -40.83 12.25 -1.65
N ALA C 66 -40.47 13.11 -0.70
CA ALA C 66 -39.45 12.76 0.27
C ALA C 66 -39.64 13.61 1.52
N VAL C 67 -39.05 13.14 2.62
CA VAL C 67 -39.10 13.86 3.89
C VAL C 67 -37.81 13.56 4.64
N ALA C 68 -37.24 14.57 5.26
CA ALA C 68 -36.01 14.38 6.02
C ALA C 68 -36.32 14.07 7.47
N VAL C 69 -35.48 13.22 8.08
CA VAL C 69 -35.64 12.93 9.50
C VAL C 69 -34.25 12.76 10.12
N GLY C 70 -34.00 13.46 11.22
CA GLY C 70 -32.74 13.35 11.92
C GLY C 70 -32.81 12.22 12.93
N GLY C 71 -31.76 11.40 12.94
CA GLY C 71 -31.70 10.34 13.93
C GLY C 71 -30.43 9.53 13.83
N ASP C 72 -29.97 9.06 14.99
CA ASP C 72 -28.79 8.21 15.13
C ASP C 72 -29.29 6.78 15.18
N VAL C 73 -29.00 6.01 14.12
CA VAL C 73 -29.50 4.63 14.05
C VAL C 73 -29.02 3.76 15.21
N SER C 74 -27.92 4.13 15.87
CA SER C 74 -27.42 3.34 16.99
C SER C 74 -28.20 3.57 18.28
N LYS C 75 -29.13 4.52 18.28
CA LYS C 75 -29.99 4.81 19.41
C LYS C 75 -31.38 4.26 19.15
N ALA C 76 -31.84 3.37 20.03
CA ALA C 76 -33.11 2.69 19.80
C ALA C 76 -34.26 3.67 19.55
N ALA C 77 -34.32 4.76 20.33
CA ALA C 77 -35.44 5.68 20.16
C ALA C 77 -35.37 6.39 18.81
N ASP C 78 -34.15 6.64 18.31
CA ASP C 78 -34.04 7.30 17.02
C ASP C 78 -34.37 6.33 15.89
N ALA C 79 -33.91 5.08 15.98
CA ALA C 79 -34.26 4.09 14.97
C ALA C 79 -35.77 3.95 14.87
N GLN C 80 -36.46 3.93 16.01
CA GLN C 80 -37.91 3.84 16.01
C GLN C 80 -38.54 5.08 15.38
N ARG C 81 -38.01 6.26 15.68
CA ARG C 81 -38.56 7.48 15.11
C ARG C 81 -38.34 7.55 13.59
N ILE C 82 -37.20 7.06 13.09
CA ILE C 82 -37.01 7.00 11.65
C ILE C 82 -38.11 6.18 11.00
N VAL C 83 -38.41 5.01 11.57
CA VAL C 83 -39.43 4.14 10.99
C VAL C 83 -40.81 4.77 11.15
N ASP C 84 -41.09 5.36 12.33
CA ASP C 84 -42.38 6.02 12.53
C ASP C 84 -42.60 7.13 11.52
N THR C 85 -41.52 7.82 11.09
CA THR C 85 -41.66 8.88 10.10
C THR C 85 -42.24 8.35 8.80
N ALA C 86 -41.81 7.18 8.36
CA ALA C 86 -42.39 6.60 7.15
C ALA C 86 -43.88 6.35 7.33
N ILE C 87 -44.26 5.75 8.46
CA ILE C 87 -45.67 5.38 8.66
C ILE C 87 -46.53 6.62 8.86
N GLU C 88 -46.05 7.59 9.66
CA GLU C 88 -46.83 8.81 9.89
C GLU C 88 -46.96 9.64 8.63
N THR C 89 -45.90 9.70 7.81
CA THR C 89 -45.92 10.59 6.65
C THR C 89 -46.62 9.96 5.46
N TYR C 90 -46.40 8.66 5.24
CA TYR C 90 -46.86 7.98 4.02
C TYR C 90 -47.78 6.80 4.24
N GLY C 91 -47.91 6.29 5.47
CA GLY C 91 -48.87 5.25 5.79
C GLY C 91 -48.44 3.81 5.56
N ARG C 92 -47.24 3.56 5.06
CA ARG C 92 -46.79 2.21 4.70
C ARG C 92 -45.27 2.24 4.60
N LEU C 93 -44.68 1.05 4.56
CA LEU C 93 -43.24 0.94 4.35
C LEU C 93 -43.00 -0.30 3.51
N ASP C 94 -42.17 -0.16 2.45
CA ASP C 94 -41.90 -1.27 1.55
C ASP C 94 -40.44 -1.62 1.42
N VAL C 95 -39.55 -0.62 1.51
CA VAL C 95 -38.13 -0.79 1.23
C VAL C 95 -37.35 -0.15 2.37
N LEU C 96 -36.40 -0.89 2.94
CA LEU C 96 -35.48 -0.32 3.93
C LEU C 96 -34.07 -0.51 3.42
N VAL C 97 -33.35 0.60 3.25
CA VAL C 97 -31.94 0.58 2.88
C VAL C 97 -31.14 0.98 4.11
N ASN C 98 -30.45 0.00 4.70
CA ASN C 98 -29.55 0.24 5.82
C ASN C 98 -28.20 0.64 5.25
N ASN C 99 -28.05 1.95 5.04
CA ASN C 99 -26.86 2.49 4.43
C ASN C 99 -25.96 3.21 5.42
N SER C 100 -26.50 3.79 6.50
CA SER C 100 -25.67 4.52 7.47
CA SER C 100 -25.66 4.52 7.43
C SER C 100 -24.47 3.68 7.89
N GLY C 101 -23.29 4.29 7.86
CA GLY C 101 -22.11 3.53 8.23
C GLY C 101 -20.94 4.47 8.35
N VAL C 102 -19.96 4.10 9.18
CA VAL C 102 -18.71 4.82 9.32
C VAL C 102 -17.55 3.85 9.13
N TYR C 103 -16.39 4.41 8.79
CA TYR C 103 -15.21 3.57 8.56
C TYR C 103 -13.98 4.30 9.06
N GLU C 104 -13.16 3.56 9.78
CA GLU C 104 -11.84 4.06 10.17
C GLU C 104 -10.92 2.85 10.24
N PHE C 105 -9.76 2.96 9.59
CA PHE C 105 -8.78 1.88 9.65
C PHE C 105 -7.87 2.08 10.86
N ALA C 106 -7.36 0.95 11.39
CA ALA C 106 -6.30 0.95 12.40
C ALA C 106 -5.69 -0.44 12.44
N PRO C 107 -4.37 -0.57 12.48
CA PRO C 107 -3.77 -1.90 12.69
C PRO C 107 -4.09 -2.40 14.08
N ILE C 108 -3.89 -3.70 14.28
CA ILE C 108 -4.36 -4.36 15.50
C ILE C 108 -3.88 -3.66 16.77
N GLU C 109 -2.63 -3.19 16.82
CA GLU C 109 -2.15 -2.59 18.06
C GLU C 109 -2.70 -1.21 18.31
N ALA C 110 -3.25 -0.57 17.28
CA ALA C 110 -3.79 0.77 17.42
C ALA C 110 -5.28 0.78 17.74
N ILE C 111 -5.94 -0.38 17.76
CA ILE C 111 -7.37 -0.42 18.01
C ILE C 111 -7.66 0.03 19.44
N THR C 112 -8.53 1.03 19.57
CA THR C 112 -9.01 1.50 20.86
C THR C 112 -10.47 1.09 21.06
N GLU C 113 -10.93 1.18 22.31
CA GLU C 113 -12.32 0.86 22.60
C GLU C 113 -13.28 1.77 21.84
N GLU C 114 -13.00 3.08 21.77
CA GLU C 114 -13.89 3.97 21.02
C GLU C 114 -13.91 3.66 19.53
N HIS C 115 -12.74 3.33 18.97
CA HIS C 115 -12.64 3.00 17.55
C HIS C 115 -13.49 1.77 17.24
N TYR C 116 -13.44 0.79 18.15
CA TYR C 116 -14.24 -0.43 18.01
C TYR C 116 -15.73 -0.13 18.20
N ARG C 117 -16.09 0.51 19.33
CA ARG C 117 -17.51 0.67 19.65
C ARG C 117 -18.23 1.58 18.66
N ARG C 118 -17.59 2.67 18.22
CA ARG C 118 -18.26 3.60 17.31
CA ARG C 118 -18.27 3.59 17.32
C ARG C 118 -18.68 2.89 16.03
N GLN C 119 -17.79 2.06 15.48
CA GLN C 119 -18.09 1.42 14.21
C GLN C 119 -19.09 0.29 14.40
N PHE C 120 -18.94 -0.52 15.45
CA PHE C 120 -19.93 -1.60 15.63
C PHE C 120 -21.30 -1.04 16.01
N ASP C 121 -21.35 0.01 16.84
CA ASP C 121 -22.65 0.56 17.22
C ASP C 121 -23.41 1.07 16.01
N THR C 122 -22.75 1.83 15.13
CA THR C 122 -23.43 2.36 13.95
C THR C 122 -23.67 1.28 12.90
N ASN C 123 -22.62 0.54 12.55
CA ASN C 123 -22.66 -0.33 11.38
C ASN C 123 -23.37 -1.64 11.64
N VAL C 124 -23.46 -2.10 12.89
CA VAL C 124 -24.10 -3.39 13.17
C VAL C 124 -25.34 -3.15 14.03
N PHE C 125 -25.18 -2.53 15.21
CA PHE C 125 -26.36 -2.33 16.05
C PHE C 125 -27.38 -1.44 15.34
N GLY C 126 -26.92 -0.42 14.62
CA GLY C 126 -27.86 0.44 13.89
C GLY C 126 -28.66 -0.31 12.83
N VAL C 127 -28.02 -1.27 12.15
CA VAL C 127 -28.74 -2.11 11.20
C VAL C 127 -29.80 -2.93 11.92
N LEU C 128 -29.40 -3.54 13.03
CA LEU C 128 -30.35 -4.37 13.79
C LEU C 128 -31.51 -3.54 14.34
N LEU C 129 -31.22 -2.38 14.93
CA LEU C 129 -32.29 -1.58 15.51
C LEU C 129 -33.26 -1.06 14.46
N THR C 130 -32.74 -0.56 13.34
CA THR C 130 -33.64 0.00 12.34
C THR C 130 -34.46 -1.09 11.68
N THR C 131 -33.84 -2.24 11.40
CA THR C 131 -34.58 -3.36 10.83
C THR C 131 -35.63 -3.86 11.81
N GLN C 132 -35.29 -3.94 13.10
CA GLN C 132 -36.25 -4.39 14.12
C GLN C 132 -37.46 -3.48 14.16
N ALA C 133 -37.24 -2.16 14.09
CA ALA C 133 -38.39 -1.25 14.08
C ALA C 133 -39.19 -1.38 12.80
N ALA C 134 -38.52 -1.63 11.68
CA ALA C 134 -39.20 -1.65 10.38
C ALA C 134 -40.07 -2.88 10.19
N VAL C 135 -39.63 -4.04 10.71
CA VAL C 135 -40.22 -5.31 10.31
CA VAL C 135 -40.23 -5.31 10.29
C VAL C 135 -41.69 -5.39 10.68
N LYS C 136 -42.11 -4.71 11.75
CA LYS C 136 -43.52 -4.68 12.13
C LYS C 136 -44.41 -4.24 10.97
N HIS C 137 -43.89 -3.41 10.07
CA HIS C 137 -44.68 -2.81 9.01
C HIS C 137 -44.46 -3.47 7.67
N LEU C 138 -43.59 -4.45 7.60
CA LEU C 138 -43.23 -5.06 6.31
C LEU C 138 -44.09 -6.27 6.04
N GLY C 139 -44.49 -6.40 4.78
CA GLY C 139 -45.28 -7.54 4.33
C GLY C 139 -44.70 -8.14 3.07
N GLU C 140 -45.50 -8.98 2.41
CA GLU C 140 -45.04 -9.70 1.24
CA GLU C 140 -45.03 -9.70 1.24
C GLU C 140 -44.58 -8.74 0.15
N GLY C 141 -43.38 -9.00 -0.39
CA GLY C 141 -42.78 -8.14 -1.41
C GLY C 141 -41.88 -7.05 -0.88
N ALA C 142 -41.82 -6.86 0.44
CA ALA C 142 -40.91 -5.85 0.96
C ALA C 142 -39.47 -6.24 0.66
N SER C 143 -38.59 -5.25 0.67
CA SER C 143 -37.19 -5.47 0.32
C SER C 143 -36.30 -4.70 1.30
N ILE C 144 -35.44 -5.44 2.00
CA ILE C 144 -34.43 -4.87 2.89
C ILE C 144 -33.09 -5.00 2.20
N ILE C 145 -32.37 -3.89 2.10
CA ILE C 145 -31.09 -3.81 1.39
C ILE C 145 -30.06 -3.30 2.38
N ASN C 146 -29.06 -4.13 2.71
CA ASN C 146 -28.01 -3.73 3.63
C ASN C 146 -26.78 -3.32 2.84
N ILE C 147 -26.22 -2.16 3.13
CA ILE C 147 -25.00 -1.75 2.45
C ILE C 147 -23.82 -2.27 3.27
N SER C 148 -23.18 -3.31 2.76
CA SER C 148 -22.01 -3.91 3.39
C SER C 148 -20.76 -3.33 2.72
N SER C 149 -19.80 -4.12 2.27
CA SER C 149 -18.57 -3.65 1.67
C SER C 149 -17.83 -4.83 1.06
N VAL C 150 -17.12 -4.55 -0.04
CA VAL C 150 -16.23 -5.55 -0.61
C VAL C 150 -15.09 -5.93 0.35
N VAL C 151 -14.88 -5.18 1.45
CA VAL C 151 -13.86 -5.61 2.38
C VAL C 151 -14.19 -6.97 2.97
N THR C 152 -15.45 -7.43 2.89
CA THR C 152 -15.67 -8.78 3.40
C THR C 152 -15.07 -9.84 2.48
N SER C 153 -14.75 -9.48 1.24
CA SER C 153 -14.03 -10.36 0.30
C SER C 153 -12.52 -10.16 0.35
N ILE C 154 -12.08 -8.89 0.39
CA ILE C 154 -10.67 -8.60 0.20
C ILE C 154 -9.94 -8.28 1.50
N THR C 155 -10.67 -8.13 2.62
CA THR C 155 -10.20 -7.97 4.00
C THR C 155 -8.84 -7.27 4.13
N PRO C 156 -8.78 -5.97 3.86
CA PRO C 156 -7.48 -5.30 3.77
C PRO C 156 -6.79 -5.25 5.12
N PRO C 157 -5.46 -5.25 5.14
CA PRO C 157 -4.74 -5.00 6.40
C PRO C 157 -5.18 -3.70 7.03
N ALA C 158 -5.10 -3.66 8.37
CA ALA C 158 -5.48 -2.49 9.18
C ALA C 158 -6.96 -2.17 9.11
N SER C 159 -7.82 -3.14 8.76
CA SER C 159 -9.25 -2.88 8.76
C SER C 159 -10.00 -3.87 9.63
N ALA C 160 -9.38 -4.40 10.68
CA ALA C 160 -10.04 -5.45 11.45
C ALA C 160 -11.41 -5.01 11.98
N VAL C 161 -11.52 -3.81 12.56
CA VAL C 161 -12.81 -3.40 13.11
C VAL C 161 -13.83 -3.17 11.99
N TYR C 162 -13.47 -2.38 10.97
CA TYR C 162 -14.44 -2.04 9.93
C TYR C 162 -14.86 -3.28 9.15
N SER C 163 -13.90 -4.10 8.73
CA SER C 163 -14.24 -5.32 8.02
C SER C 163 -15.03 -6.25 8.92
N GLY C 164 -14.68 -6.28 10.20
CA GLY C 164 -15.50 -7.01 11.15
C GLY C 164 -16.95 -6.58 11.12
N THR C 165 -17.20 -5.27 11.12
CA THR C 165 -18.61 -4.84 11.09
C THR C 165 -19.32 -5.30 9.83
N LYS C 166 -18.62 -5.30 8.70
CA LYS C 166 -19.30 -5.63 7.46
C LYS C 166 -19.45 -7.14 7.31
N GLY C 167 -18.50 -7.91 7.88
CA GLY C 167 -18.72 -9.34 7.98
C GLY C 167 -19.95 -9.67 8.79
N ALA C 168 -20.18 -8.91 9.87
CA ALA C 168 -21.40 -9.07 10.64
C ALA C 168 -22.63 -8.74 9.81
N VAL C 169 -22.58 -7.64 9.04
CA VAL C 169 -23.70 -7.28 8.17
C VAL C 169 -23.97 -8.37 7.14
N ASP C 170 -22.92 -8.96 6.55
CA ASP C 170 -23.14 -10.04 5.59
C ASP C 170 -23.89 -11.19 6.24
N ALA C 171 -23.48 -11.57 7.45
CA ALA C 171 -24.13 -12.70 8.14
C ALA C 171 -25.57 -12.36 8.54
N ILE C 172 -25.80 -11.15 9.05
CA ILE C 172 -27.14 -10.71 9.41
C ILE C 172 -28.05 -10.75 8.19
N THR C 173 -27.53 -10.33 7.03
CA THR C 173 -28.29 -10.41 5.80
C THR C 173 -28.77 -11.83 5.54
N GLY C 174 -27.85 -12.79 5.63
CA GLY C 174 -28.24 -14.18 5.40
C GLY C 174 -29.25 -14.70 6.41
N VAL C 175 -29.06 -14.38 7.70
CA VAL C 175 -30.00 -14.80 8.74
C VAL C 175 -31.38 -14.27 8.44
N LEU C 176 -31.49 -12.95 8.20
CA LEU C 176 -32.81 -12.36 8.06
C LEU C 176 -33.46 -12.80 6.76
N ALA C 177 -32.69 -13.11 5.73
CA ALA C 177 -33.29 -13.68 4.53
C ALA C 177 -34.00 -14.99 4.86
N LEU C 178 -33.39 -15.85 5.67
CA LEU C 178 -34.06 -17.09 6.04
C LEU C 178 -35.19 -16.82 7.04
N GLU C 179 -34.94 -15.95 8.02
CA GLU C 179 -35.90 -15.72 9.08
C GLU C 179 -37.19 -15.07 8.55
N LEU C 180 -37.05 -14.17 7.60
CA LEU C 180 -38.19 -13.42 7.08
C LEU C 180 -38.72 -14.00 5.78
N GLY C 181 -38.07 -15.03 5.22
CA GLY C 181 -38.56 -15.68 4.03
C GLY C 181 -40.01 -16.12 4.07
N PRO C 182 -40.50 -16.71 5.17
CA PRO C 182 -41.90 -17.14 5.21
C PRO C 182 -42.88 -15.99 5.02
N ARG C 183 -42.49 -14.77 5.41
CA ARG C 183 -43.30 -13.57 5.20
CA ARG C 183 -43.29 -13.57 5.20
C ARG C 183 -43.07 -12.95 3.82
N LYS C 184 -42.23 -13.58 2.98
CA LYS C 184 -41.93 -13.12 1.62
C LYS C 184 -41.31 -11.73 1.62
N ILE C 185 -40.54 -11.44 2.68
CA ILE C 185 -39.71 -10.25 2.78
C ILE C 185 -38.31 -10.62 2.32
N ARG C 186 -37.77 -9.90 1.33
CA ARG C 186 -36.44 -10.21 0.83
C ARG C 186 -35.39 -9.40 1.58
N VAL C 187 -34.20 -9.98 1.73
CA VAL C 187 -33.11 -9.31 2.46
C VAL C 187 -31.84 -9.60 1.67
N ASN C 188 -31.18 -8.55 1.18
CA ASN C 188 -29.98 -8.70 0.37
C ASN C 188 -28.99 -7.63 0.76
N ALA C 189 -27.73 -7.86 0.42
CA ALA C 189 -26.67 -6.88 0.66
C ALA C 189 -26.05 -6.45 -0.65
N ILE C 190 -25.59 -5.19 -0.67
CA ILE C 190 -24.68 -4.70 -1.70
C ILE C 190 -23.33 -4.51 -1.04
N ASN C 191 -22.26 -4.95 -1.71
CA ASN C 191 -20.91 -4.88 -1.18
C ASN C 191 -20.11 -3.99 -2.12
N PRO C 192 -20.15 -2.68 -1.91
CA PRO C 192 -19.45 -1.75 -2.82
C PRO C 192 -17.95 -1.89 -2.71
N GLY C 193 -17.28 -1.65 -3.85
CA GLY C 193 -15.87 -1.31 -3.83
C GLY C 193 -15.70 0.13 -3.41
N MET C 194 -14.51 0.68 -3.64
CA MET C 194 -14.26 2.06 -3.26
C MET C 194 -15.12 3.00 -4.10
N ILE C 195 -15.86 3.85 -3.40
CA ILE C 195 -16.76 4.82 -4.03
C ILE C 195 -16.31 6.20 -3.57
N VAL C 196 -16.18 7.12 -4.52
CA VAL C 196 -15.84 8.51 -4.19
C VAL C 196 -17.07 9.15 -3.52
N THR C 197 -16.95 9.51 -2.23
CA THR C 197 -18.04 10.11 -1.47
C THR C 197 -17.47 11.17 -0.53
N GLU C 198 -18.37 11.91 0.12
CA GLU C 198 -17.91 12.83 1.15
C GLU C 198 -17.13 12.09 2.22
N GLY C 199 -17.62 10.93 2.64
CA GLY C 199 -16.93 10.15 3.66
C GLY C 199 -15.54 9.69 3.25
N THR C 200 -15.35 9.25 1.99
CA THR C 200 -13.99 8.79 1.68
C THR C 200 -13.03 9.95 1.56
N HIS C 201 -13.53 11.15 1.21
CA HIS C 201 -12.73 12.37 1.33
CA HIS C 201 -12.70 12.34 1.32
C HIS C 201 -12.33 12.61 2.78
N SER C 202 -13.32 12.62 3.68
CA SER C 202 -13.05 12.97 5.08
C SER C 202 -12.17 11.95 5.78
N ALA C 203 -12.24 10.68 5.37
CA ALA C 203 -11.50 9.62 6.06
C ALA C 203 -10.05 9.53 5.60
N GLY C 204 -9.63 10.32 4.64
CA GLY C 204 -8.29 10.14 4.16
C GLY C 204 -8.14 8.93 3.26
N ILE C 205 -9.23 8.49 2.64
CA ILE C 205 -9.14 7.38 1.70
CA ILE C 205 -9.16 7.38 1.70
C ILE C 205 -8.84 7.87 0.30
N ILE C 206 -9.48 8.95 -0.14
CA ILE C 206 -9.12 9.56 -1.40
C ILE C 206 -7.70 10.08 -1.30
N GLY C 207 -6.88 9.75 -2.28
CA GLY C 207 -5.49 10.15 -2.28
C GLY C 207 -4.57 9.31 -1.42
N SER C 208 -5.08 8.22 -0.85
CA SER C 208 -4.28 7.33 -0.03
C SER C 208 -3.59 6.26 -0.86
N ASP C 209 -2.68 5.53 -0.20
CA ASP C 209 -2.10 4.38 -0.85
C ASP C 209 -3.16 3.32 -1.14
N LEU C 210 -4.16 3.17 -0.28
CA LEU C 210 -5.23 2.20 -0.53
C LEU C 210 -5.96 2.52 -1.83
N GLU C 211 -6.21 3.80 -2.09
CA GLU C 211 -6.88 4.16 -3.34
C GLU C 211 -6.05 3.74 -4.55
N ALA C 212 -4.73 3.88 -4.48
CA ALA C 212 -3.89 3.44 -5.59
C ALA C 212 -3.90 1.92 -5.72
N GLN C 213 -3.81 1.20 -4.61
CA GLN C 213 -3.88 -0.25 -4.65
C GLN C 213 -5.19 -0.70 -5.28
N VAL C 214 -6.30 -0.11 -4.82
CA VAL C 214 -7.61 -0.54 -5.30
C VAL C 214 -7.77 -0.24 -6.78
N LEU C 215 -7.46 0.99 -7.18
CA LEU C 215 -7.66 1.36 -8.58
C LEU C 215 -6.84 0.49 -9.51
N GLY C 216 -5.65 0.07 -9.09
CA GLY C 216 -4.82 -0.77 -9.94
C GLY C 216 -5.27 -2.21 -10.01
N GLN C 217 -6.10 -2.65 -9.07
CA GLN C 217 -6.65 -3.99 -9.07
C GLN C 217 -8.10 -4.02 -9.53
N THR C 218 -8.62 -2.90 -10.09
CA THR C 218 -10.01 -2.83 -10.52
C THR C 218 -10.09 -3.15 -12.01
N PRO C 219 -10.70 -4.28 -12.37
CA PRO C 219 -10.75 -4.67 -13.80
C PRO C 219 -11.36 -3.61 -14.71
N LEU C 220 -12.40 -2.91 -14.27
CA LEU C 220 -13.07 -1.96 -15.14
C LEU C 220 -12.46 -0.55 -15.11
N GLY C 221 -11.34 -0.36 -14.39
CA GLY C 221 -10.43 0.72 -14.69
C GLY C 221 -10.79 2.11 -14.19
N ARG C 222 -11.59 2.23 -13.14
CA ARG C 222 -11.86 3.51 -12.52
C ARG C 222 -12.30 3.25 -11.08
N LEU C 223 -12.39 4.33 -10.29
CA LEU C 223 -13.06 4.25 -9.01
C LEU C 223 -14.57 4.27 -9.21
N GLY C 224 -15.28 3.78 -8.22
CA GLY C 224 -16.72 3.80 -8.28
C GLY C 224 -17.29 5.16 -7.88
N GLU C 225 -18.53 5.36 -8.30
CA GLU C 225 -19.32 6.57 -8.05
C GLU C 225 -20.61 6.17 -7.37
N PRO C 226 -21.24 7.10 -6.62
CA PRO C 226 -22.48 6.71 -5.91
C PRO C 226 -23.54 6.08 -6.81
N ASN C 227 -23.68 6.56 -8.05
CA ASN C 227 -24.73 6.00 -8.92
C ASN C 227 -24.43 4.58 -9.35
N ASP C 228 -23.16 4.14 -9.25
CA ASP C 228 -22.87 2.73 -9.51
C ASP C 228 -23.55 1.84 -8.50
N ILE C 229 -23.71 2.32 -7.27
CA ILE C 229 -24.42 1.54 -6.24
C ILE C 229 -25.92 1.78 -6.33
N ALA C 230 -26.32 3.03 -6.58
CA ALA C 230 -27.73 3.35 -6.58
C ALA C 230 -28.52 2.51 -7.59
N SER C 231 -27.96 2.26 -8.77
CA SER C 231 -28.74 1.49 -9.75
CA SER C 231 -28.70 1.47 -9.77
C SER C 231 -28.93 0.04 -9.30
N VAL C 232 -27.98 -0.51 -8.56
CA VAL C 232 -28.12 -1.87 -8.04
C VAL C 232 -29.13 -1.90 -6.91
N ALA C 233 -29.16 -0.85 -6.09
CA ALA C 233 -30.17 -0.76 -5.04
C ALA C 233 -31.58 -0.70 -5.61
N VAL C 234 -31.77 0.04 -6.70
CA VAL C 234 -33.09 0.10 -7.32
C VAL C 234 -33.50 -1.28 -7.80
N PHE C 235 -32.58 -1.99 -8.47
CA PHE C 235 -32.86 -3.36 -8.88
C PHE C 235 -33.31 -4.22 -7.70
N LEU C 236 -32.52 -4.22 -6.61
CA LEU C 236 -32.86 -5.07 -5.46
C LEU C 236 -34.17 -4.66 -4.80
N ALA C 237 -34.52 -3.37 -4.85
CA ALA C 237 -35.77 -2.88 -4.27
C ALA C 237 -36.98 -3.29 -5.08
N SER C 238 -36.78 -3.57 -6.36
CA SER C 238 -37.87 -3.78 -7.32
C SER C 238 -38.27 -5.24 -7.40
N ASP C 239 -39.43 -5.47 -8.01
CA ASP C 239 -39.88 -6.82 -8.33
C ASP C 239 -38.94 -7.53 -9.30
N ASP C 240 -38.02 -6.83 -9.98
CA ASP C 240 -37.09 -7.55 -10.84
C ASP C 240 -36.19 -8.49 -10.05
N ALA C 241 -35.99 -8.24 -8.76
CA ALA C 241 -35.19 -9.09 -7.90
C ALA C 241 -36.06 -9.98 -7.01
N ARG C 242 -37.31 -10.25 -7.42
CA ARG C 242 -38.23 -10.99 -6.57
CA ARG C 242 -38.24 -11.00 -6.58
C ARG C 242 -37.74 -12.39 -6.22
N TRP C 243 -36.82 -12.96 -7.01
CA TRP C 243 -36.37 -14.32 -6.73
C TRP C 243 -34.95 -14.35 -6.15
N MET C 244 -34.51 -13.22 -5.61
CA MET C 244 -33.19 -13.10 -4.97
CA MET C 244 -33.20 -13.09 -4.98
C MET C 244 -33.38 -12.69 -3.52
N THR C 245 -32.91 -13.53 -2.60
CA THR C 245 -32.85 -13.13 -1.20
C THR C 245 -31.66 -13.83 -0.55
N GLY C 246 -31.01 -13.14 0.38
CA GLY C 246 -29.78 -13.64 0.97
C GLY C 246 -28.56 -13.49 0.11
N GLU C 247 -28.62 -12.69 -0.94
CA GLU C 247 -27.45 -12.47 -1.79
C GLU C 247 -26.61 -11.31 -1.30
N HIS C 248 -25.37 -11.29 -1.76
CA HIS C 248 -24.39 -10.25 -1.44
C HIS C 248 -23.77 -9.85 -2.78
N LEU C 249 -24.20 -8.70 -3.31
CA LEU C 249 -23.82 -8.30 -4.66
C LEU C 249 -22.59 -7.42 -4.57
N VAL C 250 -21.45 -7.91 -5.06
CA VAL C 250 -20.23 -7.11 -5.09
C VAL C 250 -20.32 -6.15 -6.26
N VAL C 251 -20.19 -4.86 -5.98
CA VAL C 251 -20.34 -3.82 -6.99
C VAL C 251 -19.08 -2.97 -6.85
N SER C 252 -18.00 -3.44 -7.49
CA SER C 252 -16.66 -2.92 -7.24
C SER C 252 -15.89 -2.81 -8.54
N GLY C 253 -16.56 -2.92 -9.69
CA GLY C 253 -15.84 -2.88 -10.93
C GLY C 253 -15.01 -4.11 -11.17
N GLY C 254 -15.31 -5.19 -10.48
CA GLY C 254 -14.65 -6.46 -10.69
C GLY C 254 -13.65 -6.87 -9.65
N LEU C 255 -13.45 -6.08 -8.59
CA LEU C 255 -12.51 -6.41 -7.52
C LEU C 255 -13.19 -7.30 -6.48
N ASN C 256 -12.59 -8.46 -6.21
CA ASN C 256 -13.12 -9.33 -5.14
C ASN C 256 -12.02 -10.26 -4.64
N SER D 10 7.38 -34.40 18.98
CA SER D 10 6.00 -33.95 19.00
C SER D 10 5.83 -32.68 18.18
N LYS D 11 4.61 -32.48 17.67
CA LYS D 11 4.37 -31.40 16.71
C LYS D 11 4.56 -30.02 17.33
N LEU D 12 4.31 -29.87 18.63
CA LEU D 12 4.38 -28.57 19.28
C LEU D 12 5.40 -28.58 20.40
N ALA D 13 6.40 -29.46 20.31
CA ALA D 13 7.42 -29.53 21.35
C ALA D 13 8.07 -28.17 21.59
N GLY D 14 8.13 -27.78 22.86
CA GLY D 14 8.72 -26.52 23.27
C GLY D 14 7.88 -25.30 23.01
N LYS D 15 6.69 -25.46 22.42
CA LYS D 15 5.84 -24.33 22.11
C LYS D 15 4.92 -24.03 23.30
N VAL D 16 4.38 -22.82 23.29
CA VAL D 16 3.45 -22.35 24.32
C VAL D 16 2.18 -21.86 23.64
N ALA D 17 1.02 -22.30 24.14
CA ALA D 17 -0.28 -21.93 23.60
C ALA D 17 -1.13 -21.29 24.68
N ILE D 18 -1.98 -20.35 24.28
CA ILE D 18 -3.10 -19.88 25.08
C ILE D 18 -4.38 -20.37 24.43
N VAL D 19 -5.29 -20.92 25.24
CA VAL D 19 -6.65 -21.22 24.77
C VAL D 19 -7.60 -20.42 25.65
N THR D 20 -8.31 -19.48 25.04
CA THR D 20 -9.31 -18.76 25.82
C THR D 20 -10.55 -19.63 25.97
N GLY D 21 -11.16 -19.60 27.16
CA GLY D 21 -12.39 -20.36 27.31
C GLY D 21 -12.15 -21.86 27.24
N ALA D 22 -11.15 -22.32 28.01
CA ALA D 22 -10.76 -23.72 27.98
C ALA D 22 -11.24 -24.48 29.22
N SER D 23 -12.20 -23.92 29.97
CA SER D 23 -12.78 -24.63 31.11
C SER D 23 -13.92 -25.56 30.72
N LYS D 24 -14.38 -25.50 29.47
CA LYS D 24 -15.53 -26.28 29.00
C LYS D 24 -15.36 -26.57 27.53
N GLY D 25 -16.09 -27.57 27.05
CA GLY D 25 -16.44 -27.66 25.64
C GLY D 25 -15.27 -27.75 24.68
N ILE D 26 -15.39 -27.02 23.57
CA ILE D 26 -14.38 -27.05 22.52
C ILE D 26 -13.02 -26.60 23.05
N GLY D 27 -13.01 -25.54 23.84
CA GLY D 27 -11.72 -25.02 24.30
C GLY D 27 -10.99 -25.99 25.20
N ALA D 28 -11.74 -26.68 26.09
CA ALA D 28 -11.12 -27.71 26.91
C ALA D 28 -10.47 -28.79 26.06
N ALA D 29 -11.18 -29.25 25.03
CA ALA D 29 -10.63 -30.28 24.17
C ALA D 29 -9.41 -29.80 23.42
N ILE D 30 -9.44 -28.54 22.94
CA ILE D 30 -8.28 -27.99 22.23
C ILE D 30 -7.07 -27.92 23.16
N ALA D 31 -7.29 -27.43 24.39
CA ALA D 31 -6.17 -27.32 25.32
C ALA D 31 -5.53 -28.68 25.57
N LYS D 32 -6.34 -29.71 25.82
CA LYS D 32 -5.77 -31.04 26.05
C LYS D 32 -5.04 -31.55 24.82
N ALA D 33 -5.60 -31.31 23.62
CA ALA D 33 -4.98 -31.82 22.40
C ALA D 33 -3.65 -31.13 22.10
N LEU D 34 -3.59 -29.81 22.33
CA LEU D 34 -2.33 -29.09 22.12
C LEU D 34 -1.27 -29.60 23.08
N ALA D 35 -1.67 -29.86 24.33
CA ALA D 35 -0.71 -30.36 25.32
C ALA D 35 -0.24 -31.77 24.97
N ASP D 36 -1.12 -32.60 24.38
CA ASP D 36 -0.74 -33.93 23.96
CA ASP D 36 -0.72 -33.93 23.97
C ASP D 36 0.37 -33.90 22.92
N GLU D 37 0.47 -32.81 22.16
CA GLU D 37 1.50 -32.63 21.15
C GLU D 37 2.66 -31.80 21.66
N GLY D 38 2.72 -31.59 22.97
CA GLY D 38 3.93 -31.05 23.58
C GLY D 38 3.82 -29.60 23.99
N ALA D 39 2.74 -28.91 23.65
CA ALA D 39 2.62 -27.51 24.01
C ALA D 39 2.36 -27.35 25.51
N ALA D 40 2.99 -26.33 26.11
CA ALA D 40 2.56 -25.86 27.42
C ALA D 40 1.37 -24.94 27.21
N VAL D 41 0.30 -25.13 27.97
CA VAL D 41 -0.98 -24.50 27.66
C VAL D 41 -1.44 -23.63 28.82
N VAL D 42 -1.74 -22.37 28.50
CA VAL D 42 -2.48 -21.49 29.39
C VAL D 42 -3.97 -21.73 29.20
N VAL D 43 -4.62 -22.18 30.27
CA VAL D 43 -6.01 -22.64 30.27
C VAL D 43 -6.85 -21.51 30.88
N ASN D 44 -7.52 -20.72 30.04
CA ASN D 44 -8.28 -19.56 30.53
C ASN D 44 -9.71 -19.97 30.88
N TYR D 45 -10.23 -19.38 31.96
CA TYR D 45 -11.64 -19.53 32.33
C TYR D 45 -12.18 -18.16 32.66
N ALA D 46 -13.50 -18.04 32.63
CA ALA D 46 -14.19 -16.83 33.10
C ALA D 46 -14.87 -17.14 34.42
N SER D 47 -15.94 -17.92 34.41
CA SER D 47 -16.71 -18.17 35.61
C SER D 47 -16.34 -19.47 36.32
N SER D 48 -15.59 -20.38 35.68
CA SER D 48 -15.40 -21.72 36.26
C SER D 48 -13.91 -22.03 36.44
N LYS D 49 -13.37 -21.60 37.59
CA LYS D 49 -12.02 -22.02 37.95
C LYS D 49 -11.95 -23.53 38.10
N ALA D 50 -12.98 -24.12 38.71
CA ALA D 50 -12.99 -25.57 38.87
C ALA D 50 -12.82 -26.29 37.54
N GLY D 51 -13.48 -25.78 36.50
CA GLY D 51 -13.37 -26.43 35.19
C GLY D 51 -11.99 -26.29 34.59
N ALA D 52 -11.39 -25.11 34.72
CA ALA D 52 -10.02 -24.93 34.22
C ALA D 52 -9.04 -25.80 35.01
N ASP D 53 -9.21 -25.87 36.33
CA ASP D 53 -8.32 -26.70 37.15
C ASP D 53 -8.43 -28.17 36.76
N ALA D 54 -9.64 -28.62 36.40
CA ALA D 54 -9.79 -30.01 35.98
C ALA D 54 -9.06 -30.26 34.65
N VAL D 55 -9.11 -29.29 33.74
CA VAL D 55 -8.40 -29.44 32.47
C VAL D 55 -6.90 -29.40 32.70
N VAL D 56 -6.43 -28.53 33.59
CA VAL D 56 -5.01 -28.52 33.93
C VAL D 56 -4.61 -29.87 34.52
N SER D 57 -5.44 -30.44 35.40
CA SER D 57 -5.11 -31.75 35.96
C SER D 57 -5.09 -32.83 34.90
N ALA D 58 -6.02 -32.78 33.95
CA ALA D 58 -6.00 -33.77 32.87
C ALA D 58 -4.70 -33.68 32.10
N ILE D 59 -4.24 -32.45 31.87
CA ILE D 59 -3.02 -32.24 31.10
C ILE D 59 -1.79 -32.72 31.86
N THR D 60 -1.71 -32.38 33.15
CA THR D 60 -0.51 -32.74 33.89
C THR D 60 -0.49 -34.22 34.24
N GLU D 61 -1.66 -34.82 34.47
CA GLU D 61 -1.70 -36.26 34.69
C GLU D 61 -1.22 -37.05 33.47
N ALA D 62 -1.36 -36.47 32.28
CA ALA D 62 -0.89 -37.08 31.05
C ALA D 62 0.52 -36.65 30.68
N GLY D 63 1.23 -35.98 31.59
CA GLY D 63 2.62 -35.70 31.39
C GLY D 63 2.91 -34.34 30.80
N GLY D 64 1.90 -33.48 30.66
CA GLY D 64 2.07 -32.20 30.02
C GLY D 64 2.20 -31.07 31.04
N ARG D 65 2.28 -29.85 30.52
CA ARG D 65 2.38 -28.64 31.32
C ARG D 65 1.20 -27.73 31.02
N ALA D 66 0.58 -27.19 32.07
CA ALA D 66 -0.49 -26.22 31.88
C ALA D 66 -0.66 -25.38 33.13
N VAL D 67 -1.33 -24.24 32.95
CA VAL D 67 -1.63 -23.34 34.06
C VAL D 67 -2.98 -22.69 33.77
N ALA D 68 -3.79 -22.53 34.81
CA ALA D 68 -5.09 -21.87 34.67
C ALA D 68 -4.97 -20.37 34.93
N VAL D 69 -5.79 -19.59 34.24
CA VAL D 69 -5.86 -18.15 34.52
C VAL D 69 -7.29 -17.66 34.32
N GLY D 70 -7.81 -16.91 35.29
CA GLY D 70 -9.15 -16.38 35.20
C GLY D 70 -9.12 -15.04 34.48
N GLY D 71 -10.02 -14.88 33.52
CA GLY D 71 -10.11 -13.58 32.88
C GLY D 71 -11.22 -13.52 31.86
N ASP D 72 -11.86 -12.35 31.78
CA ASP D 72 -12.92 -12.07 30.81
C ASP D 72 -12.27 -11.41 29.60
N VAL D 73 -12.28 -12.11 28.45
CA VAL D 73 -11.55 -11.61 27.27
C VAL D 73 -12.08 -10.26 26.79
N SER D 74 -13.29 -9.87 27.17
CA SER D 74 -13.85 -8.57 26.73
C SER D 74 -13.34 -7.40 27.56
N LYS D 75 -12.54 -7.66 28.58
CA LYS D 75 -11.95 -6.63 29.41
C LYS D 75 -10.47 -6.55 29.04
N ALA D 76 -10.03 -5.38 28.60
CA ALA D 76 -8.64 -5.22 28.19
C ALA D 76 -7.64 -5.69 29.25
N ALA D 77 -7.86 -5.34 30.52
CA ALA D 77 -6.89 -5.74 31.53
C ALA D 77 -6.82 -7.26 31.69
N ASP D 78 -7.95 -7.95 31.51
CA ASP D 78 -7.93 -9.41 31.62
C ASP D 78 -7.26 -10.05 30.41
N ALA D 79 -7.53 -9.53 29.21
CA ALA D 79 -6.83 -10.04 28.03
C ALA D 79 -5.33 -9.92 28.22
N GLN D 80 -4.88 -8.79 28.78
CA GLN D 80 -3.45 -8.61 28.99
C GLN D 80 -2.93 -9.59 30.03
N ARG D 81 -3.68 -9.83 31.10
CA ARG D 81 -3.26 -10.77 32.13
C ARG D 81 -3.17 -12.19 31.60
N ILE D 82 -4.09 -12.58 30.71
CA ILE D 82 -4.03 -13.92 30.12
C ILE D 82 -2.72 -14.09 29.37
N VAL D 83 -2.34 -13.11 28.56
CA VAL D 83 -1.10 -13.19 27.78
C VAL D 83 0.12 -13.13 28.70
N ASP D 84 0.10 -12.22 29.69
CA ASP D 84 1.22 -12.15 30.63
C ASP D 84 1.43 -13.47 31.36
N THR D 85 0.35 -14.24 31.58
CA THR D 85 0.50 -15.56 32.22
C THR D 85 1.35 -16.49 31.36
N ALA D 86 1.13 -16.50 30.05
CA ALA D 86 1.99 -17.29 29.17
C ALA D 86 3.45 -16.88 29.30
N ILE D 87 3.72 -15.59 29.20
CA ILE D 87 5.10 -15.12 29.16
C ILE D 87 5.77 -15.34 30.50
N GLU D 88 5.06 -15.04 31.59
CA GLU D 88 5.66 -15.14 32.92
C GLU D 88 5.84 -16.58 33.36
N THR D 89 4.98 -17.49 32.91
CA THR D 89 5.10 -18.89 33.31
C THR D 89 6.06 -19.66 32.41
N TYR D 90 6.02 -19.41 31.10
CA TYR D 90 6.73 -20.24 30.15
C TYR D 90 7.72 -19.49 29.27
N GLY D 91 7.76 -18.16 29.32
CA GLY D 91 8.81 -17.40 28.65
C GLY D 91 8.61 -17.09 27.19
N ARG D 92 7.51 -17.51 26.57
CA ARG D 92 7.32 -17.35 25.14
C ARG D 92 5.84 -17.59 24.84
N LEU D 93 5.44 -17.24 23.62
CA LEU D 93 4.11 -17.54 23.14
C LEU D 93 4.19 -17.88 21.66
N ASP D 94 3.53 -18.97 21.26
CA ASP D 94 3.56 -19.47 19.88
C ASP D 94 2.20 -19.58 19.25
N VAL D 95 1.18 -19.92 20.03
CA VAL D 95 -0.13 -20.27 19.49
C VAL D 95 -1.17 -19.56 20.34
N LEU D 96 -2.13 -18.89 19.69
CA LEU D 96 -3.27 -18.28 20.40
C LEU D 96 -4.54 -18.86 19.80
N VAL D 97 -5.35 -19.51 20.62
CA VAL D 97 -6.65 -20.00 20.19
C VAL D 97 -7.71 -19.11 20.83
N ASN D 98 -8.37 -18.32 20.00
CA ASN D 98 -9.49 -17.46 20.43
C ASN D 98 -10.74 -18.29 20.35
N ASN D 99 -11.03 -19.00 21.45
CA ASN D 99 -12.15 -19.90 21.53
C ASN D 99 -13.31 -19.38 22.36
N SER D 100 -13.05 -18.55 23.39
CA SER D 100 -14.13 -18.03 24.22
C SER D 100 -15.26 -17.46 23.36
N GLY D 101 -16.48 -17.86 23.67
CA GLY D 101 -17.62 -17.30 22.97
C GLY D 101 -18.89 -17.74 23.65
N VAL D 102 -19.93 -16.95 23.43
CA VAL D 102 -21.28 -17.24 23.92
C VAL D 102 -22.27 -17.15 22.77
N TYR D 103 -23.40 -17.81 22.95
CA TYR D 103 -24.44 -17.81 21.91
C TYR D 103 -25.81 -17.75 22.57
N GLU D 104 -26.68 -16.93 22.01
CA GLU D 104 -28.09 -16.93 22.37
C GLU D 104 -28.88 -16.57 21.13
N PHE D 105 -29.94 -17.33 20.85
CA PHE D 105 -30.83 -17.07 19.73
CA PHE D 105 -30.79 -17.02 19.72
C PHE D 105 -31.89 -16.06 20.13
N ALA D 106 -32.28 -15.21 19.20
CA ALA D 106 -33.50 -14.40 19.35
C ALA D 106 -33.95 -13.95 17.98
N PRO D 107 -35.23 -14.10 17.63
CA PRO D 107 -35.73 -13.49 16.39
C PRO D 107 -35.59 -11.97 16.47
N ILE D 108 -35.63 -11.32 15.31
CA ILE D 108 -35.33 -9.90 15.21
C ILE D 108 -36.21 -9.08 16.16
N GLU D 109 -37.49 -9.45 16.29
CA GLU D 109 -38.40 -8.70 17.16
CA GLU D 109 -38.39 -8.68 17.15
C GLU D 109 -37.98 -8.73 18.63
N ALA D 110 -37.22 -9.75 19.04
CA ALA D 110 -36.94 -9.99 20.44
C ALA D 110 -35.55 -9.54 20.85
N ILE D 111 -34.73 -9.09 19.90
CA ILE D 111 -33.35 -8.70 20.21
C ILE D 111 -33.35 -7.51 21.16
N THR D 112 -32.60 -7.64 22.26
CA THR D 112 -32.39 -6.56 23.21
C THR D 112 -30.96 -6.06 23.13
N GLU D 113 -30.75 -4.87 23.70
CA GLU D 113 -29.40 -4.32 23.73
C GLU D 113 -28.44 -5.25 24.46
N GLU D 114 -28.88 -5.83 25.58
CA GLU D 114 -28.00 -6.71 26.35
C GLU D 114 -27.64 -7.96 25.59
N HIS D 115 -28.62 -8.53 24.89
CA HIS D 115 -28.42 -9.71 24.05
C HIS D 115 -27.39 -9.42 22.96
N TYR D 116 -27.47 -8.23 22.36
CA TYR D 116 -26.51 -7.80 21.35
C TYR D 116 -25.12 -7.57 21.94
N ARG D 117 -25.03 -6.75 23.00
CA ARG D 117 -23.71 -6.36 23.49
C ARG D 117 -22.95 -7.54 24.11
N ARG D 118 -23.64 -8.38 24.88
CA ARG D 118 -22.94 -9.49 25.54
CA ARG D 118 -22.93 -9.47 25.54
C ARG D 118 -22.24 -10.36 24.52
N GLN D 119 -22.92 -10.64 23.40
CA GLN D 119 -22.35 -11.54 22.41
C GLN D 119 -21.26 -10.86 21.61
N PHE D 120 -21.46 -9.63 21.16
CA PHE D 120 -20.39 -8.96 20.43
C PHE D 120 -19.19 -8.63 21.32
N ASP D 121 -19.43 -8.24 22.58
CA ASP D 121 -18.29 -7.91 23.44
C ASP D 121 -17.40 -9.13 23.62
N THR D 122 -17.98 -10.30 23.87
CA THR D 122 -17.18 -11.48 24.10
C THR D 122 -16.61 -12.01 22.80
N ASN D 123 -17.49 -12.18 21.81
CA ASN D 123 -17.14 -12.94 20.62
C ASN D 123 -16.31 -12.13 19.64
N VAL D 124 -16.40 -10.80 19.70
CA VAL D 124 -15.67 -9.98 18.74
C VAL D 124 -14.63 -9.16 19.48
N PHE D 125 -15.08 -8.29 20.40
CA PHE D 125 -14.10 -7.45 21.07
C PHE D 125 -13.08 -8.31 21.81
N GLY D 126 -13.50 -9.45 22.38
CA GLY D 126 -12.57 -10.32 23.09
C GLY D 126 -11.51 -10.93 22.18
N VAL D 127 -11.89 -11.28 20.95
CA VAL D 127 -10.91 -11.74 19.97
C VAL D 127 -9.91 -10.64 19.68
N LEU D 128 -10.39 -9.42 19.48
CA LEU D 128 -9.50 -8.31 19.19
C LEU D 128 -8.57 -8.01 20.35
N LEU D 129 -9.12 -7.94 21.57
CA LEU D 129 -8.30 -7.56 22.72
C LEU D 129 -7.25 -8.63 23.02
N THR D 130 -7.62 -9.91 22.95
CA THR D 130 -6.65 -10.95 23.27
C THR D 130 -5.57 -11.03 22.21
N THR D 131 -5.95 -10.90 20.93
CA THR D 131 -4.98 -10.91 19.85
C THR D 131 -4.06 -9.70 19.93
N GLN D 132 -4.63 -8.55 20.28
CA GLN D 132 -3.80 -7.34 20.41
C GLN D 132 -2.73 -7.50 21.49
N ALA D 133 -3.08 -8.09 22.63
CA ALA D 133 -2.09 -8.31 23.68
C ALA D 133 -1.06 -9.35 23.26
N ALA D 134 -1.51 -10.38 22.55
CA ALA D 134 -0.64 -11.51 22.22
C ALA D 134 0.35 -11.18 21.10
N VAL D 135 -0.04 -10.35 20.12
CA VAL D 135 0.75 -10.25 18.89
CA VAL D 135 0.76 -10.24 18.90
C VAL D 135 2.14 -9.71 19.18
N LYS D 136 2.29 -8.92 20.24
CA LYS D 136 3.59 -8.37 20.59
C LYS D 136 4.63 -9.45 20.85
N HIS D 137 4.19 -10.65 21.24
CA HIS D 137 5.09 -11.76 21.56
C HIS D 137 5.23 -12.77 20.44
N LEU D 138 4.57 -12.55 19.31
CA LEU D 138 4.54 -13.56 18.26
C LEU D 138 5.55 -13.24 17.18
N GLY D 139 6.12 -14.29 16.60
CA GLY D 139 7.06 -14.11 15.51
C GLY D 139 6.84 -15.15 14.42
N GLU D 140 7.84 -15.35 13.58
CA GLU D 140 7.69 -16.23 12.44
CA GLU D 140 7.71 -16.25 12.44
C GLU D 140 7.26 -17.62 12.88
N GLY D 141 6.20 -18.14 12.25
CA GLY D 141 5.71 -19.46 12.57
C GLY D 141 4.63 -19.49 13.63
N ALA D 142 4.37 -18.37 14.30
CA ALA D 142 3.24 -18.34 15.22
C ALA D 142 1.93 -18.60 14.48
N SER D 143 0.95 -19.08 15.25
CA SER D 143 -0.32 -19.46 14.67
C SER D 143 -1.46 -18.96 15.56
N ILE D 144 -2.32 -18.14 14.98
CA ILE D 144 -3.51 -17.64 15.66
C ILE D 144 -4.71 -18.36 15.05
N ILE D 145 -5.52 -18.98 15.91
CA ILE D 145 -6.66 -19.78 15.47
C ILE D 145 -7.90 -19.18 16.10
N ASN D 146 -8.83 -18.70 15.28
CA ASN D 146 -10.07 -18.13 15.75
C ASN D 146 -11.19 -19.16 15.60
N ILE D 147 -11.92 -19.41 16.67
CA ILE D 147 -13.06 -20.33 16.58
C ILE D 147 -14.28 -19.51 16.17
N SER D 148 -14.69 -19.65 14.91
CA SER D 148 -15.86 -18.99 14.37
C SER D 148 -17.04 -19.96 14.44
N SER D 149 -17.81 -20.16 13.39
CA SER D 149 -18.95 -21.09 13.39
C SER D 149 -19.43 -21.28 11.96
N VAL D 150 -19.93 -22.48 11.67
CA VAL D 150 -20.60 -22.71 10.38
C VAL D 150 -21.82 -21.82 10.21
N VAL D 151 -22.30 -21.13 11.25
CA VAL D 151 -23.43 -20.25 11.01
C VAL D 151 -23.08 -19.15 10.02
N THR D 152 -21.78 -18.88 9.77
CA THR D 152 -21.52 -17.86 8.76
C THR D 152 -21.83 -18.36 7.36
N SER D 153 -21.95 -19.68 7.18
CA SER D 153 -22.39 -20.32 5.94
C SER D 153 -23.90 -20.56 5.93
N ILE D 154 -24.45 -21.07 7.02
CA ILE D 154 -25.85 -21.51 7.00
C ILE D 154 -26.82 -20.54 7.65
N THR D 155 -26.34 -19.48 8.31
CA THR D 155 -27.09 -18.34 8.85
C THR D 155 -28.52 -18.67 9.30
N PRO D 156 -28.70 -19.41 10.41
CA PRO D 156 -30.04 -19.89 10.75
C PRO D 156 -30.94 -18.76 11.20
N PRO D 157 -32.23 -18.88 10.98
CA PRO D 157 -33.18 -17.92 11.57
C PRO D 157 -32.98 -17.77 13.06
N ALA D 158 -33.28 -16.57 13.56
CA ALA D 158 -33.20 -16.20 14.98
C ALA D 158 -31.76 -16.18 15.48
N SER D 159 -30.77 -16.09 14.59
CA SER D 159 -29.40 -15.97 15.05
C SER D 159 -28.72 -14.71 14.56
N ALA D 160 -29.47 -13.62 14.35
CA ALA D 160 -28.85 -12.47 13.72
C ALA D 160 -27.65 -11.96 14.54
N VAL D 161 -27.79 -11.88 15.86
CA VAL D 161 -26.68 -11.37 16.67
C VAL D 161 -25.53 -12.37 16.66
N TYR D 162 -25.79 -13.64 16.99
CA TYR D 162 -24.69 -14.62 17.08
C TYR D 162 -24.00 -14.81 15.74
N SER D 163 -24.78 -15.00 14.66
CA SER D 163 -24.15 -15.16 13.34
C SER D 163 -23.42 -13.89 12.97
N GLY D 164 -23.97 -12.73 13.36
CA GLY D 164 -23.26 -11.48 13.15
C GLY D 164 -21.87 -11.51 13.78
N THR D 165 -21.77 -12.01 15.02
CA THR D 165 -20.46 -12.02 15.67
C THR D 165 -19.49 -12.91 14.91
N LYS D 166 -19.99 -14.02 14.39
CA LYS D 166 -19.06 -14.95 13.75
C LYS D 166 -18.72 -14.47 12.34
N GLY D 167 -19.65 -13.78 11.68
CA GLY D 167 -19.26 -13.13 10.43
C GLY D 167 -18.16 -12.10 10.64
N ALA D 168 -18.24 -11.33 11.74
CA ALA D 168 -17.12 -10.45 12.12
C ALA D 168 -15.82 -11.21 12.32
N VAL D 169 -15.88 -12.33 13.06
CA VAL D 169 -14.68 -13.13 13.30
C VAL D 169 -14.09 -13.63 11.98
N ASP D 170 -14.94 -14.05 11.05
CA ASP D 170 -14.41 -14.50 9.75
C ASP D 170 -13.66 -13.37 9.05
N ALA D 171 -14.21 -12.16 9.09
CA ALA D 171 -13.57 -11.06 8.40
C ALA D 171 -12.28 -10.65 9.10
N ILE D 172 -12.30 -10.63 10.43
CA ILE D 172 -11.12 -10.28 11.21
C ILE D 172 -9.99 -11.28 10.94
N THR D 173 -10.35 -12.56 10.77
CA THR D 173 -9.39 -13.59 10.42
C THR D 173 -8.70 -13.26 9.10
N GLY D 174 -9.47 -12.88 8.08
CA GLY D 174 -8.87 -12.54 6.81
C GLY D 174 -8.02 -11.29 6.90
N VAL D 175 -8.50 -10.27 7.63
CA VAL D 175 -7.71 -9.04 7.79
C VAL D 175 -6.36 -9.35 8.41
N LEU D 176 -6.38 -10.06 9.54
CA LEU D 176 -5.14 -10.25 10.30
C LEU D 176 -4.19 -11.19 9.57
N ALA D 177 -4.71 -12.11 8.75
CA ALA D 177 -3.84 -12.92 7.92
C ALA D 177 -3.03 -12.05 6.97
N LEU D 178 -3.67 -11.04 6.36
CA LEU D 178 -2.92 -10.14 5.49
C LEU D 178 -2.03 -9.19 6.30
N GLU D 179 -2.57 -8.67 7.40
CA GLU D 179 -1.83 -7.67 8.18
C GLU D 179 -0.57 -8.25 8.80
N LEU D 180 -0.63 -9.51 9.26
CA LEU D 180 0.48 -10.15 9.96
C LEU D 180 1.28 -11.07 9.04
N GLY D 181 0.88 -11.18 7.79
CA GLY D 181 1.64 -11.90 6.77
C GLY D 181 3.12 -11.55 6.72
N PRO D 182 3.43 -10.26 6.70
CA PRO D 182 4.84 -9.86 6.61
C PRO D 182 5.67 -10.36 7.78
N ARG D 183 5.05 -10.66 8.91
CA ARG D 183 5.75 -11.23 10.07
C ARG D 183 5.68 -12.75 10.07
N LYS D 184 5.06 -13.33 9.05
CA LYS D 184 4.89 -14.78 8.90
C LYS D 184 4.19 -15.39 10.11
N ILE D 185 3.26 -14.63 10.69
CA ILE D 185 2.32 -15.12 11.67
C ILE D 185 1.07 -15.56 10.92
N ARG D 186 0.65 -16.82 11.09
CA ARG D 186 -0.52 -17.32 10.37
C ARG D 186 -1.77 -17.04 11.20
N VAL D 187 -2.89 -16.75 10.52
CA VAL D 187 -4.17 -16.50 11.18
C VAL D 187 -5.23 -17.27 10.40
N ASN D 188 -5.92 -18.19 11.06
CA ASN D 188 -6.92 -19.03 10.41
C ASN D 188 -8.10 -19.18 11.34
N ALA D 189 -9.23 -19.53 10.76
CA ALA D 189 -10.45 -19.81 11.53
C ALA D 189 -10.86 -21.27 11.40
N ILE D 190 -11.48 -21.79 12.45
CA ILE D 190 -12.24 -23.04 12.38
C ILE D 190 -13.70 -22.66 12.52
N ASN D 191 -14.56 -23.22 11.68
CA ASN D 191 -15.99 -22.92 11.68
C ASN D 191 -16.72 -24.21 12.04
N PRO D 192 -16.91 -24.52 13.34
CA PRO D 192 -17.53 -25.80 13.70
C PRO D 192 -19.00 -25.85 13.33
N GLY D 193 -19.47 -27.06 13.03
CA GLY D 193 -20.89 -27.35 13.02
C GLY D 193 -21.38 -27.49 14.44
N MET D 194 -22.57 -28.08 14.60
CA MET D 194 -23.11 -28.27 15.94
C MET D 194 -22.26 -29.28 16.70
N ILE D 195 -21.77 -28.88 17.87
CA ILE D 195 -20.92 -29.71 18.72
C ILE D 195 -21.62 -29.87 20.06
N VAL D 196 -21.69 -31.11 20.57
CA VAL D 196 -22.25 -31.34 21.90
C VAL D 196 -21.24 -30.84 22.93
N THR D 197 -21.60 -29.79 23.68
CA THR D 197 -20.72 -29.20 24.70
C THR D 197 -21.58 -28.83 25.91
N GLU D 198 -20.90 -28.43 26.99
CA GLU D 198 -21.63 -27.89 28.14
C GLU D 198 -22.55 -26.76 27.70
N GLY D 199 -22.05 -25.89 26.82
CA GLY D 199 -22.83 -24.75 26.37
C GLY D 199 -24.04 -25.13 25.54
N THR D 200 -23.90 -26.10 24.62
CA THR D 200 -25.06 -26.39 23.80
C THR D 200 -26.09 -27.20 24.56
N HIS D 201 -25.67 -27.91 25.60
CA HIS D 201 -26.65 -28.49 26.52
C HIS D 201 -27.33 -27.41 27.36
N SER D 202 -26.53 -26.46 27.88
CA SER D 202 -27.09 -25.45 28.78
C SER D 202 -28.09 -24.56 28.05
N ALA D 203 -27.79 -24.23 26.80
CA ALA D 203 -28.66 -23.40 25.97
C ALA D 203 -29.84 -24.15 25.42
N GLY D 204 -29.88 -25.47 25.61
CA GLY D 204 -31.00 -26.23 25.06
C GLY D 204 -30.92 -26.42 23.56
N ILE D 205 -29.75 -26.19 22.98
CA ILE D 205 -29.56 -26.36 21.54
C ILE D 205 -29.56 -27.84 21.17
N ILE D 206 -28.89 -28.67 21.96
CA ILE D 206 -29.00 -30.11 21.72
C ILE D 206 -30.43 -30.53 22.08
N GLY D 207 -31.09 -31.21 21.15
CA GLY D 207 -32.47 -31.59 21.34
C GLY D 207 -33.47 -30.65 20.68
N SER D 208 -33.02 -29.50 20.23
CA SER D 208 -33.91 -28.53 19.61
C SER D 208 -34.31 -28.99 18.21
N ASP D 209 -35.35 -28.33 17.68
CA ASP D 209 -35.72 -28.60 16.29
C ASP D 209 -34.58 -28.23 15.35
N LEU D 210 -33.85 -27.16 15.67
CA LEU D 210 -32.71 -26.79 14.86
C LEU D 210 -31.68 -27.92 14.82
N GLU D 211 -31.43 -28.56 15.97
CA GLU D 211 -30.53 -29.70 15.98
C GLU D 211 -31.03 -30.81 15.04
N ALA D 212 -32.33 -31.11 15.08
CA ALA D 212 -32.85 -32.16 14.18
C ALA D 212 -32.65 -31.77 12.72
N GLN D 213 -32.90 -30.49 12.40
CA GLN D 213 -32.70 -30.05 11.02
C GLN D 213 -31.24 -30.18 10.61
N VAL D 214 -30.33 -29.68 11.46
CA VAL D 214 -28.90 -29.74 11.16
C VAL D 214 -28.44 -31.19 11.00
N LEU D 215 -28.86 -32.05 11.93
CA LEU D 215 -28.46 -33.45 11.84
C LEU D 215 -28.91 -34.06 10.52
N GLY D 216 -30.16 -33.79 10.12
CA GLY D 216 -30.66 -34.32 8.87
C GLY D 216 -29.91 -33.83 7.66
N GLN D 217 -29.25 -32.67 7.77
CA GLN D 217 -28.49 -32.09 6.67
C GLN D 217 -27.00 -32.37 6.79
N THR D 218 -26.58 -33.21 7.75
CA THR D 218 -25.16 -33.48 7.95
C THR D 218 -24.75 -34.75 7.21
N PRO D 219 -23.92 -34.66 6.16
CA PRO D 219 -23.58 -35.84 5.37
C PRO D 219 -23.04 -37.01 6.18
N LEU D 220 -22.21 -36.74 7.19
CA LEU D 220 -21.58 -37.82 7.95
C LEU D 220 -22.42 -38.30 9.12
N GLY D 221 -23.63 -37.78 9.28
CA GLY D 221 -24.68 -38.53 9.99
C GLY D 221 -24.65 -38.52 11.50
N ARG D 222 -24.01 -37.54 12.13
CA ARG D 222 -24.04 -37.44 13.59
C ARG D 222 -23.81 -35.98 13.97
N LEU D 223 -24.00 -35.66 15.25
CA LEU D 223 -23.51 -34.38 15.73
C LEU D 223 -22.01 -34.46 16.00
N GLY D 224 -21.39 -33.29 16.06
CA GLY D 224 -19.98 -33.23 16.35
C GLY D 224 -19.70 -33.31 17.84
N GLU D 225 -18.44 -33.61 18.16
CA GLU D 225 -17.93 -33.69 19.51
CA GLU D 225 -17.95 -33.66 19.53
C GLU D 225 -16.71 -32.80 19.63
N PRO D 226 -16.37 -32.36 20.84
CA PRO D 226 -15.22 -31.42 20.95
C PRO D 226 -13.93 -31.90 20.31
N ASN D 227 -13.63 -33.21 20.38
CA ASN D 227 -12.38 -33.67 19.77
C ASN D 227 -12.39 -33.58 18.25
N ASP D 228 -13.57 -33.50 17.63
CA ASP D 228 -13.64 -33.27 16.19
C ASP D 228 -13.01 -31.94 15.80
N ILE D 229 -13.12 -30.95 16.68
CA ILE D 229 -12.52 -29.64 16.45
C ILE D 229 -11.08 -29.61 16.94
N ALA D 230 -10.82 -30.28 18.06
CA ALA D 230 -9.50 -30.22 18.66
C ALA D 230 -8.42 -30.71 17.69
N SER D 231 -8.68 -31.80 16.96
CA SER D 231 -7.63 -32.29 16.07
CA SER D 231 -7.66 -32.30 16.04
C SER D 231 -7.36 -31.31 14.92
N VAL D 232 -8.37 -30.57 14.47
CA VAL D 232 -8.13 -29.57 13.44
C VAL D 232 -7.35 -28.39 14.01
N ALA D 233 -7.62 -28.00 15.26
CA ALA D 233 -6.84 -26.95 15.89
C ALA D 233 -5.37 -27.32 16.01
N VAL D 234 -5.08 -28.59 16.31
CA VAL D 234 -3.68 -29.01 16.41
C VAL D 234 -3.01 -28.90 15.05
N PHE D 235 -3.70 -29.34 13.99
CA PHE D 235 -3.17 -29.18 12.64
C PHE D 235 -2.84 -27.73 12.33
N LEU D 236 -3.79 -26.82 12.59
CA LEU D 236 -3.54 -25.42 12.25
C LEU D 236 -2.43 -24.82 13.11
N ALA D 237 -2.29 -25.29 14.35
CA ALA D 237 -1.23 -24.79 15.24
C ALA D 237 0.15 -25.26 14.81
N SER D 238 0.20 -26.36 14.10
CA SER D 238 1.45 -27.04 13.75
C SER D 238 2.05 -26.49 12.45
N ASP D 239 3.30 -26.87 12.22
CA ASP D 239 3.97 -26.56 10.96
C ASP D 239 3.34 -27.28 9.77
N ASP D 240 2.49 -28.27 9.99
CA ASP D 240 1.83 -28.92 8.86
C ASP D 240 0.95 -27.93 8.10
N ALA D 241 0.48 -26.89 8.76
CA ALA D 241 -0.34 -25.86 8.14
C ALA D 241 0.48 -24.60 7.81
N ARG D 242 1.79 -24.75 7.61
CA ARG D 242 2.65 -23.59 7.41
CA ARG D 242 2.66 -23.60 7.40
C ARG D 242 2.31 -22.80 6.16
N TRP D 243 1.61 -23.39 5.19
CA TRP D 243 1.30 -22.67 3.96
C TRP D 243 -0.18 -22.29 3.88
N MET D 244 -0.87 -22.31 5.01
CA MET D 244 -2.27 -21.89 5.11
C MET D 244 -2.39 -20.67 6.01
N THR D 245 -2.92 -19.59 5.47
CA THR D 245 -3.30 -18.45 6.30
C THR D 245 -4.49 -17.75 5.68
N GLY D 246 -5.38 -17.23 6.53
CA GLY D 246 -6.60 -16.61 6.02
C GLY D 246 -7.68 -17.59 5.64
N GLU D 247 -7.54 -18.86 6.04
CA GLU D 247 -8.53 -19.88 5.74
C GLU D 247 -9.60 -19.97 6.82
N HIS D 248 -10.76 -20.52 6.43
CA HIS D 248 -11.89 -20.74 7.33
C HIS D 248 -12.27 -22.21 7.13
N LEU D 249 -11.88 -23.05 8.07
CA LEU D 249 -12.04 -24.50 7.90
C LEU D 249 -13.38 -24.91 8.50
N VAL D 250 -14.32 -25.34 7.64
CA VAL D 250 -15.63 -25.76 8.14
C VAL D 250 -15.49 -27.20 8.62
N VAL D 251 -15.82 -27.41 9.89
CA VAL D 251 -15.63 -28.71 10.52
C VAL D 251 -16.98 -29.08 11.12
N SER D 252 -17.84 -29.64 10.27
CA SER D 252 -19.27 -29.76 10.57
C SER D 252 -19.81 -31.10 10.11
N GLY D 253 -18.94 -32.02 9.71
CA GLY D 253 -19.41 -33.26 9.12
C GLY D 253 -20.01 -33.08 7.76
N GLY D 254 -19.72 -31.96 7.09
CA GLY D 254 -20.16 -31.77 5.72
C GLY D 254 -21.31 -30.79 5.52
N LEU D 255 -21.81 -30.19 6.59
CA LEU D 255 -22.88 -29.20 6.51
C LEU D 255 -22.30 -27.83 6.19
N ASN D 256 -22.79 -27.21 5.12
CA ASN D 256 -22.34 -25.84 4.84
C ASN D 256 -23.37 -25.13 3.95
N SER E 10 22.54 13.71 -33.76
CA SER E 10 22.61 14.78 -32.77
C SER E 10 21.42 14.69 -31.82
N LYS E 11 21.68 14.94 -30.53
CA LYS E 11 20.71 14.67 -29.48
C LYS E 11 19.47 15.55 -29.57
N LEU E 12 19.56 16.70 -30.22
CA LEU E 12 18.46 17.64 -30.29
C LEU E 12 18.07 17.97 -31.73
N ALA E 13 18.42 17.08 -32.66
CA ALA E 13 18.07 17.30 -34.05
C ALA E 13 16.57 17.53 -34.22
N GLY E 14 16.22 18.58 -34.97
CA GLY E 14 14.83 18.87 -35.25
C GLY E 14 14.10 19.61 -34.16
N LYS E 15 14.75 19.84 -33.02
CA LYS E 15 14.16 20.53 -31.88
C LYS E 15 14.44 22.02 -31.92
N VAL E 16 13.61 22.78 -31.22
CA VAL E 16 13.75 24.23 -31.11
C VAL E 16 13.84 24.59 -29.64
N ALA E 17 14.83 25.41 -29.30
CA ALA E 17 15.03 25.85 -27.93
C ALA E 17 14.95 27.36 -27.83
N ILE E 18 14.42 27.85 -26.70
CA ILE E 18 14.57 29.24 -26.28
C ILE E 18 15.57 29.26 -25.13
N VAL E 19 16.54 30.18 -25.18
CA VAL E 19 17.38 30.46 -24.01
C VAL E 19 17.20 31.94 -23.65
N THR E 20 16.60 32.23 -22.51
CA THR E 20 16.49 33.62 -22.10
C THR E 20 17.85 34.10 -21.58
N GLY E 21 18.19 35.37 -21.90
CA GLY E 21 19.45 35.90 -21.43
C GLY E 21 20.65 35.15 -22.00
N ALA E 22 20.69 35.02 -23.32
CA ALA E 22 21.76 34.29 -23.98
C ALA E 22 22.77 35.21 -24.66
N SER E 23 22.78 36.49 -24.32
CA SER E 23 23.78 37.41 -24.86
C SER E 23 25.07 37.45 -24.06
N LYS E 24 25.10 36.80 -22.90
CA LYS E 24 26.25 36.79 -21.99
C LYS E 24 26.30 35.44 -21.27
N GLY E 25 27.49 35.15 -20.74
CA GLY E 25 27.64 34.22 -19.63
C GLY E 25 27.10 32.83 -19.87
N ILE E 26 26.40 32.32 -18.85
CA ILE E 26 25.89 30.95 -18.88
C ILE E 26 24.91 30.75 -20.03
N GLY E 27 24.01 31.71 -20.24
CA GLY E 27 23.00 31.54 -21.28
C GLY E 27 23.61 31.48 -22.67
N ALA E 28 24.63 32.30 -22.94
CA ALA E 28 25.32 32.23 -24.20
C ALA E 28 25.91 30.84 -24.44
N ALA E 29 26.56 30.29 -23.40
CA ALA E 29 27.18 28.97 -23.58
C ALA E 29 26.11 27.89 -23.76
N ILE E 30 25.00 27.98 -23.02
CA ILE E 30 23.91 27.01 -23.20
C ILE E 30 23.38 27.09 -24.63
N ALA E 31 23.18 28.31 -25.14
CA ALA E 31 22.66 28.43 -26.49
C ALA E 31 23.57 27.76 -27.50
N LYS E 32 24.88 28.02 -27.39
CA LYS E 32 25.82 27.43 -28.33
CA LYS E 32 25.81 27.43 -28.34
C LYS E 32 25.84 25.90 -28.21
N ALA E 33 25.77 25.39 -26.99
CA ALA E 33 25.83 23.95 -26.79
C ALA E 33 24.58 23.23 -27.30
N LEU E 34 23.41 23.82 -27.09
CA LEU E 34 22.18 23.25 -27.63
C LEU E 34 22.23 23.22 -29.15
N ALA E 35 22.72 24.31 -29.77
CA ALA E 35 22.81 24.34 -31.23
C ALA E 35 23.82 23.33 -31.72
N ASP E 36 24.88 23.07 -30.95
CA ASP E 36 25.87 22.07 -31.34
CA ASP E 36 25.85 22.08 -31.41
C ASP E 36 25.26 20.68 -31.43
N GLU E 37 24.20 20.43 -30.65
CA GLU E 37 23.50 19.16 -30.68
C GLU E 37 22.29 19.20 -31.60
N GLY E 38 22.17 20.24 -32.42
CA GLY E 38 21.19 20.26 -33.48
C GLY E 38 19.96 21.11 -33.25
N ALA E 39 19.82 21.73 -32.09
CA ALA E 39 18.65 22.54 -31.81
C ALA E 39 18.75 23.86 -32.57
N ALA E 40 17.62 24.32 -33.09
CA ALA E 40 17.51 25.71 -33.52
C ALA E 40 17.23 26.55 -32.28
N VAL E 41 17.96 27.66 -32.10
CA VAL E 41 17.96 28.37 -30.81
C VAL E 41 17.52 29.81 -30.99
N VAL E 42 16.53 30.20 -30.18
CA VAL E 42 16.13 31.58 -30.01
C VAL E 42 17.01 32.19 -28.92
N VAL E 43 17.81 33.18 -29.29
CA VAL E 43 18.83 33.78 -28.43
C VAL E 43 18.28 35.11 -27.93
N ASN E 44 17.78 35.14 -26.70
CA ASN E 44 17.18 36.34 -26.14
C ASN E 44 18.23 37.22 -25.48
N TYR E 45 18.07 38.53 -25.65
CA TYR E 45 18.87 39.53 -24.96
C TYR E 45 17.94 40.59 -24.41
N ALA E 46 18.48 41.38 -23.48
CA ALA E 46 17.76 42.55 -22.97
C ALA E 46 18.50 43.81 -23.39
N SER E 47 19.63 44.11 -22.77
CA SER E 47 20.38 45.32 -23.09
C SER E 47 21.41 45.15 -24.18
N SER E 48 21.78 43.92 -24.55
CA SER E 48 22.91 43.74 -25.48
C SER E 48 22.53 42.96 -26.73
N LYS E 49 22.01 43.67 -27.73
CA LYS E 49 21.84 43.08 -29.06
C LYS E 49 23.16 42.58 -29.61
N ALA E 50 24.26 43.32 -29.36
CA ALA E 50 25.56 42.91 -29.89
C ALA E 50 25.98 41.55 -29.34
N GLY E 51 25.73 41.31 -28.05
CA GLY E 51 26.06 40.01 -27.50
C GLY E 51 25.27 38.89 -28.15
N ALA E 52 23.96 39.09 -28.29
CA ALA E 52 23.13 38.07 -28.91
C ALA E 52 23.54 37.84 -30.36
N ASP E 53 23.83 38.92 -31.10
CA ASP E 53 24.24 38.74 -32.49
C ASP E 53 25.54 37.95 -32.58
N ALA E 54 26.47 38.16 -31.64
CA ALA E 54 27.72 37.41 -31.65
C ALA E 54 27.47 35.93 -31.41
N VAL E 55 26.54 35.61 -30.50
CA VAL E 55 26.18 34.22 -30.23
C VAL E 55 25.51 33.59 -31.44
N VAL E 56 24.54 34.29 -32.02
CA VAL E 56 23.89 33.78 -33.23
C VAL E 56 24.93 33.56 -34.32
N SER E 57 25.86 34.50 -34.48
N SER E 57 25.86 34.50 -34.48
CA SER E 57 26.89 34.35 -35.51
CA SER E 57 26.89 34.36 -35.51
C SER E 57 27.77 33.14 -35.24
C SER E 57 27.78 33.16 -35.25
N ALA E 58 28.11 32.90 -33.98
CA ALA E 58 28.92 31.73 -33.66
C ALA E 58 28.16 30.45 -34.00
N ILE E 59 26.85 30.45 -33.74
CA ILE E 59 26.05 29.26 -34.02
C ILE E 59 25.94 29.02 -35.52
N THR E 60 25.67 30.08 -36.30
CA THR E 60 25.47 29.84 -37.73
C THR E 60 26.80 29.54 -38.44
N GLU E 61 27.90 30.17 -38.01
CA GLU E 61 29.19 29.85 -38.61
C GLU E 61 29.58 28.40 -38.35
N ALA E 62 29.12 27.84 -37.24
CA ALA E 62 29.33 26.42 -36.92
C ALA E 62 28.30 25.51 -37.58
N GLY E 63 27.45 26.04 -38.45
CA GLY E 63 26.51 25.22 -39.19
C GLY E 63 25.14 25.05 -38.55
N GLY E 64 24.84 25.78 -37.48
CA GLY E 64 23.57 25.66 -36.81
C GLY E 64 22.61 26.77 -37.21
N ARG E 65 21.45 26.78 -36.54
CA ARG E 65 20.45 27.81 -36.77
C ARG E 65 20.12 28.53 -35.48
N ALA E 66 20.04 29.85 -35.55
CA ALA E 66 19.68 30.63 -34.38
C ALA E 66 19.13 31.98 -34.83
N VAL E 67 18.39 32.62 -33.93
CA VAL E 67 17.84 33.95 -34.19
C VAL E 67 17.82 34.73 -32.88
N ALA E 68 18.12 36.02 -32.96
CA ALA E 68 18.12 36.89 -31.79
C ALA E 68 16.75 37.54 -31.60
N VAL E 69 16.38 37.78 -30.34
CA VAL E 69 15.18 38.56 -30.05
C VAL E 69 15.41 39.32 -28.75
N GLY E 70 15.14 40.63 -28.79
CA GLY E 70 15.22 41.45 -27.60
C GLY E 70 13.92 41.39 -26.82
N GLY E 71 14.05 41.27 -25.51
CA GLY E 71 12.86 41.25 -24.66
C GLY E 71 13.23 41.13 -23.20
N ASP E 72 12.52 41.87 -22.35
CA ASP E 72 12.65 41.81 -20.90
C ASP E 72 11.66 40.77 -20.37
N VAL E 73 12.17 39.67 -19.81
CA VAL E 73 11.30 38.57 -19.39
C VAL E 73 10.33 38.99 -18.30
N SER E 74 10.61 40.07 -17.56
CA SER E 74 9.68 40.52 -16.53
C SER E 74 8.49 41.27 -17.10
N LYS E 75 8.45 41.49 -18.41
CA LYS E 75 7.34 42.17 -19.07
C LYS E 75 6.55 41.15 -19.86
N ALA E 76 5.27 40.98 -19.52
CA ALA E 76 4.48 39.91 -20.12
C ALA E 76 4.50 39.98 -21.65
N ALA E 77 4.43 41.18 -22.22
CA ALA E 77 4.38 41.27 -23.68
C ALA E 77 5.70 40.83 -24.29
N ASP E 78 6.82 41.10 -23.61
CA ASP E 78 8.12 40.66 -24.14
C ASP E 78 8.28 39.16 -23.99
N ALA E 79 7.83 38.60 -22.86
CA ALA E 79 7.92 37.15 -22.70
C ALA E 79 7.13 36.45 -23.79
N GLN E 80 5.96 37.00 -24.12
CA GLN E 80 5.15 36.45 -25.20
C GLN E 80 5.87 36.58 -26.54
N ARG E 81 6.54 37.72 -26.78
CA ARG E 81 7.26 37.89 -28.03
C ARG E 81 8.45 36.95 -28.15
N ILE E 82 9.14 36.65 -27.05
CA ILE E 82 10.23 35.68 -27.10
C ILE E 82 9.72 34.32 -27.56
N VAL E 83 8.57 33.90 -26.99
CA VAL E 83 8.00 32.60 -27.37
C VAL E 83 7.51 32.65 -28.81
N ASP E 84 6.84 33.74 -29.19
CA ASP E 84 6.35 33.85 -30.57
C ASP E 84 7.48 33.79 -31.58
N THR E 85 8.68 34.25 -31.21
CA THR E 85 9.81 34.20 -32.13
C THR E 85 10.16 32.76 -32.48
N ALA E 86 10.07 31.85 -31.51
CA ALA E 86 10.33 30.45 -31.80
C ALA E 86 9.33 29.90 -32.80
N ILE E 87 8.04 30.21 -32.60
CA ILE E 87 7.01 29.68 -33.47
C ILE E 87 7.10 30.31 -34.85
N GLU E 88 7.31 31.63 -34.89
CA GLU E 88 7.39 32.33 -36.18
C GLU E 88 8.65 31.98 -36.95
N THR E 89 9.72 31.63 -36.28
CA THR E 89 10.95 31.33 -37.02
C THR E 89 11.11 29.85 -37.34
N TYR E 90 10.71 28.99 -36.40
CA TYR E 90 10.96 27.58 -36.53
C TYR E 90 9.72 26.70 -36.41
N GLY E 91 8.54 27.29 -36.17
CA GLY E 91 7.27 26.56 -36.19
C GLY E 91 6.99 25.64 -35.02
N ARG E 92 7.84 25.60 -34.01
CA ARG E 92 7.61 24.69 -32.90
C ARG E 92 8.45 25.15 -31.72
N LEU E 93 8.20 24.56 -30.55
CA LEU E 93 9.04 24.80 -29.39
C LEU E 93 9.12 23.51 -28.58
N ASP E 94 10.34 23.14 -28.21
CA ASP E 94 10.61 21.90 -27.49
C ASP E 94 11.29 22.11 -26.16
N VAL E 95 12.20 23.10 -26.08
CA VAL E 95 13.05 23.28 -24.91
C VAL E 95 12.99 24.76 -24.51
N LEU E 96 12.73 25.03 -23.24
CA LEU E 96 12.81 26.38 -22.70
C LEU E 96 13.85 26.39 -21.60
N VAL E 97 14.88 27.23 -21.73
CA VAL E 97 15.87 27.42 -20.67
C VAL E 97 15.63 28.81 -20.09
N ASN E 98 15.11 28.86 -18.86
CA ASN E 98 14.91 30.10 -18.12
C ASN E 98 16.22 30.44 -17.43
N ASN E 99 17.06 31.17 -18.17
CA ASN E 99 18.39 31.53 -17.68
C ASN E 99 18.50 32.99 -17.23
N SER E 100 17.78 33.91 -17.86
CA SER E 100 17.89 35.32 -17.49
C SER E 100 17.79 35.49 -15.98
N GLY E 101 18.71 36.26 -15.43
CA GLY E 101 18.66 36.53 -14.01
C GLY E 101 19.69 37.58 -13.67
N VAL E 102 19.44 38.27 -12.56
CA VAL E 102 20.37 39.26 -12.04
C VAL E 102 20.64 38.96 -10.58
N TYR E 103 21.76 39.49 -10.08
CA TYR E 103 22.13 39.26 -8.68
C TYR E 103 22.79 40.50 -8.11
N GLU E 104 22.36 40.86 -6.90
CA GLU E 104 23.00 41.91 -6.14
C GLU E 104 22.90 41.53 -4.69
N PHE E 105 24.00 41.63 -3.96
CA PHE E 105 23.97 41.33 -2.54
C PHE E 105 23.74 42.61 -1.76
N ALA E 106 23.09 42.46 -0.60
CA ALA E 106 22.99 43.54 0.38
C ALA E 106 22.61 42.93 1.71
N PRO E 107 23.28 43.31 2.79
CA PRO E 107 22.83 42.88 4.13
C PRO E 107 21.42 43.38 4.40
N ILE E 108 20.78 42.73 5.38
CA ILE E 108 19.37 43.01 5.67
C ILE E 108 19.13 44.50 5.91
N GLU E 109 20.04 45.19 6.60
CA GLU E 109 19.83 46.62 6.90
CA GLU E 109 19.83 46.62 6.90
C GLU E 109 19.85 47.48 5.65
N ALA E 110 20.50 47.04 4.57
CA ALA E 110 20.68 47.83 3.37
C ALA E 110 19.67 47.53 2.27
N ILE E 111 18.81 46.52 2.45
CA ILE E 111 17.87 46.18 1.39
C ILE E 111 16.91 47.33 1.11
N THR E 112 16.79 47.69 -0.16
CA THR E 112 15.83 48.70 -0.62
C THR E 112 14.73 48.02 -1.40
N GLU E 113 13.63 48.76 -1.61
CA GLU E 113 12.54 48.22 -2.42
C GLU E 113 13.00 47.92 -3.84
N GLU E 114 13.82 48.80 -4.42
CA GLU E 114 14.27 48.57 -5.79
C GLU E 114 15.15 47.33 -5.90
N HIS E 115 16.05 47.15 -4.92
CA HIS E 115 16.91 45.98 -4.87
C HIS E 115 16.08 44.70 -4.81
N TYR E 116 14.99 44.73 -4.05
CA TYR E 116 14.11 43.58 -3.93
C TYR E 116 13.32 43.35 -5.21
N ARG E 117 12.63 44.39 -5.71
CA ARG E 117 11.74 44.20 -6.85
C ARG E 117 12.53 43.86 -8.12
N ARG E 118 13.68 44.50 -8.36
CA ARG E 118 14.40 44.22 -9.59
CA ARG E 118 14.39 44.22 -9.60
C ARG E 118 14.76 42.75 -9.69
N GLN E 119 15.22 42.18 -8.59
CA GLN E 119 15.65 40.78 -8.63
C GLN E 119 14.46 39.83 -8.67
N PHE E 120 13.41 40.09 -7.88
CA PHE E 120 12.28 39.16 -7.94
C PHE E 120 11.53 39.27 -9.25
N ASP E 121 11.43 40.47 -9.82
CA ASP E 121 10.68 40.63 -11.07
C ASP E 121 11.36 39.88 -12.20
N THR E 122 12.68 39.96 -12.29
CA THR E 122 13.39 39.25 -13.36
C THR E 122 13.49 37.77 -13.04
N ASN E 123 13.95 37.45 -11.83
CA ASN E 123 14.36 36.07 -11.55
C ASN E 123 13.19 35.16 -11.25
N VAL E 124 12.06 35.70 -10.81
CA VAL E 124 10.90 34.89 -10.49
C VAL E 124 9.76 35.16 -11.44
N PHE E 125 9.28 36.41 -11.48
CA PHE E 125 8.15 36.69 -12.39
C PHE E 125 8.54 36.41 -13.84
N GLY E 126 9.79 36.68 -14.22
CA GLY E 126 10.21 36.41 -15.59
C GLY E 126 10.19 34.93 -15.92
N VAL E 127 10.55 34.08 -14.95
CA VAL E 127 10.45 32.64 -15.15
C VAL E 127 9.00 32.24 -15.35
N LEU E 128 8.10 32.76 -14.50
CA LEU E 128 6.70 32.41 -14.62
C LEU E 128 6.10 32.90 -15.94
N LEU E 129 6.38 34.17 -16.30
CA LEU E 129 5.78 34.72 -17.53
C LEU E 129 6.28 33.97 -18.76
N THR E 130 7.58 33.66 -18.83
CA THR E 130 8.09 33.00 -20.03
C THR E 130 7.59 31.56 -20.10
N THR E 131 7.56 30.87 -18.96
CA THR E 131 7.02 29.52 -18.94
C THR E 131 5.54 29.50 -19.30
N GLN E 132 4.78 30.45 -18.75
CA GLN E 132 3.35 30.54 -19.06
C GLN E 132 3.10 30.73 -20.55
N ALA E 133 3.90 31.57 -21.21
CA ALA E 133 3.73 31.75 -22.65
C ALA E 133 4.18 30.52 -23.42
N ALA E 134 5.20 29.82 -22.92
CA ALA E 134 5.74 28.67 -23.65
C ALA E 134 4.85 27.46 -23.58
N VAL E 135 4.11 27.27 -22.49
CA VAL E 135 3.51 25.96 -22.22
CA VAL E 135 3.51 25.96 -22.23
C VAL E 135 2.45 25.62 -23.26
N LYS E 136 1.78 26.61 -23.85
CA LYS E 136 0.80 26.33 -24.89
C LYS E 136 1.41 25.51 -26.02
N HIS E 137 2.71 25.70 -26.26
CA HIS E 137 3.37 25.10 -27.41
C HIS E 137 4.13 23.84 -27.08
N LEU E 138 4.13 23.43 -25.82
CA LEU E 138 4.96 22.33 -25.35
C LEU E 138 4.14 21.06 -25.33
N GLY E 139 4.72 20.00 -25.87
CA GLY E 139 4.03 18.73 -25.93
C GLY E 139 4.83 17.66 -25.25
N GLU E 140 4.44 16.40 -25.43
CA GLU E 140 5.11 15.30 -24.76
CA GLU E 140 5.12 15.29 -24.76
C GLU E 140 6.59 15.29 -25.13
N GLY E 141 7.45 15.16 -24.11
CA GLY E 141 8.88 15.13 -24.32
C GLY E 141 9.54 16.49 -24.26
N ALA E 142 8.77 17.57 -24.18
CA ALA E 142 9.38 18.88 -23.99
C ALA E 142 10.13 18.96 -22.67
N SER E 143 11.07 19.91 -22.58
CA SER E 143 11.95 20.03 -21.41
C SER E 143 12.11 21.50 -21.04
N ILE E 144 11.73 21.84 -19.81
CA ILE E 144 11.93 23.17 -19.25
C ILE E 144 13.08 23.09 -18.26
N ILE E 145 14.07 23.96 -18.42
CA ILE E 145 15.26 23.96 -17.57
C ILE E 145 15.37 25.33 -16.92
N ASN E 146 15.24 25.38 -15.59
CA ASN E 146 15.33 26.63 -14.85
C ASN E 146 16.74 26.76 -14.29
N ILE E 147 17.41 27.89 -14.54
CA ILE E 147 18.72 28.13 -13.95
C ILE E 147 18.50 28.78 -12.59
N SER E 148 18.73 28.01 -11.55
CA SER E 148 18.62 28.48 -10.17
C SER E 148 20.01 28.86 -9.68
N SER E 149 20.47 28.40 -8.51
CA SER E 149 21.79 28.72 -7.97
C SER E 149 22.06 27.83 -6.76
N VAL E 150 23.33 27.47 -6.57
CA VAL E 150 23.76 26.80 -5.36
C VAL E 150 23.49 27.64 -4.12
N VAL E 151 23.21 28.95 -4.25
CA VAL E 151 22.89 29.67 -3.02
C VAL E 151 21.65 29.12 -2.32
N THR E 152 20.80 28.34 -3.01
CA THR E 152 19.70 27.76 -2.25
C THR E 152 20.17 26.68 -1.28
N SER E 153 21.36 26.12 -1.48
CA SER E 153 22.00 25.23 -0.52
C SER E 153 22.91 25.95 0.46
N ILE E 154 23.71 26.91 -0.01
CA ILE E 154 24.72 27.50 0.87
C ILE E 154 24.33 28.87 1.43
N THR E 155 23.23 29.46 0.96
CA THR E 155 22.60 30.68 1.50
C THR E 155 23.59 31.69 2.10
N PRO E 156 24.42 32.33 1.27
CA PRO E 156 25.50 33.18 1.83
C PRO E 156 24.96 34.40 2.55
N PRO E 157 25.66 34.89 3.57
CA PRO E 157 25.29 36.17 4.18
C PRO E 157 25.21 37.26 3.13
N ALA E 158 24.32 38.22 3.39
CA ALA E 158 24.08 39.39 2.55
C ALA E 158 23.49 39.02 1.21
N SER E 159 22.87 37.85 1.09
CA SER E 159 22.19 37.49 -0.15
C SER E 159 20.70 37.20 0.04
N ALA E 160 20.04 37.85 1.01
CA ALA E 160 18.66 37.43 1.31
C ALA E 160 17.75 37.58 0.08
N VAL E 161 17.85 38.68 -0.66
CA VAL E 161 16.96 38.85 -1.80
C VAL E 161 17.31 37.85 -2.91
N TYR E 162 18.59 37.81 -3.33
CA TYR E 162 18.97 36.93 -4.42
C TYR E 162 18.70 35.47 -4.08
N SER E 163 19.15 35.02 -2.91
CA SER E 163 18.87 33.64 -2.54
C SER E 163 17.37 33.38 -2.44
N GLY E 164 16.62 34.38 -1.97
CA GLY E 164 15.18 34.24 -1.98
C GLY E 164 14.65 33.96 -3.37
N THR E 165 15.14 34.70 -4.38
CA THR E 165 14.61 34.48 -5.72
C THR E 165 14.87 33.07 -6.16
N LYS E 166 16.05 32.55 -5.84
CA LYS E 166 16.41 31.23 -6.32
C LYS E 166 15.71 30.14 -5.50
N GLY E 167 15.44 30.38 -4.21
CA GLY E 167 14.57 29.46 -3.49
C GLY E 167 13.18 29.37 -4.12
N ALA E 168 12.68 30.51 -4.59
CA ALA E 168 11.41 30.51 -5.31
C ALA E 168 11.52 29.71 -6.59
N VAL E 169 12.63 29.87 -7.34
CA VAL E 169 12.77 29.10 -8.58
C VAL E 169 12.84 27.60 -8.28
N ASP E 170 13.51 27.21 -7.19
CA ASP E 170 13.56 25.79 -6.85
C ASP E 170 12.16 25.24 -6.60
N ALA E 171 11.34 25.99 -5.86
CA ALA E 171 10.01 25.50 -5.55
C ALA E 171 9.13 25.49 -6.80
N ILE E 172 9.24 26.51 -7.65
CA ILE E 172 8.44 26.54 -8.87
C ILE E 172 8.80 25.37 -9.76
N THR E 173 10.10 25.04 -9.82
CA THR E 173 10.54 23.85 -10.55
C THR E 173 9.82 22.60 -10.07
N GLY E 174 9.73 22.43 -8.75
CA GLY E 174 9.05 21.24 -8.22
C GLY E 174 7.56 21.24 -8.51
N VAL E 175 6.92 22.39 -8.34
CA VAL E 175 5.50 22.51 -8.65
C VAL E 175 5.23 22.14 -10.11
N LEU E 176 5.95 22.76 -11.04
CA LEU E 176 5.59 22.55 -12.43
C LEU E 176 5.95 21.16 -12.90
N ALA E 177 6.96 20.52 -12.28
CA ALA E 177 7.22 19.12 -12.61
C ALA E 177 5.99 18.25 -12.31
N LEU E 178 5.33 18.49 -11.16
CA LEU E 178 4.13 17.74 -10.85
C LEU E 178 2.95 18.19 -11.71
N GLU E 179 2.82 19.50 -11.92
CA GLU E 179 1.67 20.05 -12.60
C GLU E 179 1.64 19.63 -14.07
N LEU E 180 2.81 19.61 -14.71
CA LEU E 180 2.94 19.30 -16.13
C LEU E 180 3.27 17.84 -16.37
N GLY E 181 3.46 17.05 -15.32
CA GLY E 181 3.75 15.64 -15.49
C GLY E 181 2.76 14.87 -16.35
N PRO E 182 1.45 15.07 -16.14
CA PRO E 182 0.45 14.40 -17.00
C PRO E 182 0.63 14.68 -18.48
N ARG E 183 1.18 15.84 -18.84
CA ARG E 183 1.46 16.19 -20.22
CA ARG E 183 1.47 16.20 -20.22
C ARG E 183 2.84 15.71 -20.66
N LYS E 184 3.58 15.04 -19.77
CA LYS E 184 4.91 14.50 -20.05
C LYS E 184 5.88 15.61 -20.47
N ILE E 185 5.72 16.79 -19.86
CA ILE E 185 6.69 17.87 -19.98
C ILE E 185 7.56 17.80 -18.74
N ARG E 186 8.89 17.72 -18.93
CA ARG E 186 9.82 17.63 -17.81
C ARG E 186 10.26 19.01 -17.39
N VAL E 187 10.40 19.21 -16.09
CA VAL E 187 10.82 20.51 -15.54
C VAL E 187 11.89 20.23 -14.51
N ASN E 188 13.09 20.78 -14.74
CA ASN E 188 14.24 20.56 -13.87
C ASN E 188 15.00 21.85 -13.69
N ALA E 189 15.79 21.91 -12.62
CA ALA E 189 16.64 23.07 -12.35
C ALA E 189 18.11 22.65 -12.40
N ILE E 190 18.95 23.59 -12.80
CA ILE E 190 20.38 23.52 -12.58
C ILE E 190 20.71 24.58 -11.56
N ASN E 191 21.54 24.22 -10.59
CA ASN E 191 21.92 25.13 -9.51
C ASN E 191 23.43 25.34 -9.60
N PRO E 192 23.88 26.31 -10.42
CA PRO E 192 25.33 26.49 -10.59
C PRO E 192 26.00 27.01 -9.32
N GLY E 193 27.25 26.59 -9.14
CA GLY E 193 28.15 27.30 -8.24
C GLY E 193 28.62 28.57 -8.90
N MET E 194 29.65 29.17 -8.32
CA MET E 194 30.18 30.39 -8.91
C MET E 194 30.77 30.10 -10.29
N ILE E 195 30.32 30.86 -11.29
CA ILE E 195 30.80 30.74 -12.66
C ILE E 195 31.37 32.09 -13.09
N VAL E 196 32.53 32.05 -13.73
CA VAL E 196 33.13 33.29 -14.24
C VAL E 196 32.32 33.71 -15.47
N THR E 197 31.66 34.87 -15.37
CA THR E 197 30.84 35.39 -16.46
C THR E 197 31.00 36.89 -16.51
N GLU E 198 30.43 37.47 -17.57
CA GLU E 198 30.31 38.92 -17.61
C GLU E 198 29.67 39.45 -16.34
N GLY E 199 28.57 38.81 -15.92
CA GLY E 199 27.86 39.26 -14.73
C GLY E 199 28.68 39.18 -13.46
N THR E 200 29.45 38.12 -13.27
CA THR E 200 30.16 38.07 -11.99
C THR E 200 31.37 39.01 -11.99
N HIS E 201 31.92 39.36 -13.15
CA HIS E 201 32.85 40.48 -13.20
C HIS E 201 32.14 41.80 -12.91
N SER E 202 31.00 42.02 -13.55
CA SER E 202 30.32 43.31 -13.40
C SER E 202 29.84 43.54 -11.98
N ALA E 203 29.47 42.47 -11.28
CA ALA E 203 29.02 42.55 -9.90
C ALA E 203 30.16 42.75 -8.92
N GLY E 204 31.40 42.66 -9.39
CA GLY E 204 32.53 42.76 -8.47
C GLY E 204 32.74 41.52 -7.65
N ILE E 205 32.12 40.42 -8.05
CA ILE E 205 32.25 39.15 -7.34
C ILE E 205 33.57 38.48 -7.69
N ILE E 206 33.94 38.49 -8.96
CA ILE E 206 35.28 38.04 -9.33
C ILE E 206 36.27 39.02 -8.71
N GLY E 207 37.18 38.49 -7.89
CA GLY E 207 38.13 39.29 -7.15
C GLY E 207 37.74 39.57 -5.71
N SER E 208 36.54 39.19 -5.28
CA SER E 208 36.06 39.50 -3.94
C SER E 208 36.53 38.45 -2.93
N ASP E 209 36.35 38.77 -1.65
CA ASP E 209 36.60 37.75 -0.63
C ASP E 209 35.66 36.56 -0.79
N LEU E 210 34.44 36.79 -1.29
CA LEU E 210 33.51 35.68 -1.52
C LEU E 210 34.06 34.68 -2.53
N GLU E 211 34.64 35.18 -3.63
CA GLU E 211 35.24 34.29 -4.62
C GLU E 211 36.34 33.43 -3.99
N ALA E 212 37.24 34.07 -3.24
CA ALA E 212 38.33 33.32 -2.62
C ALA E 212 37.79 32.27 -1.67
N GLN E 213 36.76 32.62 -0.90
CA GLN E 213 36.16 31.67 0.03
C GLN E 213 35.55 30.49 -0.72
N VAL E 214 34.77 30.79 -1.76
CA VAL E 214 34.09 29.76 -2.52
C VAL E 214 35.10 28.84 -3.19
N LEU E 215 36.14 29.42 -3.79
CA LEU E 215 37.17 28.62 -4.44
C LEU E 215 37.79 27.61 -3.48
N GLY E 216 38.16 28.07 -2.28
CA GLY E 216 38.77 27.18 -1.30
C GLY E 216 37.83 26.07 -0.84
N GLN E 217 36.52 26.30 -0.90
CA GLN E 217 35.58 25.27 -0.49
CA GLN E 217 35.49 25.34 -0.52
C GLN E 217 35.06 24.45 -1.67
N THR E 218 35.65 24.60 -2.86
CA THR E 218 35.21 23.83 -4.01
C THR E 218 36.03 22.55 -4.13
N PRO E 219 35.43 21.38 -3.92
CA PRO E 219 36.22 20.12 -3.96
C PRO E 219 37.06 19.91 -5.21
N LEU E 220 36.55 20.29 -6.40
CA LEU E 220 37.29 20.05 -7.63
C LEU E 220 38.24 21.19 -8.00
N GLY E 221 38.41 22.18 -7.12
CA GLY E 221 39.63 22.95 -7.11
C GLY E 221 39.77 24.06 -8.13
N ARG E 222 38.66 24.59 -8.64
CA ARG E 222 38.70 25.73 -9.57
C ARG E 222 37.34 26.42 -9.55
N LEU E 223 37.30 27.62 -10.14
CA LEU E 223 36.01 28.26 -10.39
C LEU E 223 35.37 27.61 -11.61
N GLY E 224 34.03 27.68 -11.66
CA GLY E 224 33.32 27.15 -12.78
C GLY E 224 33.37 28.09 -13.98
N GLU E 225 33.07 27.51 -15.13
CA GLU E 225 33.07 28.15 -16.43
CA GLU E 225 33.06 28.20 -16.41
C GLU E 225 31.72 27.96 -17.07
N PRO E 226 31.30 28.84 -17.98
CA PRO E 226 29.96 28.67 -18.59
C PRO E 226 29.73 27.29 -19.21
N ASN E 227 30.76 26.71 -19.83
CA ASN E 227 30.55 25.39 -20.44
C ASN E 227 30.32 24.30 -19.41
N ASP E 228 30.74 24.49 -18.15
CA ASP E 228 30.42 23.51 -17.12
C ASP E 228 28.92 23.38 -16.94
N ILE E 229 28.19 24.48 -17.13
CA ILE E 229 26.74 24.45 -17.01
C ILE E 229 26.11 24.01 -18.32
N ALA E 230 26.65 24.49 -19.44
CA ALA E 230 26.08 24.20 -20.75
C ALA E 230 25.95 22.70 -20.99
N SER E 231 26.95 21.91 -20.59
CA SER E 231 26.86 20.48 -20.89
CA SER E 231 26.91 20.46 -20.83
C SER E 231 25.77 19.80 -20.07
N VAL E 232 25.49 20.29 -18.86
CA VAL E 232 24.41 19.73 -18.07
C VAL E 232 23.07 20.15 -18.65
N ALA E 233 22.98 21.38 -19.18
CA ALA E 233 21.74 21.80 -19.82
C ALA E 233 21.41 20.92 -21.03
N VAL E 234 22.43 20.58 -21.83
CA VAL E 234 22.21 19.69 -22.98
C VAL E 234 21.68 18.35 -22.51
N PHE E 235 22.27 17.80 -21.44
CA PHE E 235 21.77 16.53 -20.90
C PHE E 235 20.30 16.63 -20.48
N LEU E 236 19.93 17.67 -19.71
CA LEU E 236 18.54 17.81 -19.28
C LEU E 236 17.58 18.07 -20.43
N ALA E 237 18.03 18.77 -21.49
CA ALA E 237 17.20 19.01 -22.67
C ALA E 237 16.96 17.74 -23.47
N SER E 238 17.88 16.79 -23.39
CA SER E 238 17.89 15.59 -24.24
C SER E 238 17.04 14.47 -23.66
N ASP E 239 16.81 13.44 -24.49
CA ASP E 239 16.11 12.22 -24.05
C ASP E 239 16.93 11.43 -23.03
N ASP E 240 18.21 11.72 -22.85
CA ASP E 240 18.98 11.01 -21.84
C ASP E 240 18.44 11.24 -20.44
N ALA E 241 17.78 12.39 -20.23
CA ALA E 241 17.16 12.74 -18.95
C ALA E 241 15.66 12.49 -18.95
N ARG E 242 15.19 11.57 -19.80
CA ARG E 242 13.75 11.36 -19.96
CA ARG E 242 13.75 11.34 -19.96
C ARG E 242 13.07 10.90 -18.68
N TRP E 243 13.80 10.33 -17.72
CA TRP E 243 13.19 9.84 -16.50
C TRP E 243 13.49 10.75 -15.30
N MET E 244 13.91 11.98 -15.56
CA MET E 244 14.21 12.95 -14.51
CA MET E 244 14.22 12.95 -14.52
C MET E 244 13.30 14.15 -14.66
N THR E 245 12.50 14.42 -13.63
CA THR E 245 11.73 15.65 -13.58
C THR E 245 11.59 16.03 -12.12
N GLY E 246 11.62 17.34 -11.86
CA GLY E 246 11.58 17.87 -10.51
C GLY E 246 12.91 17.88 -9.80
N GLU E 247 14.00 17.63 -10.51
CA GLU E 247 15.33 17.59 -9.92
CA GLU E 247 15.34 17.60 -9.92
C GLU E 247 15.97 18.98 -9.92
N HIS E 248 16.97 19.13 -9.07
CA HIS E 248 17.76 20.37 -8.94
C HIS E 248 19.21 19.90 -8.95
N LEU E 249 19.90 20.07 -10.07
CA LEU E 249 21.25 19.52 -10.23
C LEU E 249 22.26 20.58 -9.80
N VAL E 250 22.99 20.32 -8.71
CA VAL E 250 24.00 21.27 -8.26
C VAL E 250 25.26 21.06 -9.08
N VAL E 251 25.67 22.10 -9.81
CA VAL E 251 26.80 22.01 -10.74
C VAL E 251 27.77 23.09 -10.27
N SER E 252 28.56 22.72 -9.25
CA SER E 252 29.37 23.68 -8.50
C SER E 252 30.75 23.11 -8.21
N GLY E 253 31.14 22.02 -8.88
CA GLY E 253 32.42 21.43 -8.53
C GLY E 253 32.42 20.78 -7.18
N GLY E 254 31.23 20.48 -6.63
CA GLY E 254 31.12 19.76 -5.38
C GLY E 254 30.74 20.60 -4.16
N LEU E 255 30.55 21.91 -4.32
CA LEU E 255 30.16 22.79 -3.22
C LEU E 255 28.64 22.72 -3.02
N ASN E 256 28.21 22.37 -1.82
CA ASN E 256 26.79 22.43 -1.51
C ASN E 256 26.54 22.59 -0.01
N SER F 10 9.01 30.24 33.77
CA SER F 10 8.45 30.24 32.42
C SER F 10 9.53 30.63 31.40
N LYS F 11 9.44 30.04 30.22
CA LYS F 11 10.57 30.02 29.30
C LYS F 11 10.85 31.40 28.70
N LEU F 12 9.84 32.27 28.62
CA LEU F 12 10.03 33.57 27.98
C LEU F 12 9.77 34.71 28.95
N ALA F 13 9.97 34.46 30.24
CA ALA F 13 9.70 35.49 31.23
C ALA F 13 10.54 36.73 30.92
N GLY F 14 9.88 37.88 30.93
CA GLY F 14 10.57 39.13 30.67
C GLY F 14 10.81 39.45 29.22
N LYS F 15 10.50 38.53 28.30
CA LYS F 15 10.81 38.76 26.89
C LYS F 15 9.63 39.39 26.18
N VAL F 16 9.92 39.99 25.01
CA VAL F 16 8.90 40.64 24.18
C VAL F 16 8.92 39.99 22.82
N ALA F 17 7.72 39.64 22.31
CA ALA F 17 7.59 39.04 21.00
C ALA F 17 6.67 39.89 20.12
N ILE F 18 6.95 39.88 18.81
CA ILE F 18 6.02 40.36 17.79
C ILE F 18 5.55 39.15 17.01
N VAL F 19 4.24 39.02 16.82
CA VAL F 19 3.68 38.04 15.88
C VAL F 19 2.94 38.82 14.81
N THR F 20 3.43 38.76 13.57
CA THR F 20 2.68 39.39 12.48
C THR F 20 1.51 38.50 12.10
N GLY F 21 0.37 39.12 11.80
CA GLY F 21 -0.81 38.35 11.43
C GLY F 21 -1.29 37.44 12.54
N ALA F 22 -1.49 38.03 13.73
CA ALA F 22 -1.93 37.28 14.89
C ALA F 22 -3.42 37.48 15.17
N SER F 23 -4.17 38.00 14.20
CA SER F 23 -5.61 38.17 14.38
C SER F 23 -6.41 36.95 13.93
N LYS F 24 -5.74 35.93 13.37
CA LYS F 24 -6.36 34.69 12.94
C LYS F 24 -5.39 33.53 13.09
N GLY F 25 -5.95 32.32 13.17
CA GLY F 25 -5.23 31.13 12.71
C GLY F 25 -3.94 30.84 13.46
N ILE F 26 -2.89 30.49 12.70
CA ILE F 26 -1.62 30.09 13.28
C ILE F 26 -1.02 31.23 14.11
N GLY F 27 -1.08 32.47 13.60
CA GLY F 27 -0.47 33.57 14.33
C GLY F 27 -1.16 33.85 15.65
N ALA F 28 -2.50 33.76 15.65
CA ALA F 28 -3.21 33.93 16.90
C ALA F 28 -2.79 32.89 17.94
N ALA F 29 -2.67 31.63 17.49
CA ALA F 29 -2.28 30.58 18.43
C ALA F 29 -0.85 30.79 18.91
N ILE F 30 0.06 31.20 18.01
CA ILE F 30 1.44 31.47 18.42
C ILE F 30 1.47 32.58 19.46
N ALA F 31 0.75 33.68 19.20
CA ALA F 31 0.72 34.78 20.16
C ALA F 31 0.29 34.30 21.54
N LYS F 32 -0.81 33.53 21.62
CA LYS F 32 -1.31 33.10 22.92
C LYS F 32 -0.34 32.12 23.59
N ALA F 33 0.32 31.27 22.81
CA ALA F 33 1.27 30.32 23.38
C ALA F 33 2.53 31.01 23.88
N LEU F 34 3.03 32.02 23.16
CA LEU F 34 4.18 32.75 23.67
C LEU F 34 3.85 33.46 24.98
N ALA F 35 2.66 34.06 25.06
CA ALA F 35 2.28 34.71 26.31
C ALA F 35 2.13 33.69 27.44
N ASP F 36 1.67 32.48 27.14
CA ASP F 36 1.57 31.45 28.18
C ASP F 36 2.92 31.19 28.84
N GLU F 37 4.02 31.41 28.11
CA GLU F 37 5.35 31.22 28.65
C GLU F 37 5.97 32.53 29.12
N GLY F 38 5.17 33.59 29.19
CA GLY F 38 5.58 34.80 29.85
C GLY F 38 5.97 35.94 28.94
N ALA F 39 5.93 35.75 27.63
CA ALA F 39 6.27 36.85 26.72
C ALA F 39 5.17 37.89 26.68
N ALA F 40 5.57 39.16 26.63
CA ALA F 40 4.66 40.23 26.23
C ALA F 40 4.56 40.20 24.72
N VAL F 41 3.35 40.33 24.16
CA VAL F 41 3.18 40.05 22.74
C VAL F 41 2.55 41.23 22.01
N VAL F 42 3.20 41.67 20.94
CA VAL F 42 2.63 42.62 19.99
C VAL F 42 1.85 41.81 18.96
N VAL F 43 0.55 42.04 18.91
CA VAL F 43 -0.42 41.23 18.17
C VAL F 43 -0.81 42.05 16.94
N ASN F 44 -0.23 41.73 15.78
CA ASN F 44 -0.46 42.52 14.58
C ASN F 44 -1.69 42.02 13.82
N TYR F 45 -2.48 42.97 13.29
CA TYR F 45 -3.57 42.65 12.38
C TYR F 45 -3.46 43.55 11.18
N ALA F 46 -4.15 43.17 10.11
CA ALA F 46 -4.27 44.01 8.92
C ALA F 46 -5.72 44.46 8.76
N SER F 47 -6.60 43.54 8.36
CA SER F 47 -7.99 43.88 8.15
C SER F 47 -8.87 43.59 9.37
N SER F 48 -8.41 42.81 10.34
CA SER F 48 -9.28 42.38 11.44
C SER F 48 -8.78 42.86 12.79
N LYS F 49 -9.15 44.10 13.15
CA LYS F 49 -8.91 44.56 14.53
C LYS F 49 -9.64 43.67 15.52
N ALA F 50 -10.84 43.22 15.15
CA ALA F 50 -11.63 42.35 16.01
C ALA F 50 -10.82 41.14 16.46
N GLY F 51 -10.14 40.47 15.52
CA GLY F 51 -9.42 39.27 15.87
C GLY F 51 -8.23 39.57 16.75
N ALA F 52 -7.50 40.64 16.46
CA ALA F 52 -6.37 40.98 17.32
C ALA F 52 -6.84 41.35 18.72
N ASP F 53 -7.95 42.08 18.83
CA ASP F 53 -8.41 42.44 20.17
C ASP F 53 -8.83 41.21 20.96
N ALA F 54 -9.42 40.21 20.28
CA ALA F 54 -9.81 38.99 20.97
C ALA F 54 -8.60 38.25 21.49
N VAL F 55 -7.53 38.19 20.70
CA VAL F 55 -6.27 37.57 21.12
C VAL F 55 -5.63 38.35 22.26
N VAL F 56 -5.58 39.68 22.14
CA VAL F 56 -5.07 40.48 23.25
C VAL F 56 -5.87 40.23 24.53
N SER F 57 -7.20 40.22 24.42
CA SER F 57 -8.04 39.94 25.58
CA SER F 57 -8.02 39.94 25.59
C SER F 57 -7.72 38.58 26.20
N ALA F 58 -7.54 37.55 25.37
CA ALA F 58 -7.23 36.24 25.93
C ALA F 58 -5.93 36.28 26.71
N ILE F 59 -4.95 37.02 26.22
CA ILE F 59 -3.65 37.08 26.87
C ILE F 59 -3.75 37.84 28.18
N THR F 60 -4.41 39.01 28.16
CA THR F 60 -4.43 39.83 29.37
C THR F 60 -5.35 39.25 30.44
N GLU F 61 -6.46 38.62 30.03
CA GLU F 61 -7.34 38.01 31.03
C GLU F 61 -6.65 36.87 31.75
N ALA F 62 -5.70 36.22 31.11
CA ALA F 62 -4.89 35.19 31.75
C ALA F 62 -3.71 35.76 32.52
N GLY F 63 -3.61 37.08 32.65
CA GLY F 63 -2.55 37.71 33.42
C GLY F 63 -1.33 38.10 32.63
N GLY F 64 -1.38 38.06 31.30
CA GLY F 64 -0.26 38.42 30.47
C GLY F 64 -0.34 39.85 29.98
N ARG F 65 0.63 40.20 29.13
CA ARG F 65 0.72 41.53 28.52
C ARG F 65 0.66 41.39 27.00
N ALA F 66 -0.20 42.19 26.38
CA ALA F 66 -0.24 42.21 24.92
C ALA F 66 -0.82 43.53 24.47
N VAL F 67 -0.56 43.87 23.21
CA VAL F 67 -1.09 45.09 22.60
C VAL F 67 -1.34 44.81 21.14
N ALA F 68 -2.46 45.33 20.61
CA ALA F 68 -2.76 45.16 19.19
C ALA F 68 -2.17 46.30 18.38
N VAL F 69 -1.77 45.99 17.14
CA VAL F 69 -1.29 47.02 16.24
C VAL F 69 -1.70 46.67 14.82
N GLY F 70 -2.34 47.62 14.14
CA GLY F 70 -2.74 47.40 12.76
C GLY F 70 -1.62 47.81 11.83
N GLY F 71 -1.30 46.94 10.88
CA GLY F 71 -0.30 47.28 9.89
C GLY F 71 -0.16 46.22 8.81
N ASP F 72 0.10 46.68 7.59
CA ASP F 72 0.32 45.82 6.44
C ASP F 72 1.83 45.61 6.31
N VAL F 73 2.30 44.38 6.55
CA VAL F 73 3.74 44.09 6.56
C VAL F 73 4.42 44.39 5.23
N SER F 74 3.66 44.44 4.13
CA SER F 74 4.24 44.76 2.83
C SER F 74 4.49 46.25 2.63
N LYS F 75 4.06 47.09 3.56
CA LYS F 75 4.25 48.53 3.50
C LYS F 75 5.34 48.91 4.49
N ALA F 76 6.42 49.53 4.00
CA ALA F 76 7.58 49.76 4.86
C ALA F 76 7.23 50.53 6.13
N ALA F 77 6.39 51.55 6.03
CA ALA F 77 6.10 52.35 7.23
C ALA F 77 5.29 51.54 8.23
N ASP F 78 4.47 50.61 7.73
CA ASP F 78 3.68 49.77 8.63
C ASP F 78 4.56 48.73 9.32
N ALA F 79 5.49 48.12 8.57
CA ALA F 79 6.44 47.20 9.19
C ALA F 79 7.23 47.90 10.29
N GLN F 80 7.65 49.14 10.04
CA GLN F 80 8.35 49.90 11.05
C GLN F 80 7.45 50.17 12.26
N ARG F 81 6.20 50.52 12.02
CA ARG F 81 5.31 50.82 13.14
C ARG F 81 5.05 49.59 13.99
N ILE F 82 4.98 48.41 13.38
CA ILE F 82 4.81 47.18 14.14
C ILE F 82 5.99 47.01 15.10
N VAL F 83 7.22 47.17 14.59
CA VAL F 83 8.40 47.03 15.44
C VAL F 83 8.45 48.12 16.51
N ASP F 84 8.18 49.37 16.12
CA ASP F 84 8.25 50.45 17.10
C ASP F 84 7.23 50.26 18.23
N THR F 85 6.10 49.60 17.93
CA THR F 85 5.11 49.30 18.96
C THR F 85 5.71 48.47 20.09
N ALA F 86 6.51 47.45 19.75
CA ALA F 86 7.20 46.67 20.76
C ALA F 86 8.09 47.54 21.63
N ILE F 87 8.93 48.36 20.98
CA ILE F 87 9.89 49.17 21.73
C ILE F 87 9.18 50.23 22.57
N GLU F 88 8.19 50.92 21.99
CA GLU F 88 7.48 51.97 22.73
C GLU F 88 6.68 51.40 23.90
N THR F 89 6.07 50.22 23.71
CA THR F 89 5.20 49.66 24.74
C THR F 89 5.98 48.92 25.81
N TYR F 90 6.99 48.13 25.41
CA TYR F 90 7.67 47.24 26.35
C TYR F 90 9.16 47.51 26.48
N GLY F 91 9.75 48.37 25.66
CA GLY F 91 11.13 48.78 25.85
C GLY F 91 12.19 47.85 25.26
N ARG F 92 11.79 46.74 24.65
CA ARG F 92 12.75 45.75 24.14
C ARG F 92 12.06 44.85 23.12
N LEU F 93 12.86 44.09 22.38
CA LEU F 93 12.33 43.08 21.46
C LEU F 93 13.25 41.88 21.48
N ASP F 94 12.68 40.68 21.66
CA ASP F 94 13.44 39.44 21.72
C ASP F 94 13.08 38.46 20.63
N VAL F 95 11.82 38.39 20.22
CA VAL F 95 11.32 37.33 19.37
C VAL F 95 10.48 37.97 18.28
N LEU F 96 10.77 37.64 17.02
CA LEU F 96 9.94 38.06 15.89
C LEU F 96 9.41 36.82 15.19
N VAL F 97 8.09 36.71 15.10
CA VAL F 97 7.47 35.63 14.33
C VAL F 97 6.86 36.27 13.09
N ASN F 98 7.49 36.02 11.93
CA ASN F 98 6.95 36.43 10.64
C ASN F 98 5.92 35.41 10.17
N ASN F 99 4.67 35.63 10.59
CA ASN F 99 3.60 34.69 10.30
C ASN F 99 2.65 35.17 9.21
N SER F 100 2.43 36.49 9.08
CA SER F 100 1.52 37.01 8.07
C SER F 100 1.77 36.37 6.71
N GLY F 101 0.71 35.97 6.05
CA GLY F 101 0.88 35.36 4.73
C GLY F 101 -0.48 35.09 4.13
N VAL F 102 -0.50 35.02 2.81
CA VAL F 102 -1.71 34.75 2.04
C VAL F 102 -1.40 33.62 1.07
N TYR F 103 -2.44 32.92 0.65
CA TYR F 103 -2.27 31.79 -0.25
C TYR F 103 -3.44 31.74 -1.23
N GLU F 104 -3.09 31.51 -2.50
CA GLU F 104 -4.07 31.28 -3.55
C GLU F 104 -3.41 30.39 -4.58
N PHE F 105 -4.08 29.33 -4.99
CA PHE F 105 -3.55 28.46 -6.02
C PHE F 105 -4.03 28.92 -7.40
N ALA F 106 -3.22 28.62 -8.42
CA ALA F 106 -3.62 28.83 -9.81
C ALA F 106 -2.67 28.04 -10.68
N PRO F 107 -3.16 27.23 -11.62
CA PRO F 107 -2.27 26.59 -12.59
C PRO F 107 -1.54 27.62 -13.42
N ILE F 108 -0.45 27.19 -14.07
CA ILE F 108 0.45 28.13 -14.74
CA ILE F 108 0.45 28.14 -14.71
C ILE F 108 -0.29 28.98 -15.74
N GLU F 109 -1.27 28.39 -16.46
CA GLU F 109 -2.01 29.13 -17.48
CA GLU F 109 -1.97 29.17 -17.49
C GLU F 109 -2.84 30.28 -16.90
N ALA F 110 -3.25 30.15 -15.62
CA ALA F 110 -4.18 31.09 -14.99
C ALA F 110 -3.50 32.15 -14.14
N ILE F 111 -2.18 32.06 -13.94
CA ILE F 111 -1.48 33.01 -13.09
C ILE F 111 -1.63 34.41 -13.65
N THR F 112 -2.09 35.34 -12.82
CA THR F 112 -2.17 36.74 -13.18
C THR F 112 -1.13 37.52 -12.40
N GLU F 113 -0.84 38.75 -12.87
CA GLU F 113 0.13 39.58 -12.20
C GLU F 113 -0.33 39.96 -10.78
N GLU F 114 -1.63 40.22 -10.61
CA GLU F 114 -2.13 40.55 -9.27
C GLU F 114 -1.97 39.37 -8.31
N HIS F 115 -2.26 38.16 -8.80
CA HIS F 115 -2.10 36.93 -8.02
C HIS F 115 -0.65 36.75 -7.58
N TYR F 116 0.28 37.03 -8.49
CA TYR F 116 1.70 36.92 -8.18
C TYR F 116 2.13 38.00 -7.20
N ARG F 117 1.81 39.26 -7.49
CA ARG F 117 2.33 40.35 -6.67
C ARG F 117 1.75 40.30 -5.25
N ARG F 118 0.47 40.01 -5.11
CA ARG F 118 -0.12 40.04 -3.78
CA ARG F 118 -0.13 40.02 -3.78
C ARG F 118 0.58 39.03 -2.86
N GLN F 119 0.89 37.86 -3.38
CA GLN F 119 1.49 36.84 -2.53
C GLN F 119 2.96 37.12 -2.28
N PHE F 120 3.73 37.54 -3.28
CA PHE F 120 5.12 37.85 -3.02
C PHE F 120 5.27 39.10 -2.15
N ASP F 121 4.45 40.12 -2.39
CA ASP F 121 4.56 41.32 -1.57
C ASP F 121 4.33 41.02 -0.09
N THR F 122 3.31 40.22 0.23
CA THR F 122 3.05 39.90 1.63
C THR F 122 4.01 38.87 2.16
N ASN F 123 4.16 37.75 1.44
CA ASN F 123 4.83 36.57 2.00
C ASN F 123 6.34 36.70 1.96
N VAL F 124 6.88 37.51 1.05
CA VAL F 124 8.33 37.68 0.96
C VAL F 124 8.74 39.08 1.35
N PHE F 125 8.26 40.10 0.64
CA PHE F 125 8.70 41.45 0.97
C PHE F 125 8.31 41.79 2.41
N GLY F 126 7.14 41.34 2.87
CA GLY F 126 6.73 41.62 4.24
C GLY F 126 7.65 40.99 5.27
N VAL F 127 8.16 39.79 4.99
CA VAL F 127 9.15 39.18 5.86
C VAL F 127 10.43 40.02 5.90
N LEU F 128 10.91 40.44 4.73
CA LEU F 128 12.13 41.24 4.68
C LEU F 128 11.96 42.58 5.39
N LEU F 129 10.83 43.27 5.15
CA LEU F 129 10.65 44.59 5.76
C LEU F 129 10.53 44.50 7.27
N THR F 130 9.75 43.54 7.77
CA THR F 130 9.57 43.45 9.22
C THR F 130 10.87 43.03 9.89
N THR F 131 11.57 42.06 9.31
CA THR F 131 12.86 41.66 9.87
C THR F 131 13.86 42.81 9.84
N GLN F 132 13.89 43.56 8.74
CA GLN F 132 14.82 44.68 8.65
C GLN F 132 14.57 45.71 9.73
N ALA F 133 13.28 46.00 10.00
CA ALA F 133 12.96 46.95 11.06
C ALA F 133 13.31 46.39 12.43
N ALA F 134 13.14 45.07 12.60
CA ALA F 134 13.32 44.47 13.92
C ALA F 134 14.80 44.35 14.29
N VAL F 135 15.69 44.14 13.31
CA VAL F 135 17.05 43.72 13.62
CA VAL F 135 17.04 43.71 13.65
C VAL F 135 17.81 44.77 14.40
N LYS F 136 17.47 46.05 14.23
CA LYS F 136 18.14 47.09 15.01
C LYS F 136 18.00 46.84 16.52
N HIS F 137 16.93 46.19 16.92
CA HIS F 137 16.61 46.01 18.33
C HIS F 137 16.96 44.62 18.85
N LEU F 138 17.48 43.74 18.00
CA LEU F 138 17.74 42.36 18.40
C LEU F 138 19.19 42.18 18.83
N GLY F 139 19.38 41.54 19.97
CA GLY F 139 20.71 41.26 20.48
C GLY F 139 20.92 39.77 20.67
N GLU F 140 21.97 39.40 21.40
CA GLU F 140 22.32 38.00 21.59
CA GLU F 140 22.31 38.00 21.56
C GLU F 140 21.16 37.26 22.25
N GLY F 141 20.82 36.10 21.69
CA GLY F 141 19.72 35.31 22.21
C GLY F 141 18.39 35.55 21.54
N ALA F 142 18.28 36.59 20.73
CA ALA F 142 17.03 36.85 20.02
C ALA F 142 16.72 35.71 19.06
N SER F 143 15.44 35.58 18.72
CA SER F 143 14.97 34.46 17.91
C SER F 143 13.99 34.98 16.87
N ILE F 144 14.31 34.77 15.60
CA ILE F 144 13.42 35.09 14.48
C ILE F 144 12.86 33.78 13.95
N ILE F 145 11.53 33.70 13.85
CA ILE F 145 10.81 32.50 13.42
C ILE F 145 9.99 32.87 12.19
N ASN F 146 10.31 32.26 11.06
CA ASN F 146 9.55 32.51 9.84
C ASN F 146 8.58 31.37 9.60
N ILE F 147 7.30 31.68 9.38
CA ILE F 147 6.32 30.65 9.03
C ILE F 147 6.33 30.46 7.52
N SER F 148 6.92 29.35 7.09
CA SER F 148 6.98 28.95 5.69
C SER F 148 5.84 27.99 5.42
N SER F 149 6.07 26.83 4.76
CA SER F 149 5.03 25.87 4.45
C SER F 149 5.67 24.57 4.00
N VAL F 150 5.01 23.46 4.31
CA VAL F 150 5.40 22.17 3.75
C VAL F 150 5.35 22.15 2.23
N VAL F 151 4.69 23.13 1.58
CA VAL F 151 4.71 23.10 0.13
C VAL F 151 6.12 23.24 -0.41
N THR F 152 7.10 23.70 0.39
CA THR F 152 8.44 23.71 -0.19
C THR F 152 9.05 22.31 -0.30
N SER F 153 8.48 21.31 0.40
CA SER F 153 8.82 19.89 0.26
C SER F 153 7.94 19.17 -0.76
N ILE F 154 6.63 19.43 -0.76
CA ILE F 154 5.72 18.62 -1.55
C ILE F 154 5.20 19.33 -2.80
N THR F 155 5.50 20.64 -2.97
CA THR F 155 5.27 21.46 -4.16
C THR F 155 4.04 21.05 -4.98
N PRO F 156 2.83 21.26 -4.46
CA PRO F 156 1.63 20.70 -5.11
C PRO F 156 1.37 21.36 -6.44
N PRO F 157 0.82 20.64 -7.41
CA PRO F 157 0.36 21.28 -8.66
C PRO F 157 -0.51 22.49 -8.38
N ALA F 158 -0.41 23.49 -9.26
CA ALA F 158 -1.19 24.71 -9.22
C ALA F 158 -0.81 25.62 -8.07
N SER F 159 0.37 25.45 -7.49
CA SER F 159 0.81 26.33 -6.42
C SER F 159 2.11 27.04 -6.75
N ALA F 160 2.38 27.30 -8.03
CA ALA F 160 3.68 27.86 -8.40
C ALA F 160 3.96 29.16 -7.67
N VAL F 161 2.98 30.08 -7.60
CA VAL F 161 3.25 31.35 -6.94
C VAL F 161 3.41 31.15 -5.43
N TYR F 162 2.46 30.49 -4.79
CA TYR F 162 2.51 30.35 -3.34
C TYR F 162 3.73 29.55 -2.91
N SER F 163 3.98 28.41 -3.55
CA SER F 163 5.17 27.64 -3.21
C SER F 163 6.42 28.44 -3.50
N GLY F 164 6.40 29.24 -4.57
CA GLY F 164 7.52 30.13 -4.84
C GLY F 164 7.78 31.05 -3.66
N THR F 165 6.73 31.65 -3.10
CA THR F 165 6.96 32.57 -1.99
C THR F 165 7.58 31.84 -0.81
N LYS F 166 7.13 30.62 -0.54
CA LYS F 166 7.65 29.92 0.64
C LYS F 166 9.04 29.35 0.37
N GLY F 167 9.36 29.01 -0.88
CA GLY F 167 10.74 28.65 -1.17
C GLY F 167 11.68 29.81 -0.92
N ALA F 168 11.21 31.03 -1.24
CA ALA F 168 11.98 32.23 -0.93
C ALA F 168 12.15 32.41 0.58
N VAL F 169 11.07 32.23 1.34
CA VAL F 169 11.17 32.30 2.80
C VAL F 169 12.17 31.27 3.34
N ASP F 170 12.17 30.05 2.80
CA ASP F 170 13.15 29.05 3.25
C ASP F 170 14.58 29.55 3.02
N ALA F 171 14.84 30.12 1.84
CA ALA F 171 16.21 30.57 1.54
C ALA F 171 16.59 31.79 2.37
N ILE F 172 15.65 32.72 2.57
CA ILE F 172 15.90 33.89 3.40
C ILE F 172 16.22 33.48 4.83
N THR F 173 15.52 32.46 5.33
CA THR F 173 15.84 31.91 6.65
C THR F 173 17.28 31.45 6.72
N GLY F 174 17.73 30.69 5.73
CA GLY F 174 19.11 30.23 5.74
C GLY F 174 20.11 31.38 5.66
N VAL F 175 19.84 32.34 4.78
CA VAL F 175 20.75 33.48 4.65
C VAL F 175 20.89 34.21 5.97
N LEU F 176 19.76 34.55 6.60
CA LEU F 176 19.82 35.37 7.79
C LEU F 176 20.39 34.59 8.97
N ALA F 177 20.21 33.27 9.01
CA ALA F 177 20.89 32.48 10.03
C ALA F 177 22.40 32.69 9.95
N LEU F 178 22.97 32.64 8.73
CA LEU F 178 24.40 32.88 8.60
C LEU F 178 24.73 34.34 8.85
N GLU F 179 23.92 35.25 8.28
CA GLU F 179 24.26 36.66 8.35
C GLU F 179 24.24 37.20 9.78
N LEU F 180 23.28 36.76 10.57
CA LEU F 180 23.07 37.26 11.92
C LEU F 180 23.70 36.37 12.98
N GLY F 181 24.27 35.23 12.58
CA GLY F 181 24.96 34.35 13.51
C GLY F 181 25.99 35.04 14.40
N PRO F 182 26.85 35.89 13.84
CA PRO F 182 27.86 36.58 14.68
C PRO F 182 27.27 37.44 15.77
N ARG F 183 26.06 37.94 15.57
CA ARG F 183 25.34 38.66 16.60
CA ARG F 183 25.32 38.66 16.59
C ARG F 183 24.58 37.74 17.54
N LYS F 184 24.66 36.43 17.33
CA LYS F 184 24.01 35.43 18.16
C LYS F 184 22.48 35.56 18.09
N ILE F 185 21.98 35.99 16.94
CA ILE F 185 20.55 36.00 16.66
C ILE F 185 20.20 34.76 15.88
N ARG F 186 19.24 33.97 16.37
CA ARG F 186 18.86 32.75 15.66
C ARG F 186 17.73 33.03 14.68
N VAL F 187 17.73 32.30 13.57
CA VAL F 187 16.70 32.46 12.55
C VAL F 187 16.31 31.06 12.09
N ASN F 188 15.03 30.70 12.24
CA ASN F 188 14.57 29.36 11.88
C ASN F 188 13.20 29.48 11.25
N ALA F 189 12.83 28.46 10.47
CA ALA F 189 11.52 28.40 9.86
C ALA F 189 10.73 27.24 10.44
N ILE F 190 9.41 27.43 10.43
CA ILE F 190 8.46 26.32 10.61
C ILE F 190 7.73 26.15 9.29
N ASN F 191 7.58 24.90 8.85
CA ASN F 191 6.94 24.58 7.57
C ASN F 191 5.70 23.76 7.90
N PRO F 192 4.56 24.40 8.20
CA PRO F 192 3.36 23.64 8.57
C PRO F 192 2.79 22.84 7.41
N GLY F 193 2.20 21.70 7.73
CA GLY F 193 1.26 21.06 6.82
C GLY F 193 -0.08 21.78 6.88
N MET F 194 -1.12 21.14 6.34
CA MET F 194 -2.42 21.81 6.32
C MET F 194 -2.95 21.97 7.74
N ILE F 195 -3.37 23.20 8.06
CA ILE F 195 -3.85 23.57 9.38
C ILE F 195 -5.24 24.17 9.20
N VAL F 196 -6.18 23.74 10.03
CA VAL F 196 -7.52 24.35 10.01
C VAL F 196 -7.43 25.75 10.60
N THR F 197 -7.71 26.76 9.77
CA THR F 197 -7.69 28.16 10.21
C THR F 197 -8.83 28.90 9.54
N GLU F 198 -9.06 30.12 10.02
CA GLU F 198 -9.98 31.03 9.32
C GLU F 198 -9.65 31.07 7.85
N GLY F 199 -8.36 31.19 7.54
CA GLY F 199 -7.97 31.32 6.15
C GLY F 199 -8.18 30.07 5.30
N THR F 200 -7.92 28.87 5.86
CA THR F 200 -8.13 27.70 4.99
C THR F 200 -9.61 27.40 4.81
N HIS F 201 -10.45 27.82 5.78
CA HIS F 201 -11.89 27.82 5.55
C HIS F 201 -12.28 28.81 4.46
N SER F 202 -11.85 30.07 4.58
CA SER F 202 -12.29 31.12 3.66
CA SER F 202 -12.38 31.04 3.64
C SER F 202 -11.77 30.92 2.25
N ALA F 203 -10.55 30.37 2.14
CA ALA F 203 -9.97 30.16 0.82
C ALA F 203 -10.55 28.96 0.11
N GLY F 204 -11.43 28.19 0.76
CA GLY F 204 -11.97 26.99 0.15
C GLY F 204 -11.04 25.80 0.20
N ILE F 205 -10.00 25.87 1.02
CA ILE F 205 -9.04 24.78 1.08
C ILE F 205 -9.58 23.64 1.92
N ILE F 206 -10.16 23.95 3.07
CA ILE F 206 -10.94 22.93 3.77
C ILE F 206 -12.06 22.52 2.85
N GLY F 207 -12.21 21.21 2.66
CA GLY F 207 -13.22 20.67 1.76
C GLY F 207 -12.78 20.47 0.33
N SER F 208 -11.58 20.91 -0.03
CA SER F 208 -11.09 20.82 -1.40
C SER F 208 -10.45 19.45 -1.67
N ASP F 209 -10.17 19.20 -2.94
CA ASP F 209 -9.44 17.99 -3.30
C ASP F 209 -8.08 17.96 -2.61
N LEU F 210 -7.44 19.11 -2.46
CA LEU F 210 -6.13 19.15 -1.81
C LEU F 210 -6.22 18.66 -0.37
N GLU F 211 -7.28 19.05 0.35
CA GLU F 211 -7.47 18.55 1.70
C GLU F 211 -7.53 17.02 1.70
N ALA F 212 -8.31 16.45 0.79
CA ALA F 212 -8.40 15.00 0.74
C ALA F 212 -7.04 14.37 0.49
N GLN F 213 -6.29 14.92 -0.48
CA GLN F 213 -4.98 14.37 -0.82
CA GLN F 213 -4.99 14.37 -0.82
C GLN F 213 -4.03 14.47 0.36
N VAL F 214 -4.04 15.61 1.05
CA VAL F 214 -3.12 15.80 2.18
C VAL F 214 -3.48 14.82 3.30
N LEU F 215 -4.76 14.76 3.66
CA LEU F 215 -5.15 13.83 4.73
C LEU F 215 -4.77 12.39 4.39
N GLY F 216 -5.02 11.96 3.14
CA GLY F 216 -4.71 10.60 2.75
C GLY F 216 -3.24 10.25 2.79
N GLN F 217 -2.35 11.24 2.87
CA GLN F 217 -0.91 11.02 2.91
C GLN F 217 -0.28 11.48 4.22
N THR F 218 -1.09 11.80 5.25
CA THR F 218 -0.55 12.28 6.50
C THR F 218 -0.35 11.12 7.48
N PRO F 219 0.88 10.77 7.83
CA PRO F 219 1.11 9.61 8.71
C PRO F 219 0.33 9.64 10.03
N LEU F 220 0.22 10.80 10.66
CA LEU F 220 -0.43 10.85 11.98
C LEU F 220 -1.94 11.10 11.90
N GLY F 221 -2.53 11.04 10.70
CA GLY F 221 -3.94 10.68 10.59
C GLY F 221 -4.96 11.75 10.85
N ARG F 222 -4.61 13.04 10.71
CA ARG F 222 -5.57 14.12 10.89
C ARG F 222 -5.01 15.37 10.24
N LEU F 223 -5.88 16.39 10.10
CA LEU F 223 -5.38 17.72 9.78
C LEU F 223 -4.74 18.36 11.03
N GLY F 224 -3.84 19.30 10.79
CA GLY F 224 -3.26 20.04 11.89
C GLY F 224 -4.17 21.13 12.40
N GLU F 225 -3.90 21.55 13.64
CA GLU F 225 -4.58 22.63 14.32
C GLU F 225 -3.57 23.72 14.65
N PRO F 226 -4.03 24.95 14.86
CA PRO F 226 -3.04 26.01 15.13
C PRO F 226 -2.12 25.70 16.30
N ASN F 227 -2.61 25.08 17.37
CA ASN F 227 -1.72 24.81 18.50
C ASN F 227 -0.63 23.79 18.18
N ASP F 228 -0.80 22.97 17.13
CA ASP F 228 0.28 22.08 16.70
C ASP F 228 1.50 22.88 16.24
N ILE F 229 1.26 24.05 15.67
CA ILE F 229 2.35 24.92 15.25
C ILE F 229 2.82 25.77 16.42
N ALA F 230 1.87 26.26 17.22
CA ALA F 230 2.23 27.18 18.30
C ALA F 230 3.26 26.56 19.26
N SER F 231 3.12 25.28 19.58
CA SER F 231 4.06 24.71 20.54
CA SER F 231 4.05 24.65 20.52
C SER F 231 5.46 24.61 19.96
N VAL F 232 5.57 24.43 18.65
CA VAL F 232 6.89 24.44 18.04
C VAL F 232 7.47 25.84 18.01
N ALA F 233 6.62 26.85 17.76
CA ALA F 233 7.10 28.23 17.79
C ALA F 233 7.64 28.58 19.17
N VAL F 234 6.97 28.12 20.23
CA VAL F 234 7.46 28.42 21.58
C VAL F 234 8.83 27.78 21.80
N PHE F 235 8.99 26.52 21.38
CA PHE F 235 10.30 25.88 21.46
C PHE F 235 11.37 26.70 20.75
N LEU F 236 11.11 27.12 19.50
CA LEU F 236 12.13 27.86 18.76
C LEU F 236 12.41 29.22 19.36
N ALA F 237 11.40 29.84 20.00
CA ALA F 237 11.59 31.15 20.61
C ALA F 237 12.45 31.05 21.87
N SER F 238 12.48 29.88 22.50
CA SER F 238 13.06 29.70 23.81
C SER F 238 14.54 29.32 23.72
N ASP F 239 15.20 29.35 24.88
CA ASP F 239 16.58 28.90 25.00
C ASP F 239 16.73 27.40 24.79
N ASP F 240 15.63 26.63 24.79
CA ASP F 240 15.75 25.21 24.49
C ASP F 240 16.27 24.98 23.08
N ALA F 241 16.05 25.94 22.17
CA ALA F 241 16.51 25.89 20.79
C ALA F 241 17.76 26.74 20.58
N ARG F 242 18.54 26.97 21.64
CA ARG F 242 19.69 27.88 21.54
CA ARG F 242 19.69 27.87 21.55
C ARG F 242 20.75 27.40 20.55
N TRP F 243 20.80 26.10 20.25
CA TRP F 243 21.82 25.60 19.34
C TRP F 243 21.25 25.24 17.97
N MET F 244 20.06 25.76 17.65
CA MET F 244 19.43 25.55 16.36
CA MET F 244 19.42 25.55 16.36
C MET F 244 19.28 26.90 15.66
N THR F 245 19.87 27.02 14.48
CA THR F 245 19.63 28.17 13.63
C THR F 245 19.80 27.73 12.18
N GLY F 246 18.98 28.31 11.31
CA GLY F 246 18.97 27.92 9.91
C GLY F 246 18.16 26.68 9.62
N GLU F 247 17.38 26.22 10.58
CA GLU F 247 16.59 25.01 10.41
CA GLU F 247 16.59 25.01 10.39
C GLU F 247 15.21 25.33 9.84
N HIS F 248 14.58 24.29 9.27
CA HIS F 248 13.24 24.39 8.68
C HIS F 248 12.50 23.19 9.25
N LEU F 249 11.64 23.42 10.22
CA LEU F 249 10.99 22.33 10.93
CA LEU F 249 10.99 22.33 10.93
C LEU F 249 9.66 22.03 10.25
N VAL F 250 9.55 20.86 9.64
CA VAL F 250 8.28 20.48 9.02
C VAL F 250 7.35 19.98 10.13
N VAL F 251 6.18 20.62 10.25
CA VAL F 251 5.24 20.31 11.32
C VAL F 251 3.91 20.03 10.64
N SER F 252 3.78 18.79 10.16
CA SER F 252 2.74 18.43 9.21
C SER F 252 2.16 17.07 9.54
N GLY F 253 2.49 16.50 10.69
CA GLY F 253 2.01 15.17 10.99
C GLY F 253 2.73 14.11 10.21
N GLY F 254 3.90 14.43 9.66
CA GLY F 254 4.74 13.46 8.99
C GLY F 254 4.73 13.52 7.49
N LEU F 255 3.99 14.47 6.89
CA LEU F 255 3.94 14.64 5.42
C LEU F 255 5.13 15.46 4.96
N ASN F 256 5.93 14.89 4.05
CA ASN F 256 7.03 15.68 3.48
C ASN F 256 7.45 15.17 2.11
N HIS G 4 39.27 13.37 -35.38
CA HIS G 4 38.34 13.35 -36.51
C HIS G 4 38.48 12.05 -37.31
N HIS G 5 39.21 12.12 -38.43
CA HIS G 5 39.60 10.92 -39.15
C HIS G 5 40.32 9.93 -38.21
N HIS G 6 41.16 10.46 -37.33
CA HIS G 6 42.08 9.70 -36.50
C HIS G 6 41.55 9.38 -35.11
N HIS G 7 40.27 9.67 -34.84
CA HIS G 7 39.72 9.53 -33.49
C HIS G 7 38.20 9.45 -33.58
N HIS G 8 37.61 8.37 -33.06
CA HIS G 8 36.17 8.19 -33.23
C HIS G 8 35.34 9.05 -32.27
N MET G 9 35.96 9.65 -31.26
CA MET G 9 35.40 10.75 -30.47
C MET G 9 34.11 10.37 -29.72
N SER G 10 33.87 9.09 -29.43
CA SER G 10 32.77 8.79 -28.54
C SER G 10 33.10 9.29 -27.14
N LYS G 11 32.05 9.45 -26.30
CA LYS G 11 32.22 10.14 -25.02
C LYS G 11 33.15 9.40 -24.07
N LEU G 12 33.27 8.08 -24.19
CA LEU G 12 34.10 7.30 -23.28
C LEU G 12 35.19 6.56 -24.05
N ALA G 13 35.59 7.09 -25.21
CA ALA G 13 36.61 6.43 -26.03
C ALA G 13 37.87 6.14 -25.24
N GLY G 14 38.32 4.89 -25.30
CA GLY G 14 39.56 4.48 -24.65
C GLY G 14 39.46 4.22 -23.16
N LYS G 15 38.34 4.55 -22.54
CA LYS G 15 38.21 4.40 -21.09
C LYS G 15 37.80 2.98 -20.73
N VAL G 16 38.01 2.64 -19.46
CA VAL G 16 37.69 1.33 -18.92
C VAL G 16 36.76 1.50 -17.73
N ALA G 17 35.66 0.74 -17.71
CA ALA G 17 34.68 0.83 -16.65
C ALA G 17 34.52 -0.54 -15.99
N ILE G 18 34.25 -0.55 -14.68
CA ILE G 18 33.75 -1.73 -13.97
C ILE G 18 32.30 -1.45 -13.61
N VAL G 19 31.41 -2.42 -13.89
CA VAL G 19 30.03 -2.34 -13.39
C VAL G 19 29.83 -3.57 -12.51
N THR G 20 29.64 -3.36 -11.21
CA THR G 20 29.35 -4.49 -10.34
C THR G 20 27.90 -4.91 -10.55
N GLY G 21 27.67 -6.21 -10.54
CA GLY G 21 26.30 -6.70 -10.70
C GLY G 21 25.73 -6.36 -12.07
N ALA G 22 26.43 -6.70 -13.13
CA ALA G 22 25.99 -6.37 -14.48
C ALA G 22 25.46 -7.60 -15.23
N SER G 23 25.13 -8.68 -14.51
CA SER G 23 24.51 -9.83 -15.16
C SER G 23 23.00 -9.73 -15.26
N LYS G 24 22.39 -8.69 -14.68
CA LYS G 24 20.94 -8.52 -14.66
C LYS G 24 20.64 -7.02 -14.59
N GLY G 25 19.40 -6.67 -14.95
CA GLY G 25 18.78 -5.43 -14.47
C GLY G 25 19.50 -4.15 -14.84
N ILE G 26 19.54 -3.23 -13.86
CA ILE G 26 20.14 -1.93 -14.09
C ILE G 26 21.59 -2.05 -14.48
N GLY G 27 22.34 -2.94 -13.78
CA GLY G 27 23.75 -3.07 -14.08
C GLY G 27 24.03 -3.51 -15.51
N ALA G 28 23.27 -4.51 -16.00
CA ALA G 28 23.43 -4.94 -17.38
C ALA G 28 23.19 -3.78 -18.34
N ALA G 29 22.14 -2.99 -18.09
CA ALA G 29 21.86 -1.87 -18.98
C ALA G 29 22.98 -0.84 -18.94
N ILE G 30 23.48 -0.54 -17.74
CA ILE G 30 24.59 0.42 -17.63
C ILE G 30 25.80 -0.08 -18.38
N ALA G 31 26.16 -1.36 -18.20
CA ALA G 31 27.34 -1.89 -18.89
C ALA G 31 27.21 -1.71 -20.41
N LYS G 32 26.06 -2.10 -20.98
CA LYS G 32 25.88 -1.98 -22.42
C LYS G 32 25.93 -0.53 -22.87
N ALA G 33 25.37 0.38 -22.06
CA ALA G 33 25.35 1.78 -22.46
C ALA G 33 26.74 2.42 -22.40
N LEU G 34 27.53 2.07 -21.39
CA LEU G 34 28.90 2.59 -21.32
C LEU G 34 29.72 2.10 -22.49
N ALA G 35 29.55 0.82 -22.85
CA ALA G 35 30.28 0.30 -24.01
C ALA G 35 29.82 0.95 -25.31
N ASP G 36 28.53 1.30 -25.42
CA ASP G 36 28.05 2.01 -26.61
CA ASP G 36 28.04 2.02 -26.60
C ASP G 36 28.76 3.35 -26.80
N GLU G 37 29.26 3.95 -25.71
CA GLU G 37 30.01 5.19 -25.80
C GLU G 37 31.50 4.97 -25.78
N GLY G 38 31.93 3.72 -25.98
CA GLY G 38 33.32 3.42 -26.22
C GLY G 38 34.10 2.82 -25.07
N ALA G 39 33.49 2.68 -23.89
CA ALA G 39 34.20 2.14 -22.74
C ALA G 39 34.36 0.63 -22.88
N ALA G 40 35.53 0.12 -22.50
CA ALA G 40 35.70 -1.31 -22.24
C ALA G 40 35.12 -1.61 -20.87
N VAL G 41 34.34 -2.69 -20.74
CA VAL G 41 33.57 -2.90 -19.52
C VAL G 41 33.89 -4.24 -18.88
N VAL G 42 34.27 -4.20 -17.61
CA VAL G 42 34.31 -5.39 -16.77
C VAL G 42 32.91 -5.64 -16.24
N VAL G 43 32.32 -6.78 -16.61
CA VAL G 43 30.92 -7.14 -16.34
C VAL G 43 30.97 -8.14 -15.20
N ASN G 44 30.71 -7.67 -13.99
CA ASN G 44 30.80 -8.51 -12.80
C ASN G 44 29.48 -9.24 -12.59
N TYR G 45 29.57 -10.48 -12.13
CA TYR G 45 28.39 -11.24 -11.74
C TYR G 45 28.73 -11.96 -10.45
N ALA G 46 27.69 -12.36 -9.72
CA ALA G 46 27.89 -13.20 -8.54
C ALA G 46 27.41 -14.62 -8.82
N SER G 47 26.09 -14.82 -8.99
CA SER G 47 25.58 -16.17 -9.21
C SER G 47 25.36 -16.52 -10.67
N SER G 48 25.35 -15.54 -11.58
CA SER G 48 24.91 -15.79 -12.96
C SER G 48 26.00 -15.47 -13.97
N LYS G 49 26.89 -16.42 -14.22
CA LYS G 49 27.85 -16.23 -15.30
C LYS G 49 27.13 -16.13 -16.64
N ALA G 50 26.08 -16.91 -16.83
CA ALA G 50 25.36 -16.90 -18.09
C ALA G 50 24.82 -15.51 -18.42
N GLY G 51 24.30 -14.81 -17.42
CA GLY G 51 23.83 -13.44 -17.65
C GLY G 51 24.96 -12.50 -17.99
N ALA G 52 26.08 -12.60 -17.28
CA ALA G 52 27.21 -11.76 -17.62
C ALA G 52 27.73 -12.08 -19.03
N ASP G 53 27.74 -13.36 -19.39
CA ASP G 53 28.23 -13.74 -20.71
C ASP G 53 27.35 -13.16 -21.81
N ALA G 54 26.03 -13.14 -21.58
CA ALA G 54 25.13 -12.55 -22.57
C ALA G 54 25.39 -11.05 -22.74
N VAL G 55 25.62 -10.36 -21.62
CA VAL G 55 25.91 -8.92 -21.70
C VAL G 55 27.24 -8.69 -22.41
N VAL G 56 28.29 -9.47 -22.06
CA VAL G 56 29.57 -9.36 -22.75
C VAL G 56 29.38 -9.62 -24.25
N SER G 57 28.61 -10.66 -24.60
CA SER G 57 28.42 -10.98 -26.00
CA SER G 57 28.40 -11.00 -26.00
C SER G 57 27.71 -9.86 -26.74
N ALA G 58 26.68 -9.25 -26.13
CA ALA G 58 26.00 -8.15 -26.78
C ALA G 58 26.94 -6.98 -26.97
N ILE G 59 27.78 -6.70 -25.97
CA ILE G 59 28.76 -5.61 -26.10
C ILE G 59 29.72 -5.90 -27.24
N THR G 60 30.31 -7.11 -27.26
CA THR G 60 31.32 -7.38 -28.28
C THR G 60 30.69 -7.51 -29.66
N GLU G 61 29.46 -8.03 -29.74
CA GLU G 61 28.77 -8.07 -31.03
C GLU G 61 28.63 -6.67 -31.63
N ALA G 62 28.39 -5.67 -30.77
CA ALA G 62 28.23 -4.29 -31.21
C ALA G 62 29.55 -3.58 -31.45
N GLY G 63 30.68 -4.28 -31.34
CA GLY G 63 31.97 -3.71 -31.63
C GLY G 63 32.76 -3.26 -30.43
N GLY G 64 32.27 -3.52 -29.22
CA GLY G 64 32.93 -3.07 -28.00
C GLY G 64 33.82 -4.14 -27.40
N ARG G 65 34.39 -3.79 -26.24
CA ARG G 65 35.23 -4.70 -25.46
C ARG G 65 34.57 -4.92 -24.12
N ALA G 66 34.48 -6.19 -23.68
CA ALA G 66 33.98 -6.47 -22.35
C ALA G 66 34.52 -7.82 -21.91
N VAL G 67 34.54 -8.02 -20.59
CA VAL G 67 35.01 -9.26 -19.98
C VAL G 67 34.18 -9.54 -18.74
N ALA G 68 33.80 -10.79 -18.55
CA ALA G 68 33.01 -11.17 -17.38
C ALA G 68 33.94 -11.56 -16.23
N VAL G 69 33.56 -11.22 -15.01
CA VAL G 69 34.31 -11.64 -13.82
C VAL G 69 33.36 -11.96 -12.68
N GLY G 70 33.47 -13.17 -12.14
CA GLY G 70 32.64 -13.54 -11.01
C GLY G 70 33.26 -13.07 -9.70
N GLY G 71 32.42 -12.53 -8.83
CA GLY G 71 32.92 -12.10 -7.55
C GLY G 71 31.84 -11.51 -6.68
N ASP G 72 31.90 -11.82 -5.40
CA ASP G 72 30.98 -11.28 -4.40
C ASP G 72 31.62 -10.01 -3.85
N VAL G 73 31.01 -8.85 -4.12
CA VAL G 73 31.61 -7.57 -3.71
C VAL G 73 31.76 -7.46 -2.21
N SER G 74 31.00 -8.25 -1.43
CA SER G 74 31.13 -8.18 0.03
C SER G 74 32.32 -8.96 0.56
N LYS G 75 33.09 -9.62 -0.30
CA LYS G 75 34.27 -10.38 0.08
C LYS G 75 35.49 -9.61 -0.41
N ALA G 76 36.37 -9.25 0.52
CA ALA G 76 37.51 -8.40 0.16
C ALA G 76 38.35 -8.99 -0.98
N ALA G 77 38.59 -10.30 -0.96
CA ALA G 77 39.42 -10.87 -2.02
C ALA G 77 38.73 -10.78 -3.37
N ASP G 78 37.39 -10.90 -3.40
CA ASP G 78 36.67 -10.81 -4.65
C ASP G 78 36.62 -9.38 -5.16
N ALA G 79 36.34 -8.41 -4.27
CA ALA G 79 36.39 -7.01 -4.67
C ALA G 79 37.73 -6.67 -5.29
N GLN G 80 38.82 -7.11 -4.68
CA GLN G 80 40.15 -6.89 -5.24
C GLN G 80 40.29 -7.54 -6.62
N ARG G 81 39.77 -8.76 -6.79
CA ARG G 81 39.91 -9.46 -8.06
C ARG G 81 39.12 -8.79 -9.18
N ILE G 82 37.97 -8.21 -8.84
CA ILE G 82 37.19 -7.48 -9.83
C ILE G 82 38.01 -6.32 -10.37
N VAL G 83 38.62 -5.56 -9.47
CA VAL G 83 39.47 -4.45 -9.89
C VAL G 83 40.69 -4.95 -10.65
N ASP G 84 41.34 -6.00 -10.16
CA ASP G 84 42.51 -6.50 -10.86
C ASP G 84 42.17 -6.97 -12.26
N THR G 85 40.91 -7.42 -12.47
CA THR G 85 40.47 -7.84 -13.81
C THR G 85 40.52 -6.68 -14.79
N ALA G 86 40.10 -5.50 -14.35
CA ALA G 86 40.18 -4.33 -15.23
C ALA G 86 41.62 -4.05 -15.59
N ILE G 87 42.50 -4.03 -14.58
CA ILE G 87 43.89 -3.63 -14.81
C ILE G 87 44.61 -4.67 -15.65
N GLU G 88 44.40 -5.95 -15.36
CA GLU G 88 45.10 -7.00 -16.07
C GLU G 88 44.59 -7.16 -17.49
N THR G 89 43.31 -6.88 -17.72
CA THR G 89 42.74 -7.07 -19.05
C THR G 89 42.94 -5.87 -19.94
N TYR G 90 42.81 -4.65 -19.38
CA TYR G 90 42.80 -3.45 -20.19
C TYR G 90 43.88 -2.45 -19.80
N GLY G 91 44.50 -2.60 -18.63
CA GLY G 91 45.64 -1.79 -18.31
C GLY G 91 45.36 -0.46 -17.65
N ARG G 92 44.09 -0.13 -17.42
CA ARG G 92 43.70 1.15 -16.81
C ARG G 92 42.29 0.99 -16.24
N LEU G 93 41.88 1.98 -15.46
CA LEU G 93 40.53 2.02 -14.90
C LEU G 93 40.13 3.48 -14.82
N ASP G 94 38.91 3.80 -15.29
CA ASP G 94 38.44 5.18 -15.32
C ASP G 94 37.10 5.38 -14.63
N VAL G 95 36.22 4.38 -14.72
CA VAL G 95 34.85 4.51 -14.23
C VAL G 95 34.53 3.30 -13.37
N LEU G 96 33.96 3.52 -12.18
CA LEU G 96 33.47 2.43 -11.33
C LEU G 96 31.99 2.68 -11.09
N VAL G 97 31.14 1.74 -11.46
CA VAL G 97 29.72 1.81 -11.13
C VAL G 97 29.44 0.75 -10.07
N ASN G 98 29.15 1.22 -8.84
CA ASN G 98 28.81 0.34 -7.73
C ASN G 98 27.30 0.10 -7.81
N ASN G 99 26.93 -0.92 -8.57
CA ASN G 99 25.52 -1.22 -8.80
C ASN G 99 25.03 -2.43 -8.04
N SER G 100 25.89 -3.41 -7.75
CA SER G 100 25.44 -4.62 -7.07
C SER G 100 24.64 -4.27 -5.82
N GLY G 101 23.50 -4.92 -5.66
CA GLY G 101 22.72 -4.65 -4.47
C GLY G 101 21.58 -5.62 -4.39
N VAL G 102 21.07 -5.79 -3.15
CA VAL G 102 19.93 -6.66 -2.90
C VAL G 102 18.91 -5.89 -2.09
N TYR G 103 17.66 -6.32 -2.17
CA TYR G 103 16.60 -5.65 -1.43
C TYR G 103 15.59 -6.66 -0.92
N GLU G 104 15.21 -6.48 0.34
CA GLU G 104 14.15 -7.27 0.94
C GLU G 104 13.48 -6.37 1.97
N PHE G 105 12.16 -6.29 1.90
CA PHE G 105 11.43 -5.52 2.89
C PHE G 105 11.09 -6.40 4.08
N ALA G 106 10.94 -5.76 5.24
CA ALA G 106 10.39 -6.39 6.45
C ALA G 106 10.04 -5.29 7.45
N PRO G 107 8.87 -5.34 8.09
CA PRO G 107 8.57 -4.41 9.17
C PRO G 107 9.48 -4.66 10.36
N ILE G 108 9.52 -3.68 11.25
CA ILE G 108 10.55 -3.66 12.31
C ILE G 108 10.54 -4.97 13.11
N GLU G 109 9.36 -5.52 13.41
CA GLU G 109 9.35 -6.71 14.25
C GLU G 109 9.80 -7.96 13.51
N ALA G 110 9.81 -7.94 12.19
CA ALA G 110 10.24 -9.10 11.40
C ALA G 110 11.72 -9.09 11.05
N ILE G 111 12.45 -8.02 11.40
CA ILE G 111 13.85 -7.92 11.02
C ILE G 111 14.66 -8.98 11.75
N THR G 112 15.40 -9.78 11.00
CA THR G 112 16.31 -10.79 11.54
C THR G 112 17.74 -10.34 11.32
N GLU G 113 18.66 -10.96 12.05
CA GLU G 113 20.08 -10.67 11.86
C GLU G 113 20.52 -10.92 10.42
N GLU G 114 20.07 -12.03 9.82
CA GLU G 114 20.49 -12.34 8.45
C GLU G 114 19.93 -11.33 7.45
N HIS G 115 18.68 -10.93 7.65
CA HIS G 115 18.06 -9.92 6.81
C HIS G 115 18.82 -8.61 6.85
N TYR G 116 19.28 -8.22 8.04
CA TYR G 116 20.09 -7.02 8.21
C TYR G 116 21.47 -7.20 7.57
N ARG G 117 22.17 -8.28 7.95
CA ARG G 117 23.57 -8.40 7.55
C ARG G 117 23.72 -8.62 6.04
N ARG G 118 22.84 -9.42 5.43
CA ARG G 118 22.98 -9.67 3.99
CA ARG G 118 23.00 -9.67 4.00
C ARG G 118 22.89 -8.38 3.19
N GLN G 119 21.96 -7.51 3.56
CA GLN G 119 21.77 -6.30 2.78
C GLN G 119 22.88 -5.30 3.06
N PHE G 120 23.27 -5.13 4.32
CA PHE G 120 24.34 -4.17 4.56
C PHE G 120 25.68 -4.67 4.04
N ASP G 121 25.96 -5.97 4.13
CA ASP G 121 27.24 -6.50 3.63
C ASP G 121 27.37 -6.26 2.14
N THR G 122 26.30 -6.51 1.38
CA THR G 122 26.36 -6.31 -0.07
C THR G 122 26.27 -4.83 -0.43
N ASN G 123 25.24 -4.15 0.08
CA ASN G 123 24.91 -2.80 -0.39
C ASN G 123 25.82 -1.72 0.16
N VAL G 124 26.48 -1.97 1.30
CA VAL G 124 27.33 -0.94 1.91
C VAL G 124 28.77 -1.43 1.92
N PHE G 125 29.04 -2.56 2.58
CA PHE G 125 30.43 -3.01 2.63
C PHE G 125 30.96 -3.31 1.24
N GLY G 126 30.12 -3.83 0.34
CA GLY G 126 30.59 -4.09 -1.01
C GLY G 126 30.96 -2.83 -1.77
N VAL G 127 30.23 -1.74 -1.52
CA VAL G 127 30.58 -0.45 -2.12
C VAL G 127 31.91 0.02 -1.59
N LEU G 128 32.11 -0.09 -0.27
CA LEU G 128 33.37 0.35 0.31
C LEU G 128 34.54 -0.51 -0.17
N LEU G 129 34.38 -1.84 -0.19
CA LEU G 129 35.50 -2.70 -0.60
C LEU G 129 35.87 -2.50 -2.05
N THR G 130 34.88 -2.42 -2.94
CA THR G 130 35.19 -2.27 -4.36
C THR G 130 35.80 -0.90 -4.63
N THR G 131 35.25 0.15 -3.99
CA THR G 131 35.83 1.49 -4.19
C THR G 131 37.25 1.56 -3.66
N GLN G 132 37.47 0.97 -2.48
CA GLN G 132 38.81 0.94 -1.89
C GLN G 132 39.81 0.27 -2.83
N ALA G 133 39.43 -0.85 -3.45
CA ALA G 133 40.35 -1.51 -4.37
C ALA G 133 40.58 -0.65 -5.62
N ALA G 134 39.52 0.00 -6.10
CA ALA G 134 39.58 0.75 -7.36
C ALA G 134 40.42 2.01 -7.23
N VAL G 135 40.37 2.70 -6.08
CA VAL G 135 40.92 4.06 -6.04
CA VAL G 135 40.92 4.06 -6.00
C VAL G 135 42.43 4.07 -6.24
N LYS G 136 43.11 2.97 -5.94
CA LYS G 136 44.54 2.86 -6.22
C LYS G 136 44.86 3.15 -7.68
N HIS G 137 43.91 2.91 -8.58
CA HIS G 137 44.14 3.04 -10.00
C HIS G 137 43.45 4.23 -10.65
N LEU G 138 42.79 5.08 -9.86
CA LEU G 138 42.00 6.17 -10.41
C LEU G 138 42.78 7.46 -10.36
N GLY G 139 42.67 8.25 -11.42
CA GLY G 139 43.32 9.54 -11.49
C GLY G 139 42.36 10.65 -11.85
N GLU G 140 42.92 11.81 -12.23
CA GLU G 140 42.11 12.97 -12.55
CA GLU G 140 42.10 12.96 -12.54
C GLU G 140 41.13 12.64 -13.67
N GLY G 141 39.86 12.98 -13.45
CA GLY G 141 38.83 12.72 -14.43
C GLY G 141 38.09 11.40 -14.22
N ALA G 142 38.54 10.56 -13.29
CA ALA G 142 37.81 9.33 -13.01
C ALA G 142 36.43 9.65 -12.45
N SER G 143 35.51 8.70 -12.62
CA SER G 143 34.13 8.90 -12.21
C SER G 143 33.63 7.66 -11.49
N ILE G 144 33.20 7.81 -10.23
CA ILE G 144 32.63 6.73 -9.45
C ILE G 144 31.14 7.02 -9.34
N ILE G 145 30.32 6.04 -9.68
CA ILE G 145 28.86 6.20 -9.70
C ILE G 145 28.28 5.14 -8.77
N ASN G 146 27.58 5.58 -7.73
CA ASN G 146 26.96 4.63 -6.79
C ASN G 146 25.47 4.55 -7.09
N ILE G 147 24.94 3.33 -7.20
CA ILE G 147 23.50 3.18 -7.42
C ILE G 147 22.86 3.07 -6.05
N SER G 148 22.21 4.14 -5.64
CA SER G 148 21.49 4.20 -4.36
C SER G 148 20.01 3.89 -4.66
N SER G 149 19.05 4.68 -4.15
CA SER G 149 17.64 4.44 -4.41
C SER G 149 16.85 5.67 -3.98
N VAL G 150 15.74 5.93 -4.68
CA VAL G 150 14.78 6.93 -4.22
C VAL G 150 14.21 6.64 -2.84
N VAL G 151 14.38 5.42 -2.30
CA VAL G 151 13.87 5.20 -0.94
C VAL G 151 14.57 6.10 0.08
N THR G 152 15.74 6.68 -0.24
CA THR G 152 16.31 7.60 0.74
C THR G 152 15.51 8.90 0.83
N SER G 153 14.67 9.19 -0.17
CA SER G 153 13.73 10.32 -0.13
C SER G 153 12.36 9.92 0.37
N ILE G 154 11.86 8.76 -0.06
CA ILE G 154 10.47 8.42 0.24
C ILE G 154 10.31 7.39 1.35
N THR G 155 11.42 6.79 1.82
CA THR G 155 11.53 5.92 3.02
C THR G 155 10.27 5.10 3.30
N PRO G 156 9.94 4.12 2.46
CA PRO G 156 8.66 3.43 2.59
C PRO G 156 8.59 2.62 3.88
N PRO G 157 7.40 2.46 4.44
CA PRO G 157 7.26 1.52 5.56
C PRO G 157 7.73 0.13 5.20
N ALA G 158 8.24 -0.59 6.20
CA ALA G 158 8.77 -1.95 6.09
C ALA G 158 10.05 -2.02 5.29
N SER G 159 10.77 -0.90 5.14
CA SER G 159 12.03 -0.93 4.43
C SER G 159 13.19 -0.44 5.29
N ALA G 160 13.13 -0.64 6.61
CA ALA G 160 14.15 0.00 7.45
C ALA G 160 15.55 -0.47 7.10
N VAL G 161 15.75 -1.79 6.89
CA VAL G 161 17.10 -2.24 6.53
C VAL G 161 17.51 -1.74 5.16
N TYR G 162 16.68 -1.97 4.13
CA TYR G 162 17.10 -1.61 2.78
C TYR G 162 17.28 -0.11 2.63
N SER G 163 16.31 0.66 3.10
CA SER G 163 16.48 2.12 3.06
C SER G 163 17.69 2.56 3.86
N GLY G 164 17.95 1.88 4.97
CA GLY G 164 19.16 2.15 5.73
C GLY G 164 20.41 1.97 4.89
N THR G 165 20.50 0.85 4.14
CA THR G 165 21.70 0.67 3.31
C THR G 165 21.85 1.81 2.32
N LYS G 166 20.73 2.28 1.74
CA LYS G 166 20.87 3.30 0.71
C LYS G 166 21.11 4.67 1.32
N GLY G 167 20.57 4.93 2.51
CA GLY G 167 20.97 6.15 3.22
C GLY G 167 22.46 6.16 3.49
N ALA G 168 23.02 4.98 3.80
CA ALA G 168 24.47 4.88 3.97
C ALA G 168 25.20 5.17 2.66
N VAL G 169 24.73 4.59 1.55
CA VAL G 169 25.34 4.86 0.25
C VAL G 169 25.30 6.35 -0.08
N ASP G 170 24.17 7.03 0.18
CA ASP G 170 24.10 8.47 -0.08
C ASP G 170 25.18 9.21 0.69
N ALA G 171 25.37 8.89 1.96
CA ALA G 171 26.36 9.59 2.77
C ALA G 171 27.78 9.26 2.35
N ILE G 172 28.05 7.98 2.04
CA ILE G 172 29.37 7.60 1.54
C ILE G 172 29.69 8.35 0.25
N THR G 173 28.69 8.53 -0.61
CA THR G 173 28.89 9.28 -1.85
C THR G 173 29.36 10.69 -1.55
N GLY G 174 28.70 11.34 -0.58
CA GLY G 174 29.11 12.70 -0.23
C GLY G 174 30.50 12.74 0.39
N VAL G 175 30.81 11.79 1.28
CA VAL G 175 32.14 11.74 1.88
C VAL G 175 33.21 11.60 0.82
N LEU G 176 33.04 10.63 -0.07
CA LEU G 176 34.12 10.36 -1.01
C LEU G 176 34.24 11.46 -2.06
N ALA G 177 33.13 12.14 -2.39
CA ALA G 177 33.24 13.32 -3.24
C ALA G 177 34.16 14.35 -2.62
N LEU G 178 34.04 14.58 -1.32
CA LEU G 178 34.95 15.54 -0.69
C LEU G 178 36.35 14.96 -0.52
N GLU G 179 36.44 13.69 -0.13
CA GLU G 179 37.74 13.08 0.17
C GLU G 179 38.61 12.96 -1.07
N LEU G 180 37.99 12.64 -2.22
CA LEU G 180 38.70 12.40 -3.47
C LEU G 180 38.70 13.62 -4.38
N GLY G 181 38.02 14.70 -3.97
CA GLY G 181 38.04 15.94 -4.73
C GLY G 181 39.42 16.44 -5.08
N PRO G 182 40.38 16.43 -4.15
CA PRO G 182 41.72 16.94 -4.49
C PRO G 182 42.38 16.16 -5.61
N ARG G 183 42.02 14.89 -5.78
CA ARG G 183 42.53 14.06 -6.88
C ARG G 183 41.70 14.22 -8.14
N LYS G 184 40.67 15.06 -8.10
CA LYS G 184 39.82 15.31 -9.26
CA LYS G 184 39.77 15.34 -9.22
C LYS G 184 39.08 14.06 -9.70
N ILE G 185 38.75 13.19 -8.74
CA ILE G 185 37.93 12.00 -8.94
C ILE G 185 36.52 12.39 -8.52
N ARG G 186 35.56 12.25 -9.42
CA ARG G 186 34.17 12.62 -9.11
C ARG G 186 33.44 11.41 -8.55
N VAL G 187 32.53 11.66 -7.61
CA VAL G 187 31.76 10.60 -6.96
C VAL G 187 30.33 11.09 -6.89
N ASN G 188 29.40 10.34 -7.51
CA ASN G 188 28.01 10.77 -7.56
C ASN G 188 27.13 9.56 -7.39
N ALA G 189 25.89 9.78 -6.98
CA ALA G 189 24.92 8.70 -6.88
C ALA G 189 23.79 8.89 -7.87
N ILE G 190 23.21 7.77 -8.30
CA ILE G 190 21.90 7.77 -8.95
C ILE G 190 20.93 7.10 -7.98
N ASN G 191 19.74 7.69 -7.85
CA ASN G 191 18.71 7.20 -6.92
C ASN G 191 17.49 6.82 -7.76
N PRO G 192 17.47 5.60 -8.30
CA PRO G 192 16.34 5.20 -9.17
C PRO G 192 15.05 5.09 -8.39
N GLY G 193 13.95 5.36 -9.09
CA GLY G 193 12.65 4.91 -8.65
C GLY G 193 12.49 3.43 -8.99
N MET G 194 11.25 2.96 -8.96
CA MET G 194 11.01 1.56 -9.28
C MET G 194 11.35 1.28 -10.74
N ILE G 195 12.21 0.28 -10.95
CA ILE G 195 12.66 -0.14 -12.27
C ILE G 195 12.28 -1.60 -12.42
N VAL G 196 11.68 -1.94 -13.56
CA VAL G 196 11.33 -3.33 -13.83
C VAL G 196 12.63 -4.08 -14.15
N THR G 197 12.99 -5.03 -13.29
CA THR G 197 14.20 -5.81 -13.47
C THR G 197 13.95 -7.25 -13.06
N GLU G 198 14.94 -8.10 -13.34
CA GLU G 198 14.89 -9.47 -12.84
C GLU G 198 14.71 -9.49 -11.34
N GLY G 199 15.41 -8.60 -10.64
CA GLY G 199 15.32 -8.57 -9.19
C GLY G 199 13.95 -8.15 -8.68
N THR G 200 13.31 -7.16 -9.33
CA THR G 200 12.01 -6.78 -8.77
C THR G 200 10.96 -7.85 -9.05
N HIS G 201 11.14 -8.62 -10.12
CA HIS G 201 10.32 -9.82 -10.30
CA HIS G 201 10.34 -9.84 -10.32
C HIS G 201 10.54 -10.83 -9.17
N SER G 202 11.80 -11.16 -8.90
CA SER G 202 12.10 -12.17 -7.88
C SER G 202 11.70 -11.73 -6.47
N ALA G 203 11.74 -10.44 -6.17
CA ALA G 203 11.47 -9.94 -4.83
C ALA G 203 9.97 -9.83 -4.54
N GLY G 204 9.12 -10.10 -5.52
CA GLY G 204 7.72 -9.92 -5.27
C GLY G 204 7.31 -8.48 -5.26
N ILE G 205 8.01 -7.64 -6.01
CA ILE G 205 7.66 -6.23 -6.13
C ILE G 205 6.79 -5.98 -7.35
N ILE G 206 7.04 -6.68 -8.44
CA ILE G 206 6.14 -6.61 -9.59
C ILE G 206 4.80 -7.20 -9.20
N GLY G 207 3.73 -6.52 -9.56
CA GLY G 207 2.39 -6.92 -9.17
C GLY G 207 2.05 -6.72 -7.71
N SER G 208 2.90 -6.05 -6.95
CA SER G 208 2.65 -5.81 -5.54
C SER G 208 1.83 -4.54 -5.32
N ASP G 209 1.36 -4.38 -4.09
CA ASP G 209 0.72 -3.12 -3.68
C ASP G 209 1.69 -1.95 -3.79
N LEU G 210 2.97 -2.17 -3.47
CA LEU G 210 3.94 -1.09 -3.59
C LEU G 210 4.04 -0.60 -5.02
N GLU G 211 4.06 -1.53 -5.98
CA GLU G 211 4.09 -1.13 -7.38
C GLU G 211 2.89 -0.26 -7.73
N ALA G 212 1.71 -0.60 -7.20
CA ALA G 212 0.54 0.22 -7.48
C ALA G 212 0.67 1.60 -6.84
N GLN G 213 1.14 1.66 -5.59
CA GLN G 213 1.32 2.96 -4.94
C GLN G 213 2.32 3.82 -5.72
N VAL G 214 3.43 3.22 -6.15
CA VAL G 214 4.47 3.97 -6.82
C VAL G 214 3.96 4.48 -8.16
N LEU G 215 3.37 3.60 -8.97
CA LEU G 215 2.93 3.98 -10.30
C LEU G 215 1.90 5.10 -10.25
N GLY G 216 1.09 5.13 -9.19
CA GLY G 216 0.09 6.19 -9.06
C GLY G 216 0.63 7.50 -8.53
N GLN G 217 1.84 7.49 -7.98
CA GLN G 217 2.49 8.70 -7.53
C GLN G 217 3.61 9.12 -8.49
N THR G 218 3.70 8.51 -9.66
CA THR G 218 4.77 8.83 -10.59
C THR G 218 4.28 9.86 -11.60
N PRO G 219 4.81 11.09 -11.57
CA PRO G 219 4.27 12.13 -12.46
C PRO G 219 4.33 11.79 -13.93
N LEU G 220 5.37 11.08 -14.40
CA LEU G 220 5.52 10.79 -15.81
C LEU G 220 4.81 9.51 -16.24
N GLY G 221 4.07 8.85 -15.34
CA GLY G 221 3.00 7.97 -15.76
C GLY G 221 3.37 6.57 -16.19
N ARG G 222 4.52 6.05 -15.76
CA ARG G 222 4.87 4.67 -16.06
C ARG G 222 5.88 4.20 -15.03
N LEU G 223 6.16 2.90 -15.05
CA LEU G 223 7.29 2.41 -14.27
C LEU G 223 8.58 2.64 -15.04
N GLY G 224 9.68 2.67 -14.32
CA GLY G 224 10.96 2.87 -14.95
C GLY G 224 11.48 1.58 -15.57
N GLU G 225 12.42 1.75 -16.49
CA GLU G 225 13.07 0.67 -17.22
CA GLU G 225 13.07 0.64 -17.16
C GLU G 225 14.57 0.82 -17.06
N PRO G 226 15.34 -0.25 -17.23
CA PRO G 226 16.80 -0.14 -16.98
C PRO G 226 17.47 0.95 -17.79
N ASN G 227 17.05 1.17 -19.04
CA ASN G 227 17.74 2.19 -19.83
C ASN G 227 17.44 3.60 -19.32
N ASP G 228 16.38 3.80 -18.53
CA ASP G 228 16.14 5.10 -17.91
C ASP G 228 17.29 5.48 -16.98
N ILE G 229 17.88 4.48 -16.31
CA ILE G 229 19.03 4.70 -15.43
C ILE G 229 20.32 4.71 -16.25
N ALA G 230 20.41 3.84 -17.26
CA ALA G 230 21.65 3.70 -18.00
C ALA G 230 22.07 5.01 -18.66
N SER G 231 21.12 5.78 -19.21
CA SER G 231 21.55 7.00 -19.88
CA SER G 231 21.50 7.03 -19.87
C SER G 231 22.05 8.05 -18.88
N VAL G 232 21.56 8.02 -17.64
CA VAL G 232 22.07 8.94 -16.63
C VAL G 232 23.46 8.51 -16.16
N ALA G 233 23.69 7.19 -16.08
CA ALA G 233 25.03 6.72 -15.73
C ALA G 233 26.04 7.15 -16.77
N VAL G 234 25.68 7.08 -18.08
CA VAL G 234 26.63 7.50 -19.09
C VAL G 234 26.96 8.98 -18.92
N PHE G 235 25.94 9.80 -18.66
CA PHE G 235 26.18 11.21 -18.43
C PHE G 235 27.18 11.41 -17.29
N LEU G 236 26.93 10.76 -16.14
CA LEU G 236 27.81 10.94 -14.98
C LEU G 236 29.20 10.40 -15.24
N ALA G 237 29.33 9.37 -16.07
CA ALA G 237 30.65 8.81 -16.37
C ALA G 237 31.46 9.72 -17.27
N SER G 238 30.77 10.56 -18.06
CA SER G 238 31.37 11.34 -19.13
C SER G 238 31.86 12.70 -18.61
N ASP G 239 32.62 13.37 -19.46
CA ASP G 239 33.10 14.71 -19.16
C ASP G 239 31.96 15.73 -19.13
N ASP G 240 30.78 15.38 -19.66
CA ASP G 240 29.68 16.35 -19.58
C ASP G 240 29.29 16.65 -18.14
N ALA G 241 29.60 15.75 -17.20
CA ALA G 241 29.33 15.91 -15.79
C ALA G 241 30.58 16.32 -15.02
N ARG G 242 31.56 16.92 -15.70
CA ARG G 242 32.84 17.25 -15.08
CA ARG G 242 32.85 17.23 -15.07
C ARG G 242 32.72 18.19 -13.90
N TRP G 243 31.63 18.95 -13.80
CA TRP G 243 31.49 19.94 -12.73
C TRP G 243 30.44 19.49 -11.71
N MET G 244 30.10 18.20 -11.70
CA MET G 244 29.20 17.62 -10.70
CA MET G 244 29.19 17.60 -10.73
C MET G 244 29.92 16.54 -9.90
N THR G 245 29.95 16.72 -8.59
CA THR G 245 30.43 15.69 -7.70
C THR G 245 29.71 15.81 -6.37
N GLY G 246 29.44 14.66 -5.75
CA GLY G 246 28.66 14.66 -4.53
C GLY G 246 27.17 14.82 -4.74
N GLU G 247 26.67 14.64 -5.95
CA GLU G 247 25.25 14.79 -6.21
C GLU G 247 24.57 13.44 -6.08
N HIS G 248 23.24 13.50 -5.95
CA HIS G 248 22.39 12.32 -5.86
C HIS G 248 21.24 12.58 -6.83
N LEU G 249 21.29 11.95 -7.99
CA LEU G 249 20.33 12.22 -9.06
C LEU G 249 19.13 11.28 -8.91
N VAL G 250 17.96 11.82 -8.57
CA VAL G 250 16.76 10.99 -8.48
C VAL G 250 16.23 10.79 -9.89
N VAL G 251 16.12 9.51 -10.29
CA VAL G 251 15.71 9.16 -11.64
C VAL G 251 14.52 8.22 -11.48
N SER G 252 13.34 8.81 -11.30
CA SER G 252 12.16 8.09 -10.81
C SER G 252 10.91 8.54 -11.54
N GLY G 253 11.05 9.28 -12.63
CA GLY G 253 9.86 9.79 -13.29
C GLY G 253 9.15 10.88 -12.52
N GLY G 254 9.84 11.51 -11.55
CA GLY G 254 9.29 12.62 -10.80
C GLY G 254 8.86 12.30 -9.38
N LEU G 255 9.02 11.07 -8.92
CA LEU G 255 8.64 10.70 -7.55
C LEU G 255 9.78 11.03 -6.60
N ASN G 256 9.48 11.80 -5.56
CA ASN G 256 10.52 12.04 -4.53
C ASN G 256 9.90 12.43 -3.20
N SER H 10 4.92 19.05 34.89
CA SER H 10 6.14 18.80 34.11
C SER H 10 5.79 18.09 32.81
N LYS H 11 6.61 18.30 31.77
CA LYS H 11 6.25 17.89 30.42
C LYS H 11 6.18 16.38 30.26
N LEU H 12 6.93 15.63 31.08
CA LEU H 12 6.97 14.19 30.96
C LEU H 12 6.50 13.50 32.22
N ALA H 13 5.63 14.15 33.01
CA ALA H 13 5.17 13.53 34.25
C ALA H 13 4.51 12.19 33.99
N GLY H 14 4.86 11.19 34.79
CA GLY H 14 4.32 9.86 34.66
C GLY H 14 4.91 9.02 33.56
N LYS H 15 5.80 9.58 32.73
CA LYS H 15 6.31 8.84 31.59
C LYS H 15 7.60 8.13 31.95
N VAL H 16 7.96 7.15 31.10
CA VAL H 16 9.17 6.36 31.26
C VAL H 16 9.99 6.45 29.98
N ALA H 17 11.30 6.72 30.12
CA ALA H 17 12.21 6.82 28.98
C ALA H 17 13.35 5.84 29.14
N ILE H 18 13.82 5.32 28.00
CA ILE H 18 15.11 4.64 27.91
C ILE H 18 16.07 5.53 27.16
N VAL H 19 17.28 5.71 27.68
CA VAL H 19 18.35 6.38 26.91
C VAL H 19 19.48 5.38 26.77
N THR H 20 19.76 4.95 25.54
CA THR H 20 20.90 4.06 25.36
C THR H 20 22.20 4.88 25.42
N GLY H 21 23.23 4.31 26.05
CA GLY H 21 24.51 5.00 26.10
C GLY H 21 24.41 6.30 26.88
N ALA H 22 23.89 6.19 28.11
CA ALA H 22 23.69 7.37 28.96
C ALA H 22 24.72 7.45 30.08
N SER H 23 25.81 6.69 29.98
CA SER H 23 26.85 6.78 31.01
C SER H 23 27.84 7.92 30.75
N LYS H 24 27.75 8.56 29.58
CA LYS H 24 28.70 9.59 29.13
C LYS H 24 27.97 10.56 28.23
N GLY H 25 28.54 11.76 28.08
CA GLY H 25 28.32 12.54 26.86
C GLY H 25 26.88 13.01 26.66
N ILE H 26 26.47 13.00 25.39
CA ILE H 26 25.12 13.45 25.05
C ILE H 26 24.07 12.62 25.77
N GLY H 27 24.24 11.31 25.81
CA GLY H 27 23.21 10.47 26.43
C GLY H 27 23.03 10.76 27.90
N ALA H 28 24.13 10.97 28.63
CA ALA H 28 23.99 11.34 30.03
C ALA H 28 23.19 12.63 30.20
N ALA H 29 23.47 13.64 29.35
CA ALA H 29 22.75 14.90 29.45
C ALA H 29 21.28 14.73 29.11
N ILE H 30 20.98 13.90 28.11
CA ILE H 30 19.59 13.65 27.73
C ILE H 30 18.86 12.97 28.88
N ALA H 31 19.49 11.96 29.49
CA ALA H 31 18.85 11.27 30.60
C ALA H 31 18.51 12.22 31.75
N LYS H 32 19.46 13.09 32.13
CA LYS H 32 19.21 14.03 33.20
CA LYS H 32 19.20 14.02 33.21
C LYS H 32 18.10 15.01 32.84
N ALA H 33 18.09 15.48 31.60
CA ALA H 33 17.09 16.45 31.17
C ALA H 33 15.70 15.82 31.11
N LEU H 34 15.59 14.58 30.64
CA LEU H 34 14.28 13.93 30.64
C LEU H 34 13.76 13.75 32.05
N ALA H 35 14.66 13.38 32.98
CA ALA H 35 14.23 13.20 34.36
C ALA H 35 13.85 14.53 35.02
N ASP H 36 14.53 15.62 34.65
CA ASP H 36 14.15 16.94 35.15
CA ASP H 36 14.15 16.92 35.18
C ASP H 36 12.72 17.29 34.81
N GLU H 37 12.20 16.75 33.70
CA GLU H 37 10.83 16.99 33.28
C GLU H 37 9.87 15.89 33.71
N GLY H 38 10.29 15.03 34.63
CA GLY H 38 9.36 14.12 35.26
C GLY H 38 9.46 12.68 34.80
N ALA H 39 10.28 12.39 33.80
CA ALA H 39 10.36 11.03 33.30
C ALA H 39 11.19 10.17 34.25
N ALA H 40 10.75 8.94 34.43
CA ALA H 40 11.61 7.93 35.03
C ALA H 40 12.50 7.38 33.92
N VAL H 41 13.81 7.31 34.16
CA VAL H 41 14.77 7.08 33.07
C VAL H 41 15.58 5.81 33.32
N VAL H 42 15.61 4.92 32.33
CA VAL H 42 16.52 3.79 32.29
C VAL H 42 17.83 4.25 31.65
N VAL H 43 18.91 4.19 32.42
CA VAL H 43 20.22 4.74 32.09
C VAL H 43 21.08 3.56 31.68
N ASN H 44 21.26 3.38 30.36
CA ASN H 44 22.03 2.24 29.84
C ASN H 44 23.50 2.59 29.74
N TYR H 45 24.36 1.62 30.07
CA TYR H 45 25.79 1.74 29.86
C TYR H 45 26.28 0.47 29.18
N ALA H 46 27.44 0.55 28.56
CA ALA H 46 28.10 -0.65 28.02
C ALA H 46 29.31 -0.97 28.89
N SER H 47 30.35 -0.15 28.84
CA SER H 47 31.59 -0.46 29.57
C SER H 47 31.69 0.27 30.90
N SER H 48 30.86 1.27 31.17
CA SER H 48 31.06 2.11 32.36
C SER H 48 29.85 2.06 33.30
N LYS H 49 29.79 1.04 34.15
CA LYS H 49 28.76 1.03 35.18
C LYS H 49 28.90 2.25 36.09
N ALA H 50 30.13 2.64 36.41
CA ALA H 50 30.32 3.77 37.31
C ALA H 50 29.73 5.04 36.73
N GLY H 51 29.86 5.23 35.41
CA GLY H 51 29.28 6.41 34.79
C GLY H 51 27.77 6.41 34.84
N ALA H 52 27.15 5.27 34.54
CA ALA H 52 25.70 5.21 34.64
C ALA H 52 25.24 5.40 36.08
N ASP H 53 25.94 4.79 37.03
CA ASP H 53 25.54 4.94 38.43
C ASP H 53 25.62 6.39 38.87
N ALA H 54 26.60 7.14 38.34
CA ALA H 54 26.70 8.54 38.71
C ALA H 54 25.56 9.35 38.11
N VAL H 55 25.19 9.05 36.86
CA VAL H 55 24.05 9.72 36.23
C VAL H 55 22.77 9.41 36.99
N VAL H 56 22.58 8.14 37.36
CA VAL H 56 21.41 7.80 38.20
C VAL H 56 21.41 8.61 39.48
N SER H 57 22.57 8.72 40.14
CA SER H 57 22.66 9.49 41.38
C SER H 57 22.37 10.96 41.15
N ALA H 58 22.86 11.52 40.04
CA ALA H 58 22.52 12.92 39.75
C ALA H 58 21.02 13.09 39.60
N ILE H 59 20.36 12.11 38.98
CA ILE H 59 18.93 12.19 38.78
C ILE H 59 18.19 12.08 40.11
N THR H 60 18.55 11.11 40.94
CA THR H 60 17.80 10.97 42.19
C THR H 60 18.10 12.12 43.15
N GLU H 61 19.31 12.70 43.10
CA GLU H 61 19.63 13.80 43.99
C GLU H 61 18.82 15.04 43.64
N ALA H 62 18.40 15.14 42.37
CA ALA H 62 17.57 16.24 41.89
C ALA H 62 16.08 15.93 42.02
N GLY H 63 15.72 14.82 42.66
CA GLY H 63 14.34 14.49 42.93
C GLY H 63 13.68 13.55 41.94
N GLY H 64 14.42 13.01 40.97
CA GLY H 64 13.85 12.16 39.94
C GLY H 64 14.03 10.68 40.24
N ARG H 65 13.64 9.86 39.27
CA ARG H 65 13.76 8.41 39.33
C ARG H 65 14.57 7.89 38.17
N ALA H 66 15.50 6.97 38.44
CA ALA H 66 16.29 6.38 37.36
C ALA H 66 16.85 5.06 37.82
N VAL H 67 17.22 4.22 36.85
CA VAL H 67 17.83 2.93 37.15
C VAL H 67 18.86 2.64 36.06
N ALA H 68 19.99 2.03 36.44
CA ALA H 68 21.03 1.70 35.47
C ALA H 68 20.87 0.28 34.97
N VAL H 69 21.26 0.06 33.72
CA VAL H 69 21.31 -1.30 33.18
C VAL H 69 22.45 -1.40 32.18
N GLY H 70 23.24 -2.47 32.31
CA GLY H 70 24.35 -2.70 31.42
C GLY H 70 23.87 -3.50 30.22
N GLY H 71 24.25 -3.06 29.04
CA GLY H 71 23.92 -3.82 27.86
C GLY H 71 24.49 -3.21 26.60
N ASP H 72 24.89 -4.11 25.69
CA ASP H 72 25.43 -3.75 24.39
C ASP H 72 24.27 -3.78 23.41
N VAL H 73 23.91 -2.61 22.85
CA VAL H 73 22.72 -2.52 22.00
C VAL H 73 22.83 -3.39 20.75
N SER H 74 24.06 -3.78 20.34
CA SER H 74 24.23 -4.62 19.16
C SER H 74 23.97 -6.09 19.42
N LYS H 75 23.69 -6.47 20.66
CA LYS H 75 23.34 -7.83 21.04
C LYS H 75 21.85 -7.90 21.32
N ALA H 76 21.15 -8.79 20.61
CA ALA H 76 19.70 -8.87 20.74
C ALA H 76 19.29 -9.09 22.20
N ALA H 77 19.99 -9.99 22.92
CA ALA H 77 19.58 -10.27 24.28
C ALA H 77 19.72 -9.05 25.17
N ASP H 78 20.71 -8.20 24.91
CA ASP H 78 20.89 -7.01 25.73
C ASP H 78 19.87 -5.96 25.38
N ALA H 79 19.59 -5.78 24.09
CA ALA H 79 18.50 -4.87 23.71
C ALA H 79 17.22 -5.23 24.44
N GLN H 80 16.90 -6.53 24.48
CA GLN H 80 15.70 -6.98 25.18
C GLN H 80 15.78 -6.72 26.67
N ARG H 81 16.96 -6.93 27.29
CA ARG H 81 17.10 -6.67 28.73
C ARG H 81 16.95 -5.19 29.06
N ILE H 82 17.45 -4.32 28.18
CA ILE H 82 17.31 -2.87 28.39
C ILE H 82 15.83 -2.51 28.45
N VAL H 83 15.05 -3.03 27.50
CA VAL H 83 13.61 -2.69 27.47
C VAL H 83 12.88 -3.34 28.64
N ASP H 84 13.20 -4.59 28.97
CA ASP H 84 12.58 -5.23 30.11
C ASP H 84 12.87 -4.49 31.41
N THR H 85 14.03 -3.83 31.52
CA THR H 85 14.31 -3.02 32.71
C THR H 85 13.28 -1.91 32.88
N ALA H 86 12.90 -1.26 31.78
CA ALA H 86 11.89 -0.21 31.89
C ALA H 86 10.54 -0.77 32.34
N ILE H 87 10.11 -1.87 31.73
CA ILE H 87 8.80 -2.44 32.04
C ILE H 87 8.77 -3.02 33.45
N GLU H 88 9.82 -3.72 33.85
CA GLU H 88 9.81 -4.36 35.16
C GLU H 88 9.98 -3.36 36.29
N THR H 89 10.74 -2.27 36.05
CA THR H 89 10.95 -1.27 37.09
C THR H 89 9.80 -0.28 37.19
N TYR H 90 9.26 0.14 36.04
CA TYR H 90 8.32 1.25 36.00
C TYR H 90 6.97 0.94 35.38
N GLY H 91 6.81 -0.23 34.74
CA GLY H 91 5.50 -0.67 34.29
C GLY H 91 5.04 -0.19 32.93
N ARG H 92 5.84 0.60 32.22
CA ARG H 92 5.42 1.21 30.96
C ARG H 92 6.65 1.75 30.26
N LEU H 93 6.50 2.10 28.99
CA LEU H 93 7.55 2.75 28.22
C LEU H 93 6.89 3.78 27.32
N ASP H 94 7.44 4.99 27.30
CA ASP H 94 6.90 6.07 26.48
C ASP H 94 7.90 6.66 25.49
N VAL H 95 9.17 6.73 25.85
CA VAL H 95 10.20 7.44 25.09
C VAL H 95 11.42 6.53 24.97
N LEU H 96 11.92 6.36 23.74
CA LEU H 96 13.18 5.65 23.50
C LEU H 96 14.13 6.61 22.81
N VAL H 97 15.29 6.84 23.43
CA VAL H 97 16.35 7.64 22.82
C VAL H 97 17.46 6.70 22.41
N ASN H 98 17.62 6.49 21.11
CA ASN H 98 18.72 5.67 20.60
C ASN H 98 19.93 6.56 20.44
N ASN H 99 20.70 6.69 21.52
CA ASN H 99 21.86 7.56 21.54
C ASN H 99 23.18 6.81 21.41
N SER H 100 23.27 5.57 21.88
CA SER H 100 24.55 4.84 21.83
CA SER H 100 24.55 4.86 21.83
C SER H 100 25.15 4.92 20.43
N GLY H 101 26.45 5.22 20.37
CA GLY H 101 27.12 5.22 19.09
C GLY H 101 28.59 5.43 19.30
N VAL H 102 29.36 5.03 18.28
CA VAL H 102 30.81 5.16 18.29
C VAL H 102 31.22 5.79 16.96
N TYR H 103 32.38 6.43 16.96
CA TYR H 103 32.88 7.07 15.76
C TYR H 103 34.38 6.89 15.66
N GLU H 104 34.83 6.60 14.44
CA GLU H 104 36.25 6.54 14.15
C GLU H 104 36.43 6.94 12.69
N PHE H 105 37.36 7.85 12.44
CA PHE H 105 37.66 8.28 11.08
CA PHE H 105 37.61 8.24 11.05
C PHE H 105 38.68 7.33 10.43
N ALA H 106 38.57 7.13 9.12
CA ALA H 106 39.63 6.49 8.33
C ALA H 106 39.41 6.85 6.88
N PRO H 107 40.44 7.31 6.19
CA PRO H 107 40.31 7.47 4.73
C PRO H 107 40.07 6.13 4.07
N ILE H 108 39.57 6.19 2.84
CA ILE H 108 39.09 4.98 2.19
CA ILE H 108 39.09 4.98 2.15
C ILE H 108 40.18 3.91 2.11
N GLU H 109 41.44 4.32 1.92
CA GLU H 109 42.52 3.36 1.80
CA GLU H 109 42.51 3.34 1.79
C GLU H 109 42.79 2.59 3.09
N ALA H 110 42.41 3.16 4.23
CA ALA H 110 42.73 2.61 5.54
C ALA H 110 41.57 1.86 6.17
N ILE H 111 40.41 1.84 5.53
CA ILE H 111 39.23 1.20 6.11
C ILE H 111 39.46 -0.29 6.27
N THR H 112 39.21 -0.82 7.47
CA THR H 112 39.32 -2.26 7.72
C THR H 112 37.94 -2.81 8.02
N GLU H 113 37.86 -4.13 7.97
CA GLU H 113 36.60 -4.81 8.28
C GLU H 113 36.16 -4.51 9.70
N GLU H 114 37.10 -4.54 10.66
CA GLU H 114 36.75 -4.27 12.04
C GLU H 114 36.24 -2.84 12.23
N HIS H 115 36.91 -1.88 11.58
CA HIS H 115 36.48 -0.48 11.62
C HIS H 115 35.07 -0.31 11.10
N TYR H 116 34.75 -1.02 10.02
CA TYR H 116 33.40 -1.02 9.46
C TYR H 116 32.39 -1.70 10.39
N ARG H 117 32.68 -2.94 10.83
CA ARG H 117 31.66 -3.71 11.56
CA ARG H 117 31.68 -3.73 11.58
C ARG H 117 31.35 -3.09 12.91
N ARG H 118 32.35 -2.59 13.63
CA ARG H 118 32.10 -2.06 14.96
C ARG H 118 31.14 -0.90 14.89
N GLN H 119 31.33 -0.01 13.91
CA GLN H 119 30.49 1.18 13.85
C GLN H 119 29.09 0.82 13.34
N PHE H 120 28.97 -0.05 12.33
CA PHE H 120 27.62 -0.38 11.85
C PHE H 120 26.87 -1.24 12.87
N ASP H 121 27.56 -2.16 13.54
CA ASP H 121 26.85 -2.98 14.51
C ASP H 121 26.30 -2.14 15.64
N THR H 122 27.07 -1.18 16.15
CA THR H 122 26.56 -0.34 17.24
C THR H 122 25.57 0.70 16.72
N ASN H 123 25.94 1.42 15.68
CA ASN H 123 25.21 2.63 15.30
C ASN H 123 23.97 2.36 14.48
N VAL H 124 23.91 1.22 13.80
CA VAL H 124 22.76 0.85 12.98
C VAL H 124 22.05 -0.36 13.55
N PHE H 125 22.75 -1.50 13.67
CA PHE H 125 22.05 -2.68 14.16
C PHE H 125 21.52 -2.46 15.57
N GLY H 126 22.27 -1.73 16.40
CA GLY H 126 21.80 -1.43 17.76
C GLY H 126 20.54 -0.58 17.78
N VAL H 127 20.43 0.36 16.84
CA VAL H 127 19.20 1.14 16.74
C VAL H 127 18.04 0.23 16.39
N LEU H 128 18.25 -0.66 15.41
CA LEU H 128 17.18 -1.54 14.99
C LEU H 128 16.79 -2.50 16.10
N LEU H 129 17.78 -3.12 16.76
CA LEU H 129 17.45 -4.10 17.80
C LEU H 129 16.73 -3.45 18.98
N THR H 130 17.20 -2.28 19.43
CA THR H 130 16.57 -1.65 20.59
C THR H 130 15.17 -1.18 20.24
N THR H 131 15.01 -0.59 19.05
CA THR H 131 13.68 -0.15 18.65
C THR H 131 12.74 -1.35 18.50
N GLN H 132 13.25 -2.44 17.93
CA GLN H 132 12.43 -3.64 17.77
C GLN H 132 11.91 -4.17 19.11
N ALA H 133 12.77 -4.21 20.12
CA ALA H 133 12.35 -4.68 21.44
C ALA H 133 11.36 -3.71 22.07
N ALA H 134 11.59 -2.42 21.85
CA ALA H 134 10.80 -1.40 22.54
C ALA H 134 9.40 -1.26 21.97
N VAL H 135 9.25 -1.46 20.67
CA VAL H 135 8.04 -1.01 19.98
CA VAL H 135 8.03 -1.02 19.98
C VAL H 135 6.81 -1.74 20.48
N LYS H 136 6.96 -2.98 20.96
CA LYS H 136 5.81 -3.70 21.46
C LYS H 136 5.15 -3.01 22.65
N HIS H 137 5.89 -2.18 23.36
CA HIS H 137 5.36 -1.51 24.52
C HIS H 137 4.88 -0.10 24.22
N LEU H 138 5.01 0.36 22.99
CA LEU H 138 4.73 1.75 22.65
C LEU H 138 3.32 1.88 22.10
N GLY H 139 2.68 2.99 22.44
CA GLY H 139 1.33 3.29 21.97
C GLY H 139 1.23 4.74 21.52
N GLU H 140 -0.01 5.22 21.34
CA GLU H 140 -0.22 6.58 20.88
CA GLU H 140 -0.24 6.59 20.90
C GLU H 140 0.51 7.58 21.76
N GLY H 141 1.22 8.50 21.12
CA GLY H 141 1.95 9.52 21.84
C GLY H 141 3.37 9.14 22.21
N ALA H 142 3.76 7.90 22.01
CA ALA H 142 5.14 7.53 22.26
C ALA H 142 6.07 8.28 21.32
N SER H 143 7.33 8.40 21.72
CA SER H 143 8.30 9.17 20.95
C SER H 143 9.63 8.43 20.90
N ILE H 144 10.07 8.10 19.68
CA ILE H 144 11.38 7.49 19.44
C ILE H 144 12.29 8.57 18.87
N ILE H 145 13.46 8.77 19.50
CA ILE H 145 14.40 9.82 19.11
C ILE H 145 15.70 9.13 18.78
N ASN H 146 16.14 9.23 17.53
CA ASN H 146 17.41 8.65 17.11
C ASN H 146 18.48 9.75 17.05
N ILE H 147 19.62 9.52 17.69
CA ILE H 147 20.71 10.49 17.62
C ILE H 147 21.54 10.14 16.41
N SER H 148 21.40 10.95 15.37
CA SER H 148 22.16 10.79 14.13
C SER H 148 23.38 11.71 14.19
N SER H 149 23.66 12.52 13.18
CA SER H 149 24.80 13.45 13.18
C SER H 149 24.66 14.37 11.99
N VAL H 150 25.13 15.61 12.16
CA VAL H 150 25.21 16.54 11.05
C VAL H 150 26.14 16.05 9.95
N VAL H 151 26.93 14.99 10.19
CA VAL H 151 27.74 14.48 9.08
C VAL H 151 26.90 13.98 7.92
N THR H 152 25.61 13.72 8.14
CA THR H 152 24.83 13.32 6.96
C THR H 152 24.59 14.50 6.03
N SER H 153 24.80 15.74 6.50
CA SER H 153 24.75 16.95 5.68
C SER H 153 26.12 17.37 5.20
N ILE H 154 27.14 17.33 6.06
CA ILE H 154 28.43 17.90 5.70
C ILE H 154 29.48 16.86 5.29
N THR H 155 29.20 15.57 5.48
CA THR H 155 29.95 14.39 5.00
C THR H 155 31.46 14.61 4.91
N PRO H 156 32.15 14.73 6.05
CA PRO H 156 33.58 15.10 6.01
C PRO H 156 34.43 14.01 5.36
N PRO H 157 35.53 14.39 4.70
CA PRO H 157 36.52 13.38 4.29
C PRO H 157 36.95 12.49 5.45
N ALA H 158 37.25 11.23 5.12
CA ALA H 158 37.75 10.21 6.05
C ALA H 158 36.68 9.75 7.02
N SER H 159 35.41 10.00 6.71
CA SER H 159 34.34 9.51 7.56
C SER H 159 33.36 8.61 6.82
N ALA H 160 33.84 7.86 5.82
CA ALA H 160 32.88 7.12 5.00
C ALA H 160 32.08 6.14 5.84
N VAL H 161 32.75 5.40 6.73
CA VAL H 161 32.03 4.45 7.57
C VAL H 161 31.10 5.16 8.54
N TYR H 162 31.62 6.12 9.32
CA TYR H 162 30.76 6.75 10.33
C TYR H 162 29.60 7.50 9.68
N SER H 163 29.87 8.31 8.65
CA SER H 163 28.79 9.02 8.00
C SER H 163 27.83 8.05 7.36
N GLY H 164 28.35 6.92 6.85
CA GLY H 164 27.46 5.88 6.36
C GLY H 164 26.49 5.40 7.43
N THR H 165 26.99 5.17 8.66
CA THR H 165 26.06 4.70 9.69
C THR H 165 24.97 5.73 9.96
N LYS H 166 25.33 7.02 9.93
CA LYS H 166 24.35 8.02 10.29
C LYS H 166 23.40 8.28 9.13
N GLY H 167 23.87 8.12 7.89
CA GLY H 167 22.96 8.16 6.76
C GLY H 167 21.92 7.05 6.85
N ALA H 168 22.34 5.88 7.32
CA ALA H 168 21.40 4.78 7.57
C ALA H 168 20.40 5.17 8.65
N VAL H 169 20.88 5.78 9.75
CA VAL H 169 19.97 6.19 10.84
C VAL H 169 18.96 7.21 10.34
N ASP H 170 19.39 8.16 9.50
CA ASP H 170 18.44 9.13 8.94
C ASP H 170 17.34 8.41 8.17
N ALA H 171 17.73 7.43 7.33
CA ALA H 171 16.72 6.75 6.52
C ALA H 171 15.80 5.90 7.37
N ILE H 172 16.37 5.21 8.38
CA ILE H 172 15.58 4.37 9.28
C ILE H 172 14.57 5.23 10.02
N THR H 173 14.98 6.45 10.40
CA THR H 173 14.06 7.38 11.07
C THR H 173 12.86 7.68 10.19
N GLY H 174 13.10 7.96 8.90
CA GLY H 174 12.00 8.26 8.01
C GLY H 174 11.10 7.05 7.77
N VAL H 175 11.71 5.86 7.61
CA VAL H 175 10.92 4.65 7.42
C VAL H 175 10.00 4.42 8.60
N LEU H 176 10.56 4.46 9.82
CA LEU H 176 9.75 4.11 10.98
C LEU H 176 8.72 5.17 11.30
N ALA H 177 8.99 6.43 10.95
CA ALA H 177 7.94 7.44 11.07
C ALA H 177 6.72 7.05 10.24
N LEU H 178 6.94 6.58 9.01
CA LEU H 178 5.78 6.16 8.22
C LEU H 178 5.21 4.83 8.72
N GLU H 179 6.07 3.89 9.09
CA GLU H 179 5.61 2.55 9.46
C GLU H 179 4.80 2.59 10.75
N LEU H 180 5.20 3.43 11.69
CA LEU H 180 4.54 3.51 13.00
C LEU H 180 3.56 4.65 13.09
N GLY H 181 3.45 5.49 12.04
CA GLY H 181 2.42 6.51 12.00
C GLY H 181 1.02 6.05 12.33
N PRO H 182 0.57 4.91 11.82
CA PRO H 182 -0.78 4.44 12.15
C PRO H 182 -0.98 4.18 13.62
N ARG H 183 0.09 3.92 14.37
CA ARG H 183 -0.02 3.77 15.82
C ARG H 183 0.20 5.07 16.55
N LYS H 184 0.39 6.16 15.80
CA LYS H 184 0.64 7.50 16.34
C LYS H 184 1.86 7.50 17.28
N ILE H 185 2.84 6.67 16.93
CA ILE H 185 4.17 6.68 17.54
C ILE H 185 5.05 7.58 16.68
N ARG H 186 5.65 8.62 17.28
CA ARG H 186 6.47 9.54 16.50
C ARG H 186 7.91 9.04 16.47
N VAL H 187 8.59 9.27 15.35
CA VAL H 187 9.99 8.87 15.20
C VAL H 187 10.72 10.05 14.57
N ASN H 188 11.74 10.55 15.26
CA ASN H 188 12.47 11.73 14.77
C ASN H 188 13.94 11.54 15.08
N ALA H 189 14.79 12.27 14.35
CA ALA H 189 16.23 12.28 14.60
C ALA H 189 16.68 13.65 15.08
N ILE H 190 17.74 13.64 15.90
CA ILE H 190 18.54 14.84 16.15
C ILE H 190 19.88 14.61 15.46
N ASN H 191 20.35 15.62 14.73
CA ASN H 191 21.62 15.55 14.03
C ASN H 191 22.60 16.56 14.64
N PRO H 192 23.31 16.19 15.70
CA PRO H 192 24.18 17.16 16.38
C PRO H 192 25.35 17.56 15.50
N GLY H 193 25.80 18.81 15.70
CA GLY H 193 27.12 19.21 15.26
C GLY H 193 28.16 18.69 16.22
N MET H 194 29.36 19.27 16.14
CA MET H 194 30.42 18.81 17.04
C MET H 194 30.11 19.21 18.48
N ILE H 195 30.09 18.22 19.36
CA ILE H 195 29.77 18.38 20.78
C ILE H 195 30.98 17.92 21.59
N VAL H 196 31.37 18.72 22.58
CA VAL H 196 32.46 18.36 23.48
C VAL H 196 31.92 17.29 24.42
N THR H 197 32.44 16.05 24.32
CA THR H 197 32.00 14.94 25.13
C THR H 197 33.21 14.12 25.52
N GLU H 198 32.99 13.15 26.42
CA GLU H 198 34.07 12.20 26.72
C GLU H 198 34.58 11.55 25.45
N GLY H 199 33.67 11.17 24.56
CA GLY H 199 34.05 10.52 23.32
C GLY H 199 34.84 11.42 22.39
N THR H 200 34.43 12.69 22.22
CA THR H 200 35.21 13.47 21.26
C THR H 200 36.55 13.92 21.83
N HIS H 201 36.70 13.97 23.15
CA HIS H 201 38.03 14.10 23.74
C HIS H 201 38.85 12.83 23.52
N SER H 202 38.26 11.67 23.83
CA SER H 202 38.96 10.39 23.69
C SER H 202 39.45 10.16 22.26
N ALA H 203 38.63 10.53 21.28
CA ALA H 203 38.94 10.34 19.88
C ALA H 203 39.93 11.37 19.36
N GLY H 204 40.26 12.38 20.17
CA GLY H 204 41.11 13.46 19.70
C GLY H 204 40.43 14.41 18.73
N ILE H 205 39.10 14.36 18.66
CA ILE H 205 38.41 15.23 17.70
C ILE H 205 38.43 16.67 18.16
N ILE H 206 38.23 16.91 19.46
CA ILE H 206 38.40 18.26 19.98
C ILE H 206 39.86 18.66 19.88
N GLY H 207 40.13 19.82 19.28
CA GLY H 207 41.49 20.24 18.98
C GLY H 207 42.00 19.87 17.61
N SER H 208 41.28 19.04 16.87
CA SER H 208 41.73 18.60 15.56
C SER H 208 41.55 19.71 14.55
N ASP H 209 42.19 19.54 13.39
CA ASP H 209 41.98 20.52 12.33
C ASP H 209 40.52 20.53 11.89
N LEU H 210 39.87 19.36 11.90
CA LEU H 210 38.46 19.29 11.57
C LEU H 210 37.65 20.17 12.52
N GLU H 211 37.96 20.12 13.81
CA GLU H 211 37.28 20.98 14.77
C GLU H 211 37.47 22.45 14.41
N ALA H 212 38.70 22.85 14.04
CA ALA H 212 38.92 24.25 13.68
C ALA H 212 38.08 24.63 12.47
N GLN H 213 38.01 23.73 11.48
CA GLN H 213 37.21 24.01 10.29
C GLN H 213 35.74 24.15 10.65
N VAL H 214 35.20 23.15 11.37
CA VAL H 214 33.81 23.18 11.82
C VAL H 214 33.51 24.45 12.61
N LEU H 215 34.36 24.77 13.58
CA LEU H 215 34.12 25.98 14.38
C LEU H 215 34.04 27.21 13.50
N GLY H 216 34.95 27.34 12.54
CA GLY H 216 34.94 28.49 11.65
C GLY H 216 33.70 28.58 10.79
N GLN H 217 33.02 27.44 10.55
CA GLN H 217 31.82 27.42 9.74
C GLN H 217 30.56 27.41 10.58
N THR H 218 30.69 27.62 11.90
CA THR H 218 29.54 27.57 12.79
C THR H 218 29.04 28.98 13.03
N PRO H 219 27.85 29.34 12.53
CA PRO H 219 27.36 30.72 12.68
C PRO H 219 27.32 31.21 14.11
N LEU H 220 26.93 30.35 15.07
CA LEU H 220 26.78 30.82 16.43
C LEU H 220 28.09 30.76 17.23
N GLY H 221 29.19 30.39 16.58
CA GLY H 221 30.50 30.79 17.08
C GLY H 221 31.09 30.05 18.26
N ARG H 222 30.70 28.79 18.48
CA ARG H 222 31.30 27.97 19.53
C ARG H 222 31.08 26.50 19.18
N LEU H 223 31.73 25.63 19.95
CA LEU H 223 31.38 24.22 19.87
C LEU H 223 30.14 23.93 20.71
N GLY H 224 29.46 22.83 20.37
CA GLY H 224 28.29 22.45 21.15
C GLY H 224 28.66 21.72 22.44
N GLU H 225 27.67 21.65 23.33
CA GLU H 225 27.79 21.00 24.62
C GLU H 225 26.64 20.02 24.75
N PRO H 226 26.77 19.01 25.61
CA PRO H 226 25.69 18.02 25.71
C PRO H 226 24.32 18.62 25.99
N ASN H 227 24.23 19.66 26.83
CA ASN H 227 22.90 20.22 27.12
C ASN H 227 22.27 20.90 25.90
N ASP H 228 23.07 21.30 24.89
CA ASP H 228 22.49 21.84 23.67
C ASP H 228 21.63 20.81 22.97
N ILE H 229 22.03 19.54 23.04
CA ILE H 229 21.24 18.45 22.45
C ILE H 229 20.13 18.03 23.40
N ALA H 230 20.41 18.00 24.69
CA ALA H 230 19.45 17.49 25.67
C ALA H 230 18.15 18.28 25.61
N SER H 231 18.21 19.61 25.47
CA SER H 231 16.95 20.35 25.48
CA SER H 231 16.99 20.41 25.44
C SER H 231 16.12 20.06 24.24
N VAL H 232 16.74 19.72 23.11
CA VAL H 232 15.97 19.38 21.93
C VAL H 232 15.36 17.99 22.09
N ALA H 233 16.10 17.07 22.74
CA ALA H 233 15.51 15.76 22.99
C ALA H 233 14.27 15.85 23.86
N VAL H 234 14.29 16.73 24.88
CA VAL H 234 13.11 16.90 25.73
C VAL H 234 11.95 17.41 24.90
N PHE H 235 12.21 18.38 24.03
CA PHE H 235 11.16 18.88 23.15
C PHE H 235 10.54 17.74 22.33
N LEU H 236 11.39 16.94 21.66
CA LEU H 236 10.88 15.87 20.80
C LEU H 236 10.17 14.80 21.60
N ALA H 237 10.58 14.57 22.86
CA ALA H 237 9.94 13.56 23.69
C ALA H 237 8.56 14.01 24.15
N SER H 238 8.35 15.32 24.19
CA SER H 238 7.16 15.93 24.78
C SER H 238 6.03 16.06 23.76
N ASP H 239 4.84 16.32 24.29
CA ASP H 239 3.68 16.60 23.44
C ASP H 239 3.84 17.90 22.66
N ASP H 240 4.82 18.75 22.99
CA ASP H 240 5.00 19.95 22.16
C ASP H 240 5.38 19.62 20.73
N ALA H 241 5.96 18.44 20.51
CA ALA H 241 6.34 17.96 19.19
C ALA H 241 5.32 16.94 18.64
N ARG H 242 4.08 17.00 19.13
CA ARG H 242 3.08 16.01 18.74
CA ARG H 242 3.08 16.01 18.74
C ARG H 242 2.79 15.99 17.25
N TRP H 243 3.12 17.07 16.52
CA TRP H 243 2.80 17.12 15.10
C TRP H 243 4.05 17.04 14.24
N MET H 244 5.14 16.56 14.83
CA MET H 244 6.38 16.31 14.10
CA MET H 244 6.40 16.32 14.13
C MET H 244 6.73 14.84 14.15
N THR H 245 6.90 14.24 12.97
CA THR H 245 7.44 12.89 12.88
C THR H 245 8.16 12.77 11.54
N GLY H 246 9.24 11.98 11.53
CA GLY H 246 10.07 11.86 10.34
C GLY H 246 10.99 13.03 10.12
N GLU H 247 11.17 13.90 11.12
CA GLU H 247 12.09 15.03 10.97
C GLU H 247 13.49 14.67 11.42
N HIS H 248 14.45 15.47 10.95
CA HIS H 248 15.87 15.35 11.28
C HIS H 248 16.28 16.76 11.72
N LEU H 249 16.44 16.95 13.02
CA LEU H 249 16.68 18.29 13.55
C LEU H 249 18.18 18.50 13.66
N VAL H 250 18.74 19.40 12.85
CA VAL H 250 20.16 19.71 12.93
C VAL H 250 20.38 20.68 14.09
N VAL H 251 21.23 20.27 15.04
CA VAL H 251 21.46 21.04 16.25
C VAL H 251 22.97 21.20 16.34
N SER H 252 23.47 22.19 15.61
CA SER H 252 24.88 22.34 15.31
C SER H 252 25.35 23.79 15.41
N GLY H 253 24.51 24.69 15.94
CA GLY H 253 24.84 26.10 15.91
C GLY H 253 24.79 26.69 14.52
N GLY H 254 24.08 26.03 13.58
CA GLY H 254 23.89 26.58 12.27
C GLY H 254 24.75 25.99 11.17
N LEU H 255 25.60 25.03 11.49
CA LEU H 255 26.41 24.36 10.48
C LEU H 255 25.60 23.26 9.79
N ASN H 256 25.50 23.33 8.46
CA ASN H 256 24.84 22.24 7.71
C ASN H 256 25.32 22.21 6.27
#